data_6GVT
#
_entry.id   6GVT
#
loop_
_entity.id
_entity.type
_entity.pdbx_description
1 polymer "DNA (5'-D(*CP*TP*GP*TP*GP*CP*TP*CP*A)-3')"
2 polymer 'functional pRN1 primase'
3 non-polymer "ADENOSINE-5'-TRIPHOSPHATE"
4 non-polymer 'MAGNESIUM ION'
#
loop_
_entity_poly.entity_id
_entity_poly.type
_entity_poly.pdbx_seq_one_letter_code
_entity_poly.pdbx_strand_id
1 'polydeoxyribonucleotide' (DC)(DT)(DG)(DT)(DG)(DC)(DT)(DC)(DA) A
2 'polypeptide(L)'
;TVVEFEELRKELVKRDSGKPVEKIKEEICTKSPPKLIKEIICENKTYADVNIDRSRGDWHVILYLMKHGVTDPDKILELL
PRDSKAKENEKWNTQKYFVITLSKAWSVVKKYLEA
;
B
#
# COMPACT_ATOMS: atom_id res chain seq x y z
N THR B 1 -19.36 -3.06 -4.55
CA THR B 1 -17.90 -3.12 -4.39
C THR B 1 -17.21 -2.01 -5.16
N VAL B 2 -17.55 -1.83 -6.44
CA VAL B 2 -16.89 -0.83 -7.29
C VAL B 2 -17.17 0.59 -6.78
N VAL B 3 -18.35 0.80 -6.17
CA VAL B 3 -18.71 2.10 -5.62
C VAL B 3 -17.90 2.39 -4.35
N GLU B 4 -17.45 1.33 -3.66
CA GLU B 4 -16.65 1.48 -2.45
C GLU B 4 -15.23 1.88 -2.82
N PHE B 5 -14.76 1.44 -3.99
CA PHE B 5 -13.48 1.89 -4.52
C PHE B 5 -13.60 3.32 -5.02
N GLU B 6 -14.76 3.68 -5.57
CA GLU B 6 -14.97 4.99 -6.15
C GLU B 6 -14.99 6.09 -5.09
N GLU B 7 -15.53 5.80 -3.90
CA GLU B 7 -15.56 6.80 -2.83
C GLU B 7 -14.20 6.85 -2.13
N LEU B 8 -13.48 5.74 -2.07
CA LEU B 8 -12.16 5.72 -1.45
C LEU B 8 -11.17 6.44 -2.35
N ARG B 9 -11.12 6.08 -3.63
CA ARG B 9 -10.13 6.63 -4.54
C ARG B 9 -10.27 8.14 -4.69
N LYS B 10 -11.46 8.68 -4.41
CA LYS B 10 -11.68 10.12 -4.47
C LYS B 10 -11.09 10.79 -3.24
N GLU B 11 -11.25 10.18 -2.07
CA GLU B 11 -10.73 10.73 -0.83
C GLU B 11 -9.22 10.49 -0.72
N LEU B 12 -8.75 9.38 -1.29
CA LEU B 12 -7.33 9.04 -1.23
C LEU B 12 -6.52 9.94 -2.15
N VAL B 13 -7.05 10.26 -3.33
CA VAL B 13 -6.34 11.09 -4.29
C VAL B 13 -6.34 12.56 -3.83
N LYS B 14 -7.38 12.99 -3.12
CA LYS B 14 -7.42 14.36 -2.61
C LYS B 14 -6.50 14.52 -1.40
N ARG B 15 -6.04 13.40 -0.84
CA ARG B 15 -5.07 13.39 0.26
C ARG B 15 -3.68 12.98 -0.22
N ASP B 16 -3.54 12.59 -1.49
CA ASP B 16 -2.27 12.10 -2.03
C ASP B 16 -1.27 13.25 -2.22
N SER B 17 0.02 12.90 -2.33
CA SER B 17 1.07 13.88 -2.62
C SER B 17 1.09 14.22 -4.12
N GLY B 18 0.39 13.43 -4.94
CA GLY B 18 0.27 13.67 -6.36
C GLY B 18 1.48 13.16 -7.15
N LYS B 19 2.43 12.51 -6.46
CA LYS B 19 3.66 12.03 -7.09
C LYS B 19 3.40 10.64 -7.70
N PRO B 20 4.08 10.30 -8.81
CA PRO B 20 4.04 8.97 -9.39
C PRO B 20 4.80 7.99 -8.52
N VAL B 21 4.55 6.69 -8.70
CA VAL B 21 5.12 5.64 -7.85
C VAL B 21 6.64 5.63 -7.93
N GLU B 22 7.20 6.10 -9.04
CA GLU B 22 8.64 6.10 -9.23
C GLU B 22 9.31 7.04 -8.22
N LYS B 23 8.54 7.97 -7.65
CA LYS B 23 9.07 8.88 -6.64
C LYS B 23 8.99 8.25 -5.25
N ILE B 24 8.12 7.24 -5.06
CA ILE B 24 7.94 6.62 -3.76
C ILE B 24 9.19 5.85 -3.39
N LYS B 25 9.68 4.99 -4.30
CA LYS B 25 10.87 4.21 -3.98
C LYS B 25 12.13 5.05 -4.14
N GLU B 26 12.09 6.10 -4.96
CA GLU B 26 13.27 6.93 -5.17
C GLU B 26 13.58 7.76 -3.92
N GLU B 27 12.54 8.24 -3.22
CA GLU B 27 12.73 9.10 -2.07
C GLU B 27 12.95 8.27 -0.79
N ILE B 28 12.48 7.03 -0.78
CA ILE B 28 12.63 6.17 0.41
C ILE B 28 13.93 5.37 0.36
N CYS B 29 14.37 4.97 -0.84
CA CYS B 29 15.56 4.13 -0.98
C CYS B 29 16.84 4.96 -0.91
N THR B 30 16.74 6.29 -0.99
CA THR B 30 17.90 7.17 -0.85
C THR B 30 18.12 7.55 0.62
N LYS B 31 17.10 7.33 1.47
CA LYS B 31 17.19 7.58 2.90
C LYS B 31 17.81 6.36 3.58
N SER B 32 17.84 6.36 4.92
CA SER B 32 18.44 5.29 5.70
C SER B 32 17.46 4.69 6.71
N PRO B 33 16.24 4.34 6.30
CA PRO B 33 15.28 3.65 7.15
C PRO B 33 15.75 2.21 7.39
N PRO B 34 15.09 1.47 8.30
CA PRO B 34 15.41 0.09 8.56
C PRO B 34 15.42 -0.72 7.26
N LYS B 35 16.32 -1.70 7.16
CA LYS B 35 16.51 -2.44 5.93
C LYS B 35 15.28 -3.26 5.58
N LEU B 36 14.45 -3.60 6.58
CA LEU B 36 13.28 -4.42 6.35
C LEU B 36 12.28 -3.71 5.43
N ILE B 37 11.82 -2.53 5.85
CA ILE B 37 10.84 -1.77 5.06
C ILE B 37 11.49 -1.27 3.77
N LYS B 38 12.80 -1.02 3.80
CA LYS B 38 13.51 -0.54 2.63
C LYS B 38 13.58 -1.63 1.56
N GLU B 39 13.77 -2.89 1.98
CA GLU B 39 13.88 -3.99 1.05
C GLU B 39 12.56 -4.17 0.28
N ILE B 40 11.44 -3.89 0.95
CA ILE B 40 10.12 -4.04 0.32
C ILE B 40 9.83 -2.86 -0.61
N ILE B 41 10.11 -1.64 -0.17
CA ILE B 41 9.80 -0.45 -0.96
C ILE B 41 10.69 -0.34 -2.19
N CYS B 42 11.96 -0.76 -2.06
CA CYS B 42 12.88 -0.73 -3.19
C CYS B 42 12.59 -1.89 -4.14
N GLU B 43 11.49 -2.61 -3.89
CA GLU B 43 10.98 -3.68 -4.75
C GLU B 43 12.02 -4.80 -4.93
N ASN B 44 13.03 -4.86 -4.07
CA ASN B 44 14.06 -5.88 -4.15
C ASN B 44 13.52 -7.22 -3.65
N LYS B 45 12.54 -7.19 -2.74
CA LYS B 45 11.90 -8.37 -2.19
C LYS B 45 10.43 -8.09 -1.90
N THR B 46 9.79 -8.99 -1.13
CA THR B 46 8.43 -8.85 -0.65
C THR B 46 8.34 -9.57 0.69
N TYR B 47 7.18 -10.11 1.05
CA TYR B 47 6.97 -10.71 2.36
C TYR B 47 7.90 -11.89 2.56
N ALA B 48 8.45 -12.41 1.46
CA ALA B 48 9.32 -13.56 1.48
C ALA B 48 10.67 -13.23 2.13
N ASP B 49 11.03 -11.94 2.21
CA ASP B 49 12.29 -11.53 2.81
C ASP B 49 12.29 -11.82 4.31
N VAL B 50 11.15 -11.61 4.95
CA VAL B 50 10.99 -11.74 6.38
C VAL B 50 10.06 -12.91 6.73
N ASN B 51 9.65 -13.68 5.72
CA ASN B 51 8.75 -14.81 5.89
C ASN B 51 7.48 -14.42 6.65
N ILE B 52 7.03 -13.18 6.51
CA ILE B 52 5.83 -12.69 7.18
C ILE B 52 4.60 -13.10 6.37
N ASP B 53 3.42 -13.07 7.02
CA ASP B 53 2.16 -13.34 6.35
C ASP B 53 1.97 -12.40 5.18
N ARG B 54 1.40 -12.92 4.08
CA ARG B 54 1.30 -12.16 2.84
C ARG B 54 0.44 -10.92 3.04
N SER B 55 -0.60 -11.03 3.88
CA SER B 55 -1.47 -9.91 4.17
C SER B 55 -0.77 -8.89 5.05
N ARG B 56 -0.01 -9.34 6.05
CA ARG B 56 0.65 -8.43 6.97
C ARG B 56 1.79 -7.70 6.27
N GLY B 57 2.44 -8.35 5.32
CA GLY B 57 3.51 -7.73 4.55
C GLY B 57 2.95 -6.55 3.75
N ASP B 58 1.74 -6.70 3.19
CA ASP B 58 1.10 -5.64 2.43
C ASP B 58 0.49 -4.60 3.37
N TRP B 59 0.16 -5.01 4.60
CA TRP B 59 -0.42 -4.10 5.57
C TRP B 59 0.63 -3.11 6.08
N HIS B 60 1.79 -3.61 6.48
CA HIS B 60 2.83 -2.76 7.06
C HIS B 60 3.46 -1.83 6.01
N VAL B 61 3.54 -2.28 4.75
CA VAL B 61 4.14 -1.44 3.71
C VAL B 61 3.18 -0.33 3.27
N ILE B 62 1.87 -0.60 3.24
CA ILE B 62 0.89 0.40 2.83
C ILE B 62 0.77 1.49 3.88
N LEU B 63 0.84 1.11 5.16
CA LEU B 63 0.77 2.09 6.24
C LEU B 63 2.02 2.97 6.24
N TYR B 64 3.17 2.40 5.87
CA TYR B 64 4.43 3.13 5.95
C TYR B 64 4.51 4.23 4.90
N LEU B 65 4.15 3.91 3.65
CA LEU B 65 4.19 4.91 2.60
C LEU B 65 3.10 5.97 2.82
N MET B 66 2.09 5.65 3.63
CA MET B 66 1.07 6.62 4.00
C MET B 66 1.61 7.60 5.06
N LYS B 67 2.65 7.21 5.80
CA LYS B 67 3.30 8.14 6.72
C LYS B 67 4.13 9.16 5.93
N HIS B 68 4.59 8.77 4.73
CA HIS B 68 5.25 9.68 3.81
C HIS B 68 4.23 10.57 3.08
N GLY B 69 2.93 10.39 3.36
CA GLY B 69 1.88 11.25 2.84
C GLY B 69 1.30 10.74 1.53
N VAL B 70 1.89 9.71 0.93
CA VAL B 70 1.38 9.15 -0.32
C VAL B 70 0.12 8.34 0.02
N THR B 71 -0.94 8.49 -0.78
CA THR B 71 -2.24 7.95 -0.41
C THR B 71 -3.02 7.39 -1.60
N ASP B 72 -2.71 7.85 -2.82
CA ASP B 72 -3.42 7.44 -4.03
C ASP B 72 -3.35 5.93 -4.24
N PRO B 73 -4.50 5.27 -4.43
CA PRO B 73 -4.60 3.82 -4.57
C PRO B 73 -3.98 3.30 -5.86
N ASP B 74 -3.84 4.15 -6.88
CA ASP B 74 -3.28 3.69 -8.15
C ASP B 74 -1.82 3.27 -7.94
N LYS B 75 -1.16 3.84 -6.93
CA LYS B 75 0.21 3.48 -6.62
C LYS B 75 0.23 2.26 -5.69
N ILE B 76 -0.83 2.10 -4.89
CA ILE B 76 -0.95 0.95 -3.99
C ILE B 76 -1.09 -0.32 -4.82
N LEU B 77 -1.84 -0.23 -5.92
CA LEU B 77 -2.07 -1.36 -6.80
C LEU B 77 -0.83 -1.63 -7.65
N GLU B 78 -0.07 -0.59 -7.99
CA GLU B 78 1.10 -0.73 -8.84
C GLU B 78 2.26 -1.38 -8.09
N LEU B 79 2.41 -1.07 -6.79
CA LEU B 79 3.50 -1.64 -5.99
C LEU B 79 3.10 -2.97 -5.35
N LEU B 80 1.83 -3.37 -5.52
CA LEU B 80 1.31 -4.58 -4.88
C LEU B 80 2.09 -5.81 -5.36
N PRO B 81 2.71 -6.56 -4.43
CA PRO B 81 3.50 -7.73 -4.76
C PRO B 81 2.67 -8.77 -5.52
N ARG B 82 3.27 -9.35 -6.57
CA ARG B 82 2.63 -10.39 -7.37
C ARG B 82 2.70 -11.75 -6.72
N ASP B 83 3.38 -11.87 -5.56
CA ASP B 83 3.42 -13.12 -4.81
C ASP B 83 2.27 -13.18 -3.79
N SER B 84 1.48 -12.10 -3.70
CA SER B 84 0.37 -12.02 -2.76
C SER B 84 -0.84 -12.80 -3.26
N LYS B 85 -1.87 -12.95 -2.41
CA LYS B 85 -3.12 -13.61 -2.77
C LYS B 85 -3.86 -12.79 -3.85
N ALA B 86 -3.39 -11.58 -4.12
CA ALA B 86 -3.95 -10.72 -5.16
C ALA B 86 -3.53 -11.21 -6.55
N LYS B 87 -2.76 -12.30 -6.62
CA LYS B 87 -2.25 -12.84 -7.88
C LYS B 87 -3.31 -13.64 -8.64
N GLU B 88 -4.11 -14.43 -7.93
CA GLU B 88 -5.09 -15.32 -8.56
C GLU B 88 -6.40 -15.34 -7.77
N ASN B 89 -6.31 -15.38 -6.44
CA ASN B 89 -7.46 -15.38 -5.55
C ASN B 89 -8.60 -16.25 -6.09
N GLU B 90 -8.41 -17.57 -6.11
CA GLU B 90 -9.38 -18.48 -6.71
C GLU B 90 -10.72 -18.47 -5.97
N LYS B 91 -10.72 -18.14 -4.67
CA LYS B 91 -11.94 -18.07 -3.88
C LYS B 91 -12.29 -16.60 -3.56
N TRP B 92 -11.64 -15.67 -4.26
CA TRP B 92 -11.71 -14.25 -3.92
C TRP B 92 -11.68 -13.41 -5.18
N ASN B 93 -11.62 -12.08 -5.01
CA ASN B 93 -11.42 -11.14 -6.10
C ASN B 93 -10.39 -10.11 -5.68
N THR B 94 -9.53 -9.67 -6.59
CA THR B 94 -8.45 -8.77 -6.24
C THR B 94 -8.98 -7.42 -5.79
N GLN B 95 -10.11 -6.99 -6.37
CA GLN B 95 -10.69 -5.70 -6.01
C GLN B 95 -11.34 -5.77 -4.63
N LYS B 96 -11.81 -6.96 -4.22
CA LYS B 96 -12.42 -7.12 -2.91
C LYS B 96 -11.36 -6.97 -1.83
N TYR B 97 -10.17 -7.55 -2.08
CA TYR B 97 -9.05 -7.44 -1.16
C TYR B 97 -8.54 -6.00 -1.13
N PHE B 98 -8.40 -5.39 -2.30
CA PHE B 98 -7.87 -4.05 -2.42
C PHE B 98 -8.78 -3.02 -1.75
N VAL B 99 -10.11 -3.20 -1.86
CA VAL B 99 -11.06 -2.27 -1.24
C VAL B 99 -11.03 -2.42 0.28
N ILE B 100 -10.97 -3.65 0.78
CA ILE B 100 -10.99 -3.92 2.21
C ILE B 100 -9.71 -3.43 2.86
N THR B 101 -8.56 -3.73 2.25
CA THR B 101 -7.26 -3.42 2.86
C THR B 101 -7.02 -1.92 2.90
N LEU B 102 -7.35 -1.19 1.83
CA LEU B 102 -7.14 0.25 1.81
C LEU B 102 -8.17 0.96 2.66
N SER B 103 -9.39 0.43 2.74
CA SER B 103 -10.41 1.04 3.58
C SER B 103 -9.97 0.99 5.05
N LYS B 104 -9.37 -0.12 5.46
CA LYS B 104 -8.91 -0.30 6.83
C LYS B 104 -7.62 0.49 7.08
N ALA B 105 -6.64 0.36 6.18
CA ALA B 105 -5.36 1.02 6.31
C ALA B 105 -5.52 2.53 6.29
N TRP B 106 -6.40 3.04 5.42
CA TRP B 106 -6.62 4.48 5.31
C TRP B 106 -7.33 5.00 6.56
N SER B 107 -8.25 4.20 7.11
CA SER B 107 -8.98 4.61 8.30
C SER B 107 -8.02 4.76 9.48
N VAL B 108 -7.03 3.88 9.59
CA VAL B 108 -6.09 3.90 10.70
C VAL B 108 -5.13 5.09 10.58
N VAL B 109 -4.73 5.44 9.36
CA VAL B 109 -3.80 6.54 9.17
C VAL B 109 -4.51 7.88 9.31
N LYS B 110 -5.66 8.04 8.66
CA LYS B 110 -6.31 9.34 8.66
C LYS B 110 -6.82 9.69 10.06
N LYS B 111 -7.14 8.69 10.88
CA LYS B 111 -7.56 8.95 12.26
C LYS B 111 -6.34 9.22 13.13
N TYR B 112 -5.16 8.77 12.70
CA TYR B 112 -3.92 9.05 13.42
C TYR B 112 -3.48 10.49 13.17
N LEU B 113 -3.79 11.04 11.99
CA LEU B 113 -3.36 12.39 11.63
C LEU B 113 -4.48 13.42 11.74
N GLU B 114 -5.68 13.00 12.18
CA GLU B 114 -6.80 13.91 12.33
C GLU B 114 -6.48 15.02 13.32
N ALA B 115 -7.20 16.14 13.21
CA ALA B 115 -7.02 17.30 14.08
C ALA B 115 -8.32 18.09 14.19
N THR B 1 -19.46 -2.87 -4.98
CA THR B 1 -17.99 -2.99 -4.93
C THR B 1 -17.32 -1.79 -5.61
N VAL B 2 -17.81 -1.41 -6.80
CA VAL B 2 -17.22 -0.31 -7.55
C VAL B 2 -17.45 1.03 -6.85
N VAL B 3 -18.52 1.13 -6.06
CA VAL B 3 -18.86 2.37 -5.38
C VAL B 3 -17.93 2.57 -4.18
N GLU B 4 -17.50 1.47 -3.57
CA GLU B 4 -16.62 1.53 -2.41
C GLU B 4 -15.22 1.93 -2.84
N PHE B 5 -14.82 1.52 -4.04
CA PHE B 5 -13.56 1.96 -4.62
C PHE B 5 -13.68 3.40 -5.10
N GLU B 6 -14.86 3.80 -5.57
CA GLU B 6 -15.09 5.12 -6.11
C GLU B 6 -15.03 6.19 -5.00
N GLU B 7 -15.55 5.88 -3.82
CA GLU B 7 -15.55 6.85 -2.72
C GLU B 7 -14.18 6.89 -2.04
N LEU B 8 -13.45 5.77 -2.03
CA LEU B 8 -12.12 5.72 -1.46
C LEU B 8 -11.14 6.43 -2.38
N ARG B 9 -11.11 6.07 -3.66
CA ARG B 9 -10.12 6.62 -4.58
C ARG B 9 -10.25 8.14 -4.68
N LYS B 10 -11.45 8.67 -4.42
CA LYS B 10 -11.68 10.10 -4.45
C LYS B 10 -11.02 10.75 -3.24
N GLU B 11 -11.24 10.19 -2.05
CA GLU B 11 -10.71 10.75 -0.83
C GLU B 11 -9.20 10.51 -0.73
N LEU B 12 -8.73 9.38 -1.26
CA LEU B 12 -7.33 9.03 -1.20
C LEU B 12 -6.50 9.93 -2.12
N VAL B 13 -7.02 10.22 -3.31
CA VAL B 13 -6.30 11.04 -4.28
C VAL B 13 -6.33 12.51 -3.86
N LYS B 14 -7.38 12.94 -3.17
CA LYS B 14 -7.48 14.33 -2.75
C LYS B 14 -6.57 14.63 -1.56
N ARG B 15 -6.11 13.59 -0.86
CA ARG B 15 -5.13 13.75 0.22
C ARG B 15 -3.75 13.21 -0.17
N ASP B 16 -3.60 12.73 -1.41
CA ASP B 16 -2.35 12.18 -1.88
C ASP B 16 -1.29 13.28 -2.02
N SER B 17 -0.01 12.87 -2.05
CA SER B 17 1.09 13.81 -2.25
C SER B 17 1.19 14.20 -3.73
N GLY B 18 0.56 13.41 -4.62
CA GLY B 18 0.45 13.71 -6.03
C GLY B 18 1.65 13.20 -6.84
N LYS B 19 2.65 12.62 -6.18
CA LYS B 19 3.83 12.10 -6.86
C LYS B 19 3.55 10.71 -7.44
N PRO B 20 4.18 10.37 -8.58
CA PRO B 20 4.09 9.05 -9.18
C PRO B 20 4.87 8.03 -8.34
N VAL B 21 4.60 6.74 -8.55
CA VAL B 21 5.18 5.66 -7.74
C VAL B 21 6.70 5.64 -7.86
N GLU B 22 7.23 6.12 -8.99
CA GLU B 22 8.66 6.12 -9.23
C GLU B 22 9.36 7.02 -8.23
N LYS B 23 8.62 7.94 -7.60
CA LYS B 23 9.18 8.83 -6.59
C LYS B 23 9.13 8.18 -5.21
N ILE B 24 8.24 7.20 -5.01
CA ILE B 24 8.10 6.56 -3.71
C ILE B 24 9.36 5.77 -3.39
N LYS B 25 9.82 4.92 -4.32
CA LYS B 25 11.01 4.12 -4.04
C LYS B 25 12.28 4.95 -4.23
N GLU B 26 12.22 6.02 -5.03
CA GLU B 26 13.40 6.84 -5.27
C GLU B 26 13.74 7.67 -4.02
N GLU B 27 12.72 8.17 -3.31
CA GLU B 27 12.93 9.03 -2.16
C GLU B 27 13.13 8.22 -0.88
N ILE B 28 12.65 6.96 -0.84
CA ILE B 28 12.78 6.13 0.35
C ILE B 28 14.05 5.28 0.31
N CYS B 29 14.48 4.85 -0.89
CA CYS B 29 15.64 3.99 -1.02
C CYS B 29 16.95 4.79 -0.91
N THR B 30 16.86 6.12 -1.01
CA THR B 30 18.04 6.98 -0.86
C THR B 30 18.23 7.37 0.61
N LYS B 31 17.17 7.24 1.41
CA LYS B 31 17.22 7.50 2.85
C LYS B 31 17.78 6.27 3.57
N SER B 32 17.79 6.32 4.91
CA SER B 32 18.34 5.23 5.71
C SER B 32 17.33 4.71 6.75
N PRO B 33 16.09 4.40 6.34
CA PRO B 33 15.11 3.77 7.20
C PRO B 33 15.55 2.33 7.50
N PRO B 34 14.87 1.63 8.43
CA PRO B 34 15.17 0.26 8.77
C PRO B 34 15.25 -0.61 7.53
N LYS B 35 16.23 -1.51 7.48
CA LYS B 35 16.53 -2.28 6.28
C LYS B 35 15.36 -3.18 5.88
N LEU B 36 14.46 -3.48 6.82
CA LEU B 36 13.32 -4.35 6.55
C LEU B 36 12.32 -3.65 5.62
N ILE B 37 11.77 -2.52 6.07
CA ILE B 37 10.79 -1.78 5.27
C ILE B 37 11.45 -1.18 4.04
N LYS B 38 12.75 -0.88 4.11
CA LYS B 38 13.47 -0.28 3.01
C LYS B 38 13.52 -1.26 1.84
N GLU B 39 13.87 -2.52 2.11
CA GLU B 39 14.02 -3.51 1.06
C GLU B 39 12.68 -3.83 0.39
N ILE B 40 11.59 -3.69 1.16
CA ILE B 40 10.25 -3.94 0.63
C ILE B 40 9.84 -2.80 -0.33
N ILE B 41 10.22 -1.57 -0.02
CA ILE B 41 9.88 -0.42 -0.86
C ILE B 41 10.77 -0.40 -2.11
N CYS B 42 12.02 -0.85 -1.98
CA CYS B 42 12.94 -0.89 -3.11
C CYS B 42 12.62 -2.08 -4.03
N GLU B 43 11.47 -2.71 -3.81
CA GLU B 43 10.92 -3.75 -4.67
C GLU B 43 11.84 -4.98 -4.79
N ASN B 44 12.84 -5.09 -3.92
CA ASN B 44 13.75 -6.23 -3.93
C ASN B 44 13.09 -7.45 -3.27
N LYS B 45 12.16 -7.19 -2.35
CA LYS B 45 11.46 -8.24 -1.60
C LYS B 45 9.98 -7.87 -1.43
N THR B 46 9.22 -8.71 -0.74
CA THR B 46 7.80 -8.45 -0.52
C THR B 46 7.32 -9.02 0.81
N TYR B 47 7.82 -10.20 1.21
CA TYR B 47 7.51 -10.76 2.52
C TYR B 47 8.49 -11.87 2.91
N ALA B 48 9.11 -12.52 1.92
CA ALA B 48 10.02 -13.63 2.17
C ALA B 48 11.28 -13.18 2.91
N ASP B 49 11.59 -11.88 2.87
CA ASP B 49 12.78 -11.33 3.51
C ASP B 49 12.66 -11.46 5.04
N VAL B 50 11.43 -11.29 5.56
CA VAL B 50 11.15 -11.36 6.98
C VAL B 50 10.25 -12.56 7.31
N ASN B 51 9.96 -13.39 6.30
CA ASN B 51 9.12 -14.58 6.46
C ASN B 51 7.75 -14.24 7.08
N ILE B 52 7.26 -13.02 6.83
CA ILE B 52 5.97 -12.58 7.38
C ILE B 52 4.82 -13.08 6.49
N ASP B 53 3.61 -13.02 7.02
CA ASP B 53 2.42 -13.35 6.26
C ASP B 53 2.27 -12.40 5.08
N ARG B 54 1.79 -12.91 3.95
CA ARG B 54 1.72 -12.13 2.72
C ARG B 54 0.81 -10.92 2.90
N SER B 55 -0.31 -11.09 3.60
CA SER B 55 -1.24 -9.99 3.81
C SER B 55 -0.64 -8.95 4.75
N ARG B 56 0.09 -9.39 5.79
CA ARG B 56 0.67 -8.45 6.75
C ARG B 56 1.80 -7.67 6.11
N GLY B 57 2.56 -8.30 5.20
CA GLY B 57 3.61 -7.62 4.49
C GLY B 57 3.06 -6.48 3.65
N ASP B 58 1.84 -6.65 3.11
CA ASP B 58 1.21 -5.62 2.31
C ASP B 58 0.53 -4.58 3.21
N TRP B 59 0.18 -4.98 4.44
CA TRP B 59 -0.43 -4.06 5.39
C TRP B 59 0.60 -3.07 5.93
N HIS B 60 1.78 -3.57 6.34
CA HIS B 60 2.82 -2.73 6.89
C HIS B 60 3.38 -1.77 5.84
N VAL B 61 3.53 -2.22 4.59
CA VAL B 61 4.11 -1.35 3.57
C VAL B 61 3.12 -0.25 3.15
N ILE B 62 1.82 -0.57 3.11
CA ILE B 62 0.80 0.40 2.72
C ILE B 62 0.66 1.46 3.81
N LEU B 63 0.74 1.06 5.09
CA LEU B 63 0.68 2.03 6.17
C LEU B 63 1.92 2.90 6.19
N TYR B 64 3.07 2.34 5.80
CA TYR B 64 4.33 3.06 5.91
C TYR B 64 4.42 4.16 4.85
N LEU B 65 4.07 3.84 3.60
CA LEU B 65 4.11 4.84 2.54
C LEU B 65 3.02 5.91 2.79
N MET B 66 2.00 5.58 3.60
CA MET B 66 1.00 6.56 3.99
C MET B 66 1.54 7.52 5.04
N LYS B 67 2.57 7.11 5.79
CA LYS B 67 3.23 8.03 6.73
C LYS B 67 4.07 9.04 5.94
N HIS B 68 4.52 8.65 4.74
CA HIS B 68 5.21 9.57 3.83
C HIS B 68 4.22 10.48 3.09
N GLY B 69 2.93 10.35 3.39
CA GLY B 69 1.89 11.23 2.86
C GLY B 69 1.33 10.74 1.53
N VAL B 70 1.89 9.67 0.95
CA VAL B 70 1.36 9.11 -0.28
C VAL B 70 0.10 8.31 0.06
N THR B 71 -0.97 8.50 -0.71
CA THR B 71 -2.28 7.96 -0.33
C THR B 71 -3.04 7.38 -1.52
N ASP B 72 -2.72 7.83 -2.74
CA ASP B 72 -3.41 7.41 -3.96
C ASP B 72 -3.31 5.88 -4.15
N PRO B 73 -4.46 5.19 -4.30
CA PRO B 73 -4.53 3.74 -4.41
C PRO B 73 -3.98 3.22 -5.73
N ASP B 74 -3.87 4.08 -6.75
CA ASP B 74 -3.36 3.64 -8.04
C ASP B 74 -1.88 3.26 -7.91
N LYS B 75 -1.20 3.82 -6.91
CA LYS B 75 0.19 3.48 -6.64
C LYS B 75 0.29 2.22 -5.80
N ILE B 76 -0.71 1.95 -4.95
CA ILE B 76 -0.76 0.70 -4.19
C ILE B 76 -1.00 -0.45 -5.17
N LEU B 77 -1.84 -0.22 -6.18
CA LEU B 77 -2.17 -1.23 -7.17
C LEU B 77 -0.97 -1.49 -8.09
N GLU B 78 -0.13 -0.48 -8.30
CA GLU B 78 1.03 -0.60 -9.18
C GLU B 78 2.18 -1.34 -8.50
N LEU B 79 2.39 -1.10 -7.19
CA LEU B 79 3.47 -1.74 -6.45
C LEU B 79 3.05 -3.10 -5.90
N LEU B 80 1.79 -3.49 -6.15
CA LEU B 80 1.22 -4.72 -5.62
C LEU B 80 2.07 -5.91 -6.05
N PRO B 81 2.68 -6.63 -5.10
CA PRO B 81 3.55 -7.75 -5.38
C PRO B 81 2.76 -8.91 -5.98
N ARG B 82 3.37 -9.61 -6.96
CA ARG B 82 2.69 -10.70 -7.65
C ARG B 82 2.66 -11.99 -6.82
N ASP B 83 3.30 -11.98 -5.65
CA ASP B 83 3.25 -13.13 -4.75
C ASP B 83 2.05 -13.01 -3.80
N SER B 84 1.31 -11.90 -3.90
CA SER B 84 0.13 -11.66 -3.08
C SER B 84 -1.00 -12.60 -3.48
N LYS B 85 -1.99 -12.75 -2.60
CA LYS B 85 -3.20 -13.52 -2.87
C LYS B 85 -4.01 -12.88 -4.00
N ALA B 86 -3.63 -11.66 -4.38
CA ALA B 86 -4.29 -10.91 -5.43
C ALA B 86 -3.93 -11.45 -6.84
N LYS B 87 -3.07 -12.48 -6.91
CA LYS B 87 -2.55 -12.97 -8.18
C LYS B 87 -3.58 -13.85 -8.93
N GLU B 88 -4.41 -14.60 -8.20
CA GLU B 88 -5.33 -15.53 -8.83
C GLU B 88 -6.69 -15.52 -8.13
N ASN B 89 -6.70 -15.41 -6.80
CA ASN B 89 -7.94 -15.31 -6.02
C ASN B 89 -8.93 -16.43 -6.37
N GLU B 90 -8.50 -17.69 -6.27
CA GLU B 90 -9.36 -18.82 -6.62
C GLU B 90 -10.57 -18.91 -5.68
N LYS B 91 -10.55 -18.16 -4.57
CA LYS B 91 -11.63 -18.18 -3.59
C LYS B 91 -11.94 -16.76 -3.11
N TRP B 92 -11.49 -15.76 -3.89
CA TRP B 92 -11.58 -14.36 -3.52
C TRP B 92 -11.69 -13.51 -4.78
N ASN B 93 -11.56 -12.18 -4.63
CA ASN B 93 -11.49 -11.27 -5.76
C ASN B 93 -10.46 -10.18 -5.45
N THR B 94 -9.72 -9.73 -6.47
CA THR B 94 -8.65 -8.77 -6.24
C THR B 94 -9.21 -7.45 -5.73
N GLN B 95 -10.38 -7.04 -6.24
CA GLN B 95 -10.97 -5.77 -5.84
C GLN B 95 -11.53 -5.85 -4.43
N LYS B 96 -11.94 -7.05 -3.98
CA LYS B 96 -12.46 -7.22 -2.63
C LYS B 96 -11.33 -7.02 -1.63
N TYR B 97 -10.17 -7.59 -1.93
CA TYR B 97 -9.00 -7.45 -1.09
C TYR B 97 -8.47 -6.02 -1.13
N PHE B 98 -8.45 -5.42 -2.31
CA PHE B 98 -7.93 -4.08 -2.50
C PHE B 98 -8.82 -3.05 -1.80
N VAL B 99 -10.15 -3.21 -1.87
CA VAL B 99 -11.07 -2.28 -1.23
C VAL B 99 -10.98 -2.41 0.29
N ILE B 100 -10.87 -3.64 0.80
CA ILE B 100 -10.84 -3.88 2.23
C ILE B 100 -9.53 -3.38 2.84
N THR B 101 -8.40 -3.69 2.22
CA THR B 101 -7.10 -3.35 2.79
C THR B 101 -6.86 -1.85 2.80
N LEU B 102 -7.22 -1.15 1.73
CA LEU B 102 -7.05 0.29 1.66
C LEU B 102 -8.08 1.01 2.54
N SER B 103 -9.29 0.47 2.64
CA SER B 103 -10.32 1.10 3.45
C SER B 103 -9.91 1.08 4.93
N LYS B 104 -9.30 -0.01 5.38
CA LYS B 104 -8.93 -0.18 6.78
C LYS B 104 -7.57 0.46 7.07
N ALA B 105 -6.65 0.41 6.11
CA ALA B 105 -5.36 1.06 6.24
C ALA B 105 -5.51 2.59 6.18
N TRP B 106 -6.51 3.07 5.43
CA TRP B 106 -6.76 4.49 5.33
C TRP B 106 -7.46 5.01 6.57
N SER B 107 -8.39 4.22 7.14
CA SER B 107 -9.15 4.68 8.29
C SER B 107 -8.25 4.81 9.51
N VAL B 108 -7.23 3.94 9.63
CA VAL B 108 -6.33 3.98 10.78
C VAL B 108 -5.31 5.12 10.64
N VAL B 109 -4.92 5.46 9.40
CA VAL B 109 -3.98 6.54 9.18
C VAL B 109 -4.69 7.89 9.28
N LYS B 110 -5.86 8.03 8.67
CA LYS B 110 -6.54 9.32 8.66
C LYS B 110 -6.96 9.73 10.08
N LYS B 111 -7.28 8.75 10.92
CA LYS B 111 -7.64 9.03 12.32
C LYS B 111 -6.38 9.29 13.14
N TYR B 112 -5.24 8.80 12.68
CA TYR B 112 -3.97 9.05 13.35
C TYR B 112 -3.51 10.48 13.09
N LEU B 113 -3.86 11.04 11.92
CA LEU B 113 -3.41 12.38 11.53
C LEU B 113 -4.51 13.43 11.68
N GLU B 114 -5.70 13.04 12.14
CA GLU B 114 -6.80 13.98 12.32
C GLU B 114 -6.43 15.08 13.33
N ALA B 115 -7.13 16.21 13.25
CA ALA B 115 -6.90 17.34 14.14
C ALA B 115 -8.17 18.18 14.28
N THR B 1 -19.50 -2.69 -3.79
CA THR B 1 -18.06 -2.94 -3.90
C THR B 1 -17.39 -1.90 -4.78
N VAL B 2 -17.82 -1.76 -6.04
CA VAL B 2 -17.22 -0.82 -6.97
C VAL B 2 -17.45 0.62 -6.53
N VAL B 3 -18.59 0.89 -5.88
CA VAL B 3 -18.89 2.23 -5.37
C VAL B 3 -18.01 2.57 -4.18
N GLU B 4 -17.50 1.54 -3.48
CA GLU B 4 -16.62 1.75 -2.33
C GLU B 4 -15.23 2.14 -2.83
N PHE B 5 -14.78 1.53 -3.93
CA PHE B 5 -13.51 1.91 -4.55
C PHE B 5 -13.61 3.33 -5.10
N GLU B 6 -14.79 3.70 -5.61
CA GLU B 6 -15.03 5.02 -6.16
C GLU B 6 -15.00 6.08 -5.04
N GLU B 7 -15.44 5.71 -3.84
CA GLU B 7 -15.45 6.61 -2.71
C GLU B 7 -14.06 6.72 -2.10
N LEU B 8 -13.34 5.60 -2.00
CA LEU B 8 -12.01 5.60 -1.42
C LEU B 8 -11.03 6.30 -2.34
N ARG B 9 -11.04 5.97 -3.64
CA ARG B 9 -10.07 6.54 -4.58
C ARG B 9 -10.21 8.06 -4.65
N LYS B 10 -11.41 8.58 -4.38
CA LYS B 10 -11.64 10.02 -4.41
C LYS B 10 -10.97 10.67 -3.21
N GLU B 11 -11.08 10.06 -2.03
CA GLU B 11 -10.52 10.61 -0.82
C GLU B 11 -9.01 10.38 -0.77
N LEU B 12 -8.56 9.27 -1.35
CA LEU B 12 -7.15 8.91 -1.35
C LEU B 12 -6.36 9.76 -2.33
N VAL B 13 -6.96 10.09 -3.47
CA VAL B 13 -6.28 10.90 -4.47
C VAL B 13 -6.24 12.36 -4.03
N LYS B 14 -7.25 12.82 -3.29
CA LYS B 14 -7.30 14.20 -2.83
C LYS B 14 -6.34 14.42 -1.65
N ARG B 15 -5.88 13.32 -1.03
CA ARG B 15 -4.92 13.37 0.08
C ARG B 15 -3.50 13.04 -0.38
N ASP B 16 -3.35 12.57 -1.63
CA ASP B 16 -2.05 12.16 -2.13
C ASP B 16 -1.14 13.37 -2.34
N SER B 17 0.19 13.14 -2.30
CA SER B 17 1.17 14.17 -2.58
C SER B 17 1.26 14.41 -4.10
N GLY B 18 0.67 13.51 -4.89
CA GLY B 18 0.62 13.64 -6.34
C GLY B 18 1.87 13.08 -7.01
N LYS B 19 2.82 12.56 -6.22
CA LYS B 19 4.05 12.00 -6.76
C LYS B 19 3.80 10.60 -7.32
N PRO B 20 4.40 10.26 -8.46
CA PRO B 20 4.34 8.94 -9.04
C PRO B 20 5.13 7.94 -8.20
N VAL B 21 4.85 6.65 -8.35
CA VAL B 21 5.46 5.60 -7.53
C VAL B 21 6.98 5.61 -7.65
N GLU B 22 7.49 6.06 -8.79
CA GLU B 22 8.93 6.07 -9.04
C GLU B 22 9.65 7.01 -8.07
N LYS B 23 8.92 7.93 -7.45
CA LYS B 23 9.49 8.84 -6.46
C LYS B 23 9.46 8.20 -5.08
N ILE B 24 8.55 7.26 -4.84
CA ILE B 24 8.38 6.68 -3.53
C ILE B 24 9.57 5.79 -3.19
N LYS B 25 10.01 4.94 -4.13
CA LYS B 25 11.14 4.07 -3.83
C LYS B 25 12.45 4.84 -3.93
N GLU B 26 12.46 5.98 -4.64
CA GLU B 26 13.66 6.77 -4.77
C GLU B 26 13.91 7.59 -3.51
N GLU B 27 12.84 8.14 -2.92
CA GLU B 27 12.96 9.00 -1.76
C GLU B 27 13.02 8.22 -0.45
N ILE B 28 12.49 6.99 -0.43
CA ILE B 28 12.45 6.19 0.80
C ILE B 28 13.69 5.29 0.93
N CYS B 29 14.14 4.69 -0.17
CA CYS B 29 15.23 3.72 -0.10
C CYS B 29 16.57 4.39 0.21
N THR B 30 16.65 5.72 0.05
CA THR B 30 17.88 6.46 0.31
C THR B 30 17.97 6.92 1.77
N LYS B 31 16.86 6.83 2.52
CA LYS B 31 16.81 7.30 3.90
C LYS B 31 17.48 6.31 4.86
N SER B 32 17.58 6.70 6.13
CA SER B 32 18.29 5.94 7.16
C SER B 32 17.51 4.75 7.77
N PRO B 33 16.20 4.58 7.54
CA PRO B 33 15.46 3.43 8.07
C PRO B 33 16.15 2.11 7.70
N PRO B 34 15.85 1.03 8.44
CA PRO B 34 16.49 -0.26 8.28
C PRO B 34 16.20 -0.86 6.90
N LYS B 35 17.00 -1.84 6.50
CA LYS B 35 16.92 -2.45 5.18
C LYS B 35 15.55 -3.07 4.92
N LEU B 36 14.86 -3.48 5.98
CA LEU B 36 13.63 -4.25 5.84
C LEU B 36 12.56 -3.47 5.08
N ILE B 37 12.23 -2.26 5.55
CA ILE B 37 11.13 -1.50 4.94
C ILE B 37 11.52 -0.98 3.55
N LYS B 38 12.80 -0.63 3.35
CA LYS B 38 13.22 -0.05 2.08
C LYS B 38 13.35 -1.10 1.00
N GLU B 39 13.67 -2.35 1.36
CA GLU B 39 13.81 -3.40 0.36
C GLU B 39 12.43 -3.84 -0.12
N ILE B 40 11.40 -3.68 0.72
CA ILE B 40 10.03 -3.95 0.32
C ILE B 40 9.52 -2.81 -0.56
N ILE B 41 9.90 -1.57 -0.24
CA ILE B 41 9.47 -0.40 -1.00
C ILE B 41 10.17 -0.34 -2.37
N CYS B 42 11.45 -0.74 -2.41
CA CYS B 42 12.19 -0.81 -3.67
C CYS B 42 11.84 -2.09 -4.45
N GLU B 43 10.75 -2.76 -4.05
CA GLU B 43 10.16 -3.89 -4.78
C GLU B 43 11.12 -5.08 -4.97
N ASN B 44 12.25 -5.10 -4.25
CA ASN B 44 13.19 -6.20 -4.35
C ASN B 44 12.68 -7.40 -3.57
N LYS B 45 11.77 -7.16 -2.62
CA LYS B 45 11.13 -8.19 -1.80
C LYS B 45 9.66 -7.83 -1.59
N THR B 46 8.93 -8.66 -0.83
CA THR B 46 7.52 -8.41 -0.57
C THR B 46 7.10 -8.96 0.79
N TYR B 47 7.65 -10.12 1.18
CA TYR B 47 7.42 -10.67 2.52
C TYR B 47 8.44 -11.75 2.88
N ALA B 48 9.08 -12.36 1.87
CA ALA B 48 10.03 -13.44 2.09
C ALA B 48 11.29 -12.93 2.79
N ASP B 49 11.54 -11.62 2.75
CA ASP B 49 12.71 -11.03 3.37
C ASP B 49 12.64 -11.17 4.90
N VAL B 50 11.43 -11.03 5.46
CA VAL B 50 11.20 -11.14 6.89
C VAL B 50 10.34 -12.36 7.23
N ASN B 51 10.03 -13.19 6.22
CA ASN B 51 9.22 -14.38 6.37
C ASN B 51 7.86 -14.07 7.00
N ILE B 52 7.35 -12.85 6.80
CA ILE B 52 6.08 -12.42 7.37
C ILE B 52 4.91 -12.90 6.49
N ASP B 53 3.69 -12.85 7.04
CA ASP B 53 2.49 -13.16 6.29
C ASP B 53 2.31 -12.21 5.12
N ARG B 54 1.74 -12.70 4.02
CA ARG B 54 1.62 -11.91 2.80
C ARG B 54 0.69 -10.74 3.04
N SER B 55 -0.31 -10.93 3.90
CA SER B 55 -1.24 -9.87 4.25
C SER B 55 -0.54 -8.79 5.05
N ARG B 56 0.20 -9.19 6.08
CA ARG B 56 0.82 -8.23 6.99
C ARG B 56 1.95 -7.50 6.27
N GLY B 57 2.63 -8.15 5.34
CA GLY B 57 3.67 -7.51 4.56
C GLY B 57 3.09 -6.36 3.73
N ASP B 58 1.89 -6.55 3.18
CA ASP B 58 1.24 -5.50 2.40
C ASP B 58 0.59 -4.47 3.33
N TRP B 59 0.25 -4.87 4.55
CA TRP B 59 -0.38 -3.99 5.52
C TRP B 59 0.63 -2.97 6.04
N HIS B 60 1.82 -3.43 6.41
CA HIS B 60 2.85 -2.56 6.96
C HIS B 60 3.41 -1.60 5.91
N VAL B 61 3.58 -2.07 4.67
CA VAL B 61 4.15 -1.21 3.63
C VAL B 61 3.17 -0.11 3.22
N ILE B 62 1.87 -0.44 3.18
CA ILE B 62 0.86 0.53 2.78
C ILE B 62 0.71 1.60 3.86
N LEU B 63 0.76 1.20 5.13
CA LEU B 63 0.66 2.17 6.22
C LEU B 63 1.91 3.03 6.27
N TYR B 64 3.07 2.47 5.92
CA TYR B 64 4.34 3.17 6.07
C TYR B 64 4.46 4.30 5.04
N LEU B 65 4.17 4.01 3.77
CA LEU B 65 4.27 5.02 2.74
C LEU B 65 3.21 6.10 2.96
N MET B 66 2.14 5.77 3.70
CA MET B 66 1.12 6.75 4.06
C MET B 66 1.60 7.66 5.18
N LYS B 67 2.58 7.23 5.99
CA LYS B 67 3.18 8.09 6.99
C LYS B 67 4.03 9.15 6.31
N HIS B 68 4.56 8.83 5.11
CA HIS B 68 5.28 9.80 4.28
C HIS B 68 4.29 10.72 3.54
N GLY B 69 2.99 10.58 3.81
CA GLY B 69 1.96 11.45 3.26
C GLY B 69 1.55 11.04 1.85
N VAL B 70 2.14 9.97 1.30
CA VAL B 70 1.77 9.48 -0.02
C VAL B 70 0.49 8.67 0.09
N THR B 71 -0.38 8.78 -0.92
CA THR B 71 -1.68 8.13 -0.92
C THR B 71 -2.00 7.67 -2.35
N ASP B 72 -3.27 7.79 -2.80
CA ASP B 72 -3.73 7.36 -4.13
C ASP B 72 -3.59 5.83 -4.34
N PRO B 73 -4.72 5.13 -4.55
CA PRO B 73 -4.74 3.68 -4.69
C PRO B 73 -4.13 3.20 -6.00
N ASP B 74 -4.02 4.07 -7.01
CA ASP B 74 -3.42 3.67 -8.28
C ASP B 74 -1.94 3.34 -8.07
N LYS B 75 -1.34 3.93 -7.03
CA LYS B 75 0.03 3.70 -6.64
C LYS B 75 0.12 2.41 -5.83
N ILE B 76 -0.93 2.11 -5.06
CA ILE B 76 -0.99 0.90 -4.25
C ILE B 76 -1.12 -0.33 -5.14
N LEU B 77 -1.90 -0.20 -6.22
CA LEU B 77 -2.10 -1.28 -7.16
C LEU B 77 -0.88 -1.47 -8.06
N GLU B 78 -0.14 -0.40 -8.33
CA GLU B 78 1.01 -0.46 -9.20
C GLU B 78 2.18 -1.18 -8.51
N LEU B 79 2.37 -0.94 -7.21
CA LEU B 79 3.45 -1.59 -6.47
C LEU B 79 3.01 -2.94 -5.90
N LEU B 80 1.75 -3.33 -6.14
CA LEU B 80 1.18 -4.56 -5.58
C LEU B 80 2.01 -5.76 -6.03
N PRO B 81 2.46 -6.59 -5.09
CA PRO B 81 3.27 -7.77 -5.37
C PRO B 81 2.43 -8.88 -5.99
N ARG B 82 3.02 -9.63 -6.92
CA ARG B 82 2.35 -10.74 -7.60
C ARG B 82 2.36 -12.01 -6.74
N ASP B 83 3.14 -12.03 -5.66
CA ASP B 83 3.20 -13.19 -4.77
C ASP B 83 2.05 -13.17 -3.78
N SER B 84 1.22 -12.11 -3.80
CA SER B 84 0.06 -12.01 -2.93
C SER B 84 -1.06 -12.92 -3.41
N LYS B 85 -2.06 -13.16 -2.55
CA LYS B 85 -3.22 -13.97 -2.90
C LYS B 85 -4.11 -13.24 -3.91
N ALA B 86 -3.74 -12.00 -4.25
CA ALA B 86 -4.44 -11.17 -5.22
C ALA B 86 -4.13 -11.61 -6.66
N LYS B 87 -3.35 -12.69 -6.84
CA LYS B 87 -2.84 -13.06 -8.16
C LYS B 87 -3.86 -13.85 -8.98
N GLU B 88 -4.78 -14.59 -8.35
CA GLU B 88 -5.74 -15.39 -9.11
C GLU B 88 -7.10 -15.51 -8.41
N ASN B 89 -7.12 -15.57 -7.07
CA ASN B 89 -8.34 -15.58 -6.28
C ASN B 89 -9.37 -16.61 -6.78
N GLU B 90 -9.19 -17.88 -6.45
CA GLU B 90 -10.10 -18.93 -6.89
C GLU B 90 -11.43 -18.88 -6.12
N LYS B 91 -11.41 -18.27 -4.93
CA LYS B 91 -12.59 -18.16 -4.07
C LYS B 91 -12.75 -16.72 -3.57
N TRP B 92 -12.13 -15.78 -4.29
CA TRP B 92 -12.07 -14.38 -3.90
C TRP B 92 -12.04 -13.50 -5.15
N ASN B 93 -11.89 -12.19 -4.96
CA ASN B 93 -11.72 -11.24 -6.05
C ASN B 93 -10.69 -10.19 -5.63
N THR B 94 -9.86 -9.74 -6.57
CA THR B 94 -8.77 -8.83 -6.25
C THR B 94 -9.33 -7.48 -5.77
N GLN B 95 -10.46 -7.05 -6.32
CA GLN B 95 -11.04 -5.78 -5.94
C GLN B 95 -11.62 -5.85 -4.53
N LYS B 96 -12.06 -7.04 -4.10
CA LYS B 96 -12.61 -7.20 -2.77
C LYS B 96 -11.50 -7.08 -1.74
N TYR B 97 -10.34 -7.67 -2.03
CA TYR B 97 -9.19 -7.60 -1.15
C TYR B 97 -8.63 -6.18 -1.14
N PHE B 98 -8.55 -5.56 -2.32
CA PHE B 98 -8.00 -4.22 -2.46
C PHE B 98 -8.88 -3.19 -1.76
N VAL B 99 -10.21 -3.33 -1.86
CA VAL B 99 -11.12 -2.40 -1.20
C VAL B 99 -11.03 -2.55 0.31
N ILE B 100 -10.95 -3.80 0.80
CA ILE B 100 -10.92 -4.07 2.23
C ILE B 100 -9.59 -3.60 2.83
N THR B 101 -8.48 -3.90 2.17
CA THR B 101 -7.16 -3.58 2.71
C THR B 101 -6.95 -2.07 2.78
N LEU B 102 -7.33 -1.34 1.73
CA LEU B 102 -7.13 0.10 1.73
C LEU B 102 -8.17 0.80 2.60
N SER B 103 -9.39 0.25 2.71
CA SER B 103 -10.41 0.86 3.54
C SER B 103 -9.97 0.85 4.99
N LYS B 104 -9.39 -0.27 5.43
CA LYS B 104 -8.95 -0.43 6.82
C LYS B 104 -7.64 0.30 7.05
N ALA B 105 -6.71 0.22 6.10
CA ALA B 105 -5.41 0.86 6.25
C ALA B 105 -5.56 2.38 6.19
N TRP B 106 -6.48 2.87 5.37
CA TRP B 106 -6.71 4.30 5.24
C TRP B 106 -7.39 4.85 6.49
N SER B 107 -8.31 4.07 7.08
CA SER B 107 -8.99 4.52 8.29
C SER B 107 -8.02 4.66 9.44
N VAL B 108 -6.97 3.82 9.47
CA VAL B 108 -6.00 3.85 10.55
C VAL B 108 -5.07 5.05 10.39
N VAL B 109 -4.76 5.45 9.15
CA VAL B 109 -3.88 6.59 8.92
C VAL B 109 -4.64 7.89 9.11
N LYS B 110 -5.81 8.04 8.49
CA LYS B 110 -6.50 9.32 8.53
C LYS B 110 -6.94 9.66 9.95
N LYS B 111 -7.22 8.64 10.78
CA LYS B 111 -7.59 8.85 12.17
C LYS B 111 -6.35 9.15 13.01
N TYR B 112 -5.17 8.73 12.53
CA TYR B 112 -3.92 9.03 13.21
C TYR B 112 -3.49 10.48 12.96
N LEU B 113 -3.86 11.03 11.80
CA LEU B 113 -3.47 12.39 11.43
C LEU B 113 -4.62 13.40 11.59
N GLU B 114 -5.78 12.95 12.07
CA GLU B 114 -6.92 13.83 12.27
C GLU B 114 -6.57 14.95 13.28
N ALA B 115 -7.28 16.07 13.17
CA ALA B 115 -7.05 17.24 14.02
C ALA B 115 -8.30 18.09 14.11
N THR B 1 -19.19 -3.24 -4.44
CA THR B 1 -17.73 -3.23 -4.27
C THR B 1 -17.09 -2.08 -5.04
N VAL B 2 -17.42 -1.94 -6.34
CA VAL B 2 -16.78 -0.94 -7.19
C VAL B 2 -17.13 0.47 -6.72
N VAL B 3 -18.31 0.66 -6.14
CA VAL B 3 -18.72 1.97 -5.63
C VAL B 3 -17.93 2.32 -4.38
N GLU B 4 -17.40 1.32 -3.68
CA GLU B 4 -16.60 1.55 -2.49
C GLU B 4 -15.21 2.04 -2.89
N PHE B 5 -14.69 1.52 -4.01
CA PHE B 5 -13.44 1.99 -4.57
C PHE B 5 -13.59 3.42 -5.07
N GLU B 6 -14.80 3.77 -5.54
CA GLU B 6 -15.08 5.11 -6.08
C GLU B 6 -15.06 6.15 -4.97
N GLU B 7 -15.50 5.79 -3.76
CA GLU B 7 -15.49 6.70 -2.62
C GLU B 7 -14.08 6.82 -2.05
N LEU B 8 -13.38 5.70 -1.93
CA LEU B 8 -12.03 5.69 -1.39
C LEU B 8 -11.06 6.41 -2.32
N ARG B 9 -11.07 6.06 -3.60
CA ARG B 9 -10.10 6.64 -4.53
C ARG B 9 -10.22 8.16 -4.60
N LYS B 10 -11.42 8.70 -4.31
CA LYS B 10 -11.64 10.13 -4.33
C LYS B 10 -11.00 10.78 -3.11
N GLU B 11 -11.14 10.17 -1.94
CA GLU B 11 -10.61 10.75 -0.72
C GLU B 11 -9.11 10.44 -0.58
N LEU B 12 -8.65 9.36 -1.21
CA LEU B 12 -7.25 9.00 -1.17
C LEU B 12 -6.43 9.91 -2.09
N VAL B 13 -6.99 10.26 -3.25
CA VAL B 13 -6.29 11.10 -4.21
C VAL B 13 -6.26 12.55 -3.75
N LYS B 14 -7.31 12.99 -3.03
CA LYS B 14 -7.35 14.36 -2.53
C LYS B 14 -6.39 14.53 -1.34
N ARG B 15 -5.98 13.40 -0.74
CA ARG B 15 -5.02 13.41 0.36
C ARG B 15 -3.61 13.02 -0.12
N ASP B 16 -3.49 12.60 -1.38
CA ASP B 16 -2.21 12.13 -1.92
C ASP B 16 -1.23 13.28 -2.11
N SER B 17 0.06 12.96 -2.15
CA SER B 17 1.11 13.94 -2.42
C SER B 17 1.23 14.20 -3.92
N GLY B 18 0.55 13.40 -4.75
CA GLY B 18 0.41 13.63 -6.17
C GLY B 18 1.60 13.09 -6.98
N LYS B 19 2.61 12.52 -6.30
CA LYS B 19 3.80 12.00 -6.96
C LYS B 19 3.52 10.61 -7.54
N PRO B 20 4.13 10.26 -8.68
CA PRO B 20 4.04 8.94 -9.26
C PRO B 20 4.82 7.92 -8.42
N VAL B 21 4.57 6.62 -8.66
CA VAL B 21 5.14 5.55 -7.85
C VAL B 21 6.67 5.55 -7.94
N GLU B 22 7.22 6.02 -9.06
CA GLU B 22 8.66 6.03 -9.26
C GLU B 22 9.33 6.96 -8.24
N LYS B 23 8.57 7.88 -7.64
CA LYS B 23 9.10 8.78 -6.62
C LYS B 23 9.03 8.13 -5.24
N ILE B 24 8.17 7.13 -5.06
CA ILE B 24 8.01 6.47 -3.76
C ILE B 24 9.28 5.72 -3.43
N LYS B 25 9.77 4.89 -4.36
CA LYS B 25 10.98 4.12 -4.07
C LYS B 25 12.23 4.98 -4.22
N GLU B 26 12.17 6.02 -5.04
CA GLU B 26 13.34 6.86 -5.27
C GLU B 26 13.65 7.70 -4.02
N GLU B 27 12.61 8.17 -3.32
CA GLU B 27 12.80 9.02 -2.16
C GLU B 27 13.01 8.21 -0.88
N ILE B 28 12.56 6.95 -0.87
CA ILE B 28 12.69 6.11 0.33
C ILE B 28 13.97 5.27 0.27
N CYS B 29 14.36 4.79 -0.91
CA CYS B 29 15.54 3.93 -1.04
C CYS B 29 16.83 4.73 -0.95
N THR B 30 16.75 6.07 -1.06
CA THR B 30 17.92 6.92 -0.93
C THR B 30 18.14 7.34 0.53
N LYS B 31 17.10 7.24 1.35
CA LYS B 31 17.17 7.54 2.78
C LYS B 31 17.74 6.34 3.54
N SER B 32 17.76 6.43 4.87
CA SER B 32 18.31 5.37 5.71
C SER B 32 17.29 4.86 6.74
N PRO B 33 16.05 4.52 6.31
CA PRO B 33 15.07 3.88 7.17
C PRO B 33 15.51 2.45 7.45
N PRO B 34 14.82 1.74 8.36
CA PRO B 34 15.12 0.36 8.69
C PRO B 34 15.23 -0.50 7.43
N LYS B 35 16.17 -1.44 7.42
CA LYS B 35 16.49 -2.23 6.24
C LYS B 35 15.30 -3.10 5.82
N LEU B 36 14.39 -3.40 6.74
CA LEU B 36 13.27 -4.28 6.45
C LEU B 36 12.24 -3.57 5.56
N ILE B 37 11.73 -2.41 6.01
CA ILE B 37 10.72 -1.68 5.25
C ILE B 37 11.34 -1.13 3.96
N LYS B 38 12.64 -0.83 3.98
CA LYS B 38 13.31 -0.30 2.81
C LYS B 38 13.38 -1.35 1.71
N GLU B 39 13.71 -2.60 2.06
CA GLU B 39 13.86 -3.66 1.09
C GLU B 39 12.53 -3.95 0.40
N ILE B 40 11.41 -3.74 1.10
CA ILE B 40 10.09 -3.97 0.55
C ILE B 40 9.71 -2.84 -0.41
N ILE B 41 10.05 -1.59 -0.06
CA ILE B 41 9.69 -0.44 -0.90
C ILE B 41 10.54 -0.42 -2.17
N CYS B 42 11.79 -0.87 -2.08
CA CYS B 42 12.67 -0.92 -3.24
C CYS B 42 12.35 -2.12 -4.13
N GLU B 43 11.23 -2.80 -3.82
CA GLU B 43 10.69 -3.91 -4.59
C GLU B 43 11.68 -5.06 -4.75
N ASN B 44 12.70 -5.13 -3.89
CA ASN B 44 13.68 -6.21 -3.92
C ASN B 44 13.11 -7.45 -3.24
N LYS B 45 12.15 -7.27 -2.32
CA LYS B 45 11.50 -8.35 -1.59
C LYS B 45 10.02 -8.01 -1.41
N THR B 46 9.29 -8.89 -0.71
CA THR B 46 7.85 -8.68 -0.49
C THR B 46 7.39 -9.27 0.84
N TYR B 47 7.92 -10.43 1.23
CA TYR B 47 7.61 -11.02 2.52
C TYR B 47 8.66 -12.04 2.95
N ALA B 48 9.37 -12.66 1.99
CA ALA B 48 10.36 -13.69 2.28
C ALA B 48 11.55 -13.12 3.05
N ASP B 49 11.75 -11.80 3.00
CA ASP B 49 12.86 -11.16 3.68
C ASP B 49 12.71 -11.28 5.20
N VAL B 50 11.48 -11.15 5.68
CA VAL B 50 11.17 -11.24 7.11
C VAL B 50 10.32 -12.48 7.41
N ASN B 51 10.09 -13.32 6.39
CA ASN B 51 9.29 -14.53 6.52
C ASN B 51 7.90 -14.24 7.09
N ILE B 52 7.38 -13.04 6.83
CA ILE B 52 6.08 -12.61 7.35
C ILE B 52 4.96 -13.13 6.46
N ASP B 53 3.73 -13.10 6.96
CA ASP B 53 2.54 -13.42 6.18
C ASP B 53 2.35 -12.36 5.09
N ARG B 54 1.83 -12.79 3.93
CA ARG B 54 1.73 -11.91 2.78
C ARG B 54 0.78 -10.75 3.09
N SER B 55 -0.22 -11.02 3.94
CA SER B 55 -1.19 -10.01 4.33
C SER B 55 -0.53 -8.87 5.08
N ARG B 56 0.31 -9.21 6.07
CA ARG B 56 0.87 -8.21 6.94
C ARG B 56 1.98 -7.45 6.22
N GLY B 57 2.67 -8.11 5.29
CA GLY B 57 3.70 -7.45 4.51
C GLY B 57 3.10 -6.33 3.67
N ASP B 58 1.86 -6.52 3.18
CA ASP B 58 1.17 -5.49 2.42
C ASP B 58 0.54 -4.47 3.35
N TRP B 59 0.20 -4.87 4.58
CA TRP B 59 -0.43 -3.97 5.53
C TRP B 59 0.59 -2.97 6.06
N HIS B 60 1.77 -3.44 6.44
CA HIS B 60 2.83 -2.58 6.98
C HIS B 60 3.37 -1.63 5.92
N VAL B 61 3.51 -2.09 4.67
CA VAL B 61 4.08 -1.24 3.64
C VAL B 61 3.10 -0.15 3.22
N ILE B 62 1.80 -0.45 3.21
CA ILE B 62 0.78 0.52 2.82
C ILE B 62 0.64 1.59 3.89
N LEU B 63 0.71 1.20 5.17
CA LEU B 63 0.64 2.16 6.26
C LEU B 63 1.88 3.03 6.27
N TYR B 64 3.03 2.48 5.91
CA TYR B 64 4.30 3.19 6.00
C TYR B 64 4.40 4.29 4.94
N LEU B 65 4.05 3.97 3.69
CA LEU B 65 4.12 4.96 2.63
C LEU B 65 3.05 6.03 2.84
N MET B 66 2.02 5.73 3.64
CA MET B 66 1.01 6.71 3.99
C MET B 66 1.54 7.70 5.04
N LYS B 67 2.56 7.29 5.81
CA LYS B 67 3.21 8.22 6.73
C LYS B 67 4.06 9.21 5.93
N HIS B 68 4.52 8.80 4.74
CA HIS B 68 5.22 9.68 3.81
C HIS B 68 4.23 10.56 3.04
N GLY B 69 2.93 10.42 3.32
CA GLY B 69 1.90 11.28 2.74
C GLY B 69 1.36 10.74 1.42
N VAL B 70 1.95 9.67 0.89
CA VAL B 70 1.45 9.05 -0.34
C VAL B 70 0.18 8.27 0.00
N THR B 71 -0.90 8.48 -0.76
CA THR B 71 -2.20 7.95 -0.37
C THR B 71 -2.99 7.40 -1.55
N ASP B 72 -2.70 7.90 -2.77
CA ASP B 72 -3.43 7.51 -3.98
C ASP B 72 -3.32 6.00 -4.22
N PRO B 73 -4.44 5.31 -4.47
CA PRO B 73 -4.47 3.87 -4.67
C PRO B 73 -3.78 3.43 -5.96
N ASP B 74 -3.51 4.35 -6.89
CA ASP B 74 -2.91 3.98 -8.17
C ASP B 74 -1.52 3.37 -7.95
N LYS B 75 -0.77 3.88 -6.97
CA LYS B 75 0.56 3.35 -6.70
C LYS B 75 0.47 2.15 -5.76
N ILE B 76 -0.60 2.05 -4.97
CA ILE B 76 -0.82 0.92 -4.09
C ILE B 76 -0.97 -0.36 -4.92
N LEU B 77 -1.75 -0.27 -6.00
CA LEU B 77 -2.01 -1.40 -6.87
C LEU B 77 -0.78 -1.69 -7.73
N GLU B 78 -0.02 -0.64 -8.10
CA GLU B 78 1.13 -0.82 -8.96
C GLU B 78 2.29 -1.52 -8.23
N LEU B 79 2.48 -1.23 -6.94
CA LEU B 79 3.56 -1.83 -6.16
C LEU B 79 3.11 -3.15 -5.53
N LEU B 80 1.84 -3.52 -5.69
CA LEU B 80 1.29 -4.71 -5.05
C LEU B 80 2.03 -5.96 -5.53
N PRO B 81 2.66 -6.71 -4.62
CA PRO B 81 3.45 -7.89 -4.94
C PRO B 81 2.63 -8.97 -5.65
N ARG B 82 3.23 -9.63 -6.63
CA ARG B 82 2.59 -10.69 -7.39
C ARG B 82 2.66 -12.05 -6.68
N ASP B 83 3.26 -12.10 -5.48
CA ASP B 83 3.23 -13.32 -4.68
C ASP B 83 2.02 -13.32 -3.74
N SER B 84 1.31 -12.19 -3.64
CA SER B 84 0.15 -12.08 -2.77
C SER B 84 -1.03 -12.87 -3.32
N LYS B 85 -2.05 -13.07 -2.50
CA LYS B 85 -3.30 -13.72 -2.91
C LYS B 85 -3.99 -12.88 -4.00
N ALA B 86 -3.53 -11.64 -4.18
CA ALA B 86 -4.02 -10.76 -5.23
C ALA B 86 -3.55 -11.23 -6.61
N LYS B 87 -2.77 -12.31 -6.67
CA LYS B 87 -2.19 -12.81 -7.91
C LYS B 87 -3.26 -13.46 -8.80
N GLU B 88 -4.20 -14.19 -8.21
CA GLU B 88 -5.21 -14.90 -8.99
C GLU B 88 -6.58 -14.84 -8.30
N ASN B 89 -6.63 -15.12 -6.99
CA ASN B 89 -7.85 -15.05 -6.20
C ASN B 89 -9.05 -15.60 -6.98
N GLU B 90 -8.96 -16.88 -7.39
CA GLU B 90 -9.94 -17.50 -8.28
C GLU B 90 -11.36 -17.44 -7.69
N LYS B 91 -11.48 -17.19 -6.38
CA LYS B 91 -12.76 -17.12 -5.71
C LYS B 91 -12.74 -16.07 -4.61
N TRP B 92 -12.04 -14.96 -4.84
CA TRP B 92 -11.96 -13.90 -3.84
C TRP B 92 -11.94 -12.50 -4.48
N ASN B 93 -11.52 -12.41 -5.75
CA ASN B 93 -11.42 -11.16 -6.50
C ASN B 93 -10.40 -10.18 -5.90
N THR B 94 -9.58 -9.58 -6.77
CA THR B 94 -8.52 -8.68 -6.32
C THR B 94 -9.11 -7.37 -5.81
N GLN B 95 -10.22 -6.93 -6.41
CA GLN B 95 -10.82 -5.65 -6.05
C GLN B 95 -11.45 -5.74 -4.65
N LYS B 96 -11.90 -6.93 -4.24
CA LYS B 96 -12.48 -7.10 -2.92
C LYS B 96 -11.38 -6.95 -1.87
N TYR B 97 -10.21 -7.54 -2.15
CA TYR B 97 -9.08 -7.44 -1.24
C TYR B 97 -8.56 -6.00 -1.20
N PHE B 98 -8.41 -5.39 -2.37
CA PHE B 98 -7.87 -4.04 -2.50
C PHE B 98 -8.78 -3.02 -1.83
N VAL B 99 -10.10 -3.20 -1.92
CA VAL B 99 -11.04 -2.28 -1.29
C VAL B 99 -10.98 -2.43 0.24
N ILE B 100 -10.91 -3.67 0.73
CA ILE B 100 -10.91 -3.92 2.16
C ILE B 100 -9.61 -3.43 2.81
N THR B 101 -8.47 -3.71 2.18
CA THR B 101 -7.17 -3.40 2.77
C THR B 101 -6.93 -1.90 2.81
N LEU B 102 -7.25 -1.19 1.72
CA LEU B 102 -7.04 0.25 1.71
C LEU B 102 -8.09 0.94 2.57
N SER B 103 -9.30 0.40 2.66
CA SER B 103 -10.34 1.00 3.48
C SER B 103 -9.93 0.99 4.95
N LYS B 104 -9.37 -0.15 5.41
CA LYS B 104 -8.99 -0.29 6.80
C LYS B 104 -7.66 0.42 7.09
N ALA B 105 -6.70 0.30 6.16
CA ALA B 105 -5.40 0.92 6.33
C ALA B 105 -5.54 2.44 6.29
N TRP B 106 -6.46 2.95 5.47
CA TRP B 106 -6.69 4.38 5.39
C TRP B 106 -7.38 4.89 6.64
N SER B 107 -8.27 4.09 7.21
CA SER B 107 -8.98 4.48 8.42
C SER B 107 -8.00 4.61 9.59
N VAL B 108 -6.93 3.81 9.59
CA VAL B 108 -5.93 3.84 10.64
C VAL B 108 -5.04 5.07 10.50
N VAL B 109 -4.72 5.47 9.26
CA VAL B 109 -3.86 6.62 9.04
C VAL B 109 -4.63 7.92 9.24
N LYS B 110 -5.85 8.02 8.69
CA LYS B 110 -6.60 9.26 8.79
C LYS B 110 -6.95 9.56 10.24
N LYS B 111 -7.21 8.53 11.05
CA LYS B 111 -7.53 8.76 12.46
C LYS B 111 -6.25 9.08 13.23
N TYR B 112 -5.09 8.70 12.70
CA TYR B 112 -3.83 9.01 13.33
C TYR B 112 -3.44 10.47 13.09
N LEU B 113 -3.80 11.03 11.93
CA LEU B 113 -3.47 12.40 11.61
C LEU B 113 -4.61 13.36 11.99
N GLU B 114 -5.72 12.79 12.48
CA GLU B 114 -6.83 13.56 13.02
C GLU B 114 -6.46 14.16 14.38
N ALA B 115 -7.22 15.16 14.82
CA ALA B 115 -6.99 15.84 16.09
C ALA B 115 -8.29 16.42 16.62
N THR B 1 -19.87 -2.74 -4.49
CA THR B 1 -18.41 -3.00 -4.45
C THR B 1 -17.64 -1.99 -5.29
N VAL B 2 -18.06 -1.75 -6.54
CA VAL B 2 -17.37 -0.81 -7.43
C VAL B 2 -17.51 0.62 -6.90
N VAL B 3 -18.66 0.94 -6.31
CA VAL B 3 -18.91 2.27 -5.76
C VAL B 3 -18.07 2.49 -4.50
N GLU B 4 -17.72 1.40 -3.80
CA GLU B 4 -16.93 1.50 -2.58
C GLU B 4 -15.50 1.91 -2.93
N PHE B 5 -15.00 1.44 -4.07
CA PHE B 5 -13.70 1.86 -4.58
C PHE B 5 -13.79 3.30 -5.09
N GLU B 6 -14.93 3.66 -5.68
CA GLU B 6 -15.09 4.98 -6.30
C GLU B 6 -15.05 6.09 -5.25
N GLU B 7 -15.66 5.86 -4.08
CA GLU B 7 -15.67 6.86 -3.02
C GLU B 7 -14.35 6.85 -2.25
N LEU B 8 -13.81 5.65 -2.03
CA LEU B 8 -12.59 5.49 -1.25
C LEU B 8 -11.41 6.09 -2.02
N ARG B 9 -11.28 5.78 -3.32
CA ARG B 9 -10.15 6.28 -4.10
C ARG B 9 -10.21 7.80 -4.23
N LYS B 10 -11.41 8.37 -4.20
CA LYS B 10 -11.58 9.81 -4.32
C LYS B 10 -10.97 10.51 -3.12
N GLU B 11 -11.14 9.94 -1.93
CA GLU B 11 -10.61 10.55 -0.72
C GLU B 11 -9.12 10.29 -0.59
N LEU B 12 -8.62 9.19 -1.17
CA LEU B 12 -7.20 8.90 -1.13
C LEU B 12 -6.44 9.82 -2.09
N VAL B 13 -7.01 10.09 -3.26
CA VAL B 13 -6.37 10.91 -4.27
C VAL B 13 -6.34 12.38 -3.84
N LYS B 14 -7.37 12.83 -3.09
CA LYS B 14 -7.41 14.21 -2.63
C LYS B 14 -6.43 14.41 -1.47
N ARG B 15 -5.97 13.32 -0.86
CA ARG B 15 -4.99 13.37 0.23
C ARG B 15 -3.59 12.99 -0.27
N ASP B 16 -3.47 12.56 -1.52
CA ASP B 16 -2.20 12.09 -2.07
C ASP B 16 -1.22 13.24 -2.29
N SER B 17 0.08 12.92 -2.39
CA SER B 17 1.12 13.90 -2.72
C SER B 17 1.11 14.19 -4.22
N GLY B 18 0.43 13.36 -5.01
CA GLY B 18 0.29 13.56 -6.45
C GLY B 18 1.50 13.06 -7.22
N LYS B 19 2.47 12.43 -6.53
CA LYS B 19 3.69 11.97 -7.18
C LYS B 19 3.48 10.58 -7.78
N PRO B 20 4.15 10.26 -8.91
CA PRO B 20 4.12 8.94 -9.49
C PRO B 20 4.90 7.96 -8.61
N VAL B 21 4.66 6.66 -8.80
CA VAL B 21 5.23 5.62 -7.94
C VAL B 21 6.77 5.62 -8.01
N GLU B 22 7.32 6.09 -9.14
CA GLU B 22 8.75 6.11 -9.33
C GLU B 22 9.43 7.05 -8.33
N LYS B 23 8.65 7.97 -7.75
CA LYS B 23 9.16 8.89 -6.73
C LYS B 23 9.09 8.25 -5.35
N ILE B 24 8.22 7.25 -5.16
CA ILE B 24 8.02 6.64 -3.86
C ILE B 24 9.26 5.84 -3.48
N LYS B 25 9.75 4.99 -4.39
CA LYS B 25 10.92 4.18 -4.06
C LYS B 25 12.21 4.98 -4.21
N GLU B 26 12.18 6.06 -5.00
CA GLU B 26 13.38 6.86 -5.22
C GLU B 26 13.70 7.70 -3.98
N GLU B 27 12.66 8.21 -3.31
CA GLU B 27 12.84 9.07 -2.15
C GLU B 27 12.99 8.26 -0.86
N ILE B 28 12.50 7.02 -0.85
CA ILE B 28 12.55 6.20 0.36
C ILE B 28 13.77 5.27 0.34
N CYS B 29 14.09 4.67 -0.81
CA CYS B 29 15.16 3.68 -0.90
C CYS B 29 16.54 4.34 -0.77
N THR B 30 16.59 5.68 -0.91
CA THR B 30 17.84 6.43 -0.76
C THR B 30 18.08 6.82 0.70
N LYS B 31 17.04 6.79 1.52
CA LYS B 31 17.13 7.14 2.93
C LYS B 31 17.66 5.96 3.74
N SER B 32 17.68 6.09 5.07
CA SER B 32 18.21 5.06 5.95
C SER B 32 17.16 4.55 6.96
N PRO B 33 15.92 4.26 6.54
CA PRO B 33 14.93 3.62 7.39
C PRO B 33 15.37 2.19 7.69
N PRO B 34 14.66 1.48 8.59
CA PRO B 34 14.98 0.11 8.94
C PRO B 34 15.09 -0.75 7.69
N LYS B 35 16.04 -1.70 7.70
CA LYS B 35 16.37 -2.49 6.53
C LYS B 35 15.17 -3.34 6.08
N LEU B 36 14.21 -3.58 6.97
CA LEU B 36 13.05 -4.39 6.67
C LEU B 36 12.15 -3.64 5.68
N ILE B 37 11.63 -2.48 6.11
CA ILE B 37 10.72 -1.70 5.28
C ILE B 37 11.45 -1.13 4.07
N LYS B 38 12.77 -0.89 4.19
CA LYS B 38 13.54 -0.32 3.11
C LYS B 38 13.62 -1.30 1.94
N GLU B 39 13.90 -2.57 2.22
CA GLU B 39 14.09 -3.55 1.17
C GLU B 39 12.77 -3.82 0.44
N ILE B 40 11.64 -3.67 1.15
CA ILE B 40 10.33 -3.88 0.55
C ILE B 40 10.01 -2.73 -0.42
N ILE B 41 10.39 -1.50 -0.07
CA ILE B 41 10.14 -0.34 -0.93
C ILE B 41 11.13 -0.28 -2.07
N CYS B 42 12.36 -0.77 -1.86
CA CYS B 42 13.34 -0.87 -2.93
C CYS B 42 12.92 -1.96 -3.93
N GLU B 43 11.76 -2.58 -3.69
CA GLU B 43 11.17 -3.59 -4.55
C GLU B 43 12.09 -4.82 -4.73
N ASN B 44 13.05 -5.01 -3.81
CA ASN B 44 13.94 -6.16 -3.87
C ASN B 44 13.27 -7.40 -3.28
N LYS B 45 12.31 -7.19 -2.36
CA LYS B 45 11.61 -8.27 -1.68
C LYS B 45 10.14 -7.90 -1.50
N THR B 46 9.37 -8.78 -0.82
CA THR B 46 7.94 -8.53 -0.61
C THR B 46 7.46 -9.12 0.72
N TYR B 47 7.97 -10.28 1.13
CA TYR B 47 7.65 -10.84 2.44
C TYR B 47 8.66 -11.90 2.86
N ALA B 48 9.30 -12.57 1.89
CA ALA B 48 10.21 -13.67 2.18
C ALA B 48 11.47 -13.18 2.92
N ASP B 49 11.76 -11.87 2.84
CA ASP B 49 12.93 -11.30 3.48
C ASP B 49 12.80 -11.37 4.99
N VAL B 50 11.58 -11.18 5.50
CA VAL B 50 11.29 -11.20 6.94
C VAL B 50 10.40 -12.39 7.30
N ASN B 51 10.12 -13.26 6.33
CA ASN B 51 9.29 -14.45 6.52
C ASN B 51 7.90 -14.10 7.09
N ILE B 52 7.42 -12.89 6.82
CA ILE B 52 6.13 -12.42 7.33
C ILE B 52 5.00 -12.92 6.42
N ASP B 53 3.77 -12.86 6.93
CA ASP B 53 2.58 -13.17 6.14
C ASP B 53 2.43 -12.16 5.00
N ARG B 54 1.90 -12.62 3.87
CA ARG B 54 1.83 -11.80 2.66
C ARG B 54 0.92 -10.60 2.90
N SER B 55 -0.17 -10.79 3.65
CA SER B 55 -1.09 -9.72 3.94
C SER B 55 -0.47 -8.69 4.86
N ARG B 56 0.29 -9.14 5.86
CA ARG B 56 0.87 -8.22 6.83
C ARG B 56 2.01 -7.45 6.19
N GLY B 57 2.73 -8.08 5.26
CA GLY B 57 3.79 -7.39 4.52
C GLY B 57 3.18 -6.25 3.69
N ASP B 58 1.97 -6.45 3.17
CA ASP B 58 1.30 -5.41 2.39
C ASP B 58 0.61 -4.40 3.31
N TRP B 59 0.27 -4.82 4.53
CA TRP B 59 -0.36 -3.94 5.50
C TRP B 59 0.65 -2.93 6.04
N HIS B 60 1.83 -3.40 6.43
CA HIS B 60 2.87 -2.53 6.98
C HIS B 60 3.41 -1.57 5.93
N VAL B 61 3.55 -2.01 4.68
CA VAL B 61 4.12 -1.15 3.65
C VAL B 61 3.12 -0.07 3.22
N ILE B 62 1.82 -0.39 3.20
CA ILE B 62 0.80 0.57 2.80
C ILE B 62 0.64 1.63 3.87
N LEU B 63 0.71 1.25 5.14
CA LEU B 63 0.63 2.21 6.24
C LEU B 63 1.88 3.10 6.24
N TYR B 64 3.03 2.53 5.85
CA TYR B 64 4.29 3.24 5.93
C TYR B 64 4.38 4.33 4.87
N LEU B 65 4.03 4.01 3.62
CA LEU B 65 4.07 5.01 2.57
C LEU B 65 3.01 6.09 2.79
N MET B 66 1.98 5.78 3.60
CA MET B 66 0.99 6.78 3.97
C MET B 66 1.54 7.74 5.03
N LYS B 67 2.58 7.33 5.77
CA LYS B 67 3.24 8.23 6.71
C LYS B 67 4.07 9.25 5.93
N HIS B 68 4.55 8.86 4.75
CA HIS B 68 5.25 9.76 3.83
C HIS B 68 4.27 10.65 3.06
N GLY B 69 2.97 10.52 3.33
CA GLY B 69 1.94 11.38 2.76
C GLY B 69 1.38 10.84 1.45
N VAL B 70 2.01 9.82 0.86
CA VAL B 70 1.52 9.22 -0.37
C VAL B 70 0.28 8.38 -0.03
N THR B 71 -0.81 8.55 -0.78
CA THR B 71 -2.08 7.97 -0.38
C THR B 71 -2.87 7.39 -1.56
N ASP B 72 -2.59 7.86 -2.78
CA ASP B 72 -3.32 7.44 -3.98
C ASP B 72 -3.23 5.92 -4.18
N PRO B 73 -4.36 5.23 -4.38
CA PRO B 73 -4.42 3.78 -4.55
C PRO B 73 -3.76 3.31 -5.85
N ASP B 74 -3.52 4.21 -6.80
CA ASP B 74 -2.98 3.81 -8.09
C ASP B 74 -1.57 3.23 -7.93
N LYS B 75 -0.79 3.75 -6.97
CA LYS B 75 0.55 3.24 -6.75
C LYS B 75 0.54 2.03 -5.80
N ILE B 76 -0.49 1.90 -4.96
CA ILE B 76 -0.63 0.71 -4.12
C ILE B 76 -0.84 -0.51 -5.02
N LEU B 77 -1.70 -0.37 -6.03
CA LEU B 77 -2.00 -1.46 -6.94
C LEU B 77 -0.81 -1.73 -7.87
N GLU B 78 -0.03 -0.70 -8.18
CA GLU B 78 1.10 -0.85 -9.08
C GLU B 78 2.29 -1.52 -8.39
N LEU B 79 2.48 -1.28 -7.09
CA LEU B 79 3.58 -1.88 -6.36
C LEU B 79 3.16 -3.23 -5.74
N LEU B 80 1.89 -3.60 -5.88
CA LEU B 80 1.36 -4.81 -5.29
C LEU B 80 2.14 -6.03 -5.79
N PRO B 81 2.65 -6.87 -4.88
CA PRO B 81 3.48 -8.01 -5.23
C PRO B 81 2.65 -9.11 -5.88
N ARG B 82 3.27 -9.85 -6.81
CA ARG B 82 2.61 -10.93 -7.52
C ARG B 82 2.57 -12.23 -6.70
N ASP B 83 3.21 -12.25 -5.54
CA ASP B 83 3.13 -13.42 -4.66
C ASP B 83 1.89 -13.35 -3.77
N SER B 84 1.20 -12.21 -3.75
CA SER B 84 -0.01 -12.05 -2.95
C SER B 84 -1.16 -12.86 -3.53
N LYS B 85 -2.20 -13.08 -2.72
CA LYS B 85 -3.39 -13.81 -3.17
C LYS B 85 -4.12 -13.02 -4.25
N ALA B 86 -3.73 -11.75 -4.44
CA ALA B 86 -4.29 -10.89 -5.47
C ALA B 86 -3.86 -11.36 -6.87
N LYS B 87 -3.06 -12.43 -6.95
CA LYS B 87 -2.57 -12.95 -8.22
C LYS B 87 -3.66 -13.68 -9.00
N GLU B 88 -4.59 -14.35 -8.30
CA GLU B 88 -5.63 -15.13 -8.97
C GLU B 88 -6.97 -15.03 -8.25
N ASN B 89 -6.97 -15.21 -6.91
CA ASN B 89 -8.21 -15.19 -6.14
C ASN B 89 -9.29 -16.07 -6.77
N GLU B 90 -9.04 -17.37 -6.90
CA GLU B 90 -10.00 -18.29 -7.50
C GLU B 90 -11.25 -18.40 -6.62
N LYS B 91 -11.13 -18.01 -5.34
CA LYS B 91 -12.22 -18.12 -4.38
C LYS B 91 -12.44 -16.76 -3.69
N TRP B 92 -12.01 -15.68 -4.36
CA TRP B 92 -12.04 -14.34 -3.82
C TRP B 92 -12.16 -13.34 -4.99
N ASN B 93 -12.04 -12.05 -4.69
CA ASN B 93 -11.99 -11.02 -5.72
C ASN B 93 -10.87 -10.04 -5.38
N THR B 94 -10.08 -9.64 -6.38
CA THR B 94 -8.93 -8.80 -6.14
C THR B 94 -9.37 -7.39 -5.76
N GLN B 95 -10.52 -6.94 -6.27
CA GLN B 95 -11.03 -5.62 -5.92
C GLN B 95 -11.60 -5.63 -4.50
N LYS B 96 -12.10 -6.79 -4.04
CA LYS B 96 -12.61 -6.90 -2.69
C LYS B 96 -11.45 -6.81 -1.71
N TYR B 97 -10.33 -7.44 -2.05
CA TYR B 97 -9.14 -7.40 -1.21
C TYR B 97 -8.56 -5.99 -1.19
N PHE B 98 -8.46 -5.36 -2.36
CA PHE B 98 -7.90 -4.04 -2.48
C PHE B 98 -8.76 -3.00 -1.74
N VAL B 99 -10.09 -3.12 -1.83
CA VAL B 99 -10.97 -2.17 -1.16
C VAL B 99 -10.88 -2.34 0.36
N ILE B 100 -10.84 -3.58 0.83
CA ILE B 100 -10.83 -3.86 2.25
C ILE B 100 -9.49 -3.42 2.88
N THR B 101 -8.38 -3.76 2.23
CA THR B 101 -7.07 -3.49 2.80
C THR B 101 -6.81 -1.98 2.88
N LEU B 102 -7.17 -1.24 1.83
CA LEU B 102 -6.94 0.21 1.83
C LEU B 102 -7.98 0.92 2.69
N SER B 103 -9.20 0.38 2.80
CA SER B 103 -10.23 1.01 3.60
C SER B 103 -9.83 0.97 5.07
N LYS B 104 -9.26 -0.15 5.52
CA LYS B 104 -8.83 -0.29 6.90
C LYS B 104 -7.50 0.41 7.14
N ALA B 105 -6.57 0.33 6.19
CA ALA B 105 -5.26 0.95 6.34
C ALA B 105 -5.40 2.47 6.32
N TRP B 106 -6.31 2.99 5.49
CA TRP B 106 -6.56 4.42 5.41
C TRP B 106 -7.27 4.90 6.66
N SER B 107 -8.16 4.07 7.23
CA SER B 107 -8.89 4.44 8.43
C SER B 107 -7.92 4.62 9.59
N VAL B 108 -6.86 3.80 9.65
CA VAL B 108 -5.88 3.86 10.71
C VAL B 108 -5.00 5.11 10.57
N VAL B 109 -4.69 5.50 9.33
CA VAL B 109 -3.83 6.66 9.11
C VAL B 109 -4.61 7.95 9.32
N LYS B 110 -5.83 8.03 8.79
CA LYS B 110 -6.60 9.27 8.89
C LYS B 110 -6.97 9.57 10.34
N LYS B 111 -7.16 8.54 11.16
CA LYS B 111 -7.46 8.73 12.57
C LYS B 111 -6.18 9.05 13.35
N TYR B 112 -5.02 8.70 12.79
CA TYR B 112 -3.74 9.03 13.41
C TYR B 112 -3.37 10.49 13.14
N LEU B 113 -3.85 11.06 12.03
CA LEU B 113 -3.51 12.43 11.66
C LEU B 113 -4.68 13.40 11.89
N GLU B 114 -5.81 12.90 12.41
CA GLU B 114 -6.96 13.75 12.69
C GLU B 114 -6.60 14.84 13.71
N ALA B 115 -7.39 15.92 13.72
CA ALA B 115 -7.17 17.04 14.63
C ALA B 115 -8.48 17.78 14.88
N THR B 1 -19.58 -3.12 -4.61
CA THR B 1 -18.13 -3.12 -4.31
C THR B 1 -17.42 -1.95 -4.98
N VAL B 2 -17.70 -1.74 -6.27
CA VAL B 2 -17.02 -0.69 -7.04
C VAL B 2 -17.32 0.70 -6.47
N VAL B 3 -18.49 0.88 -5.84
CA VAL B 3 -18.85 2.16 -5.24
C VAL B 3 -17.98 2.43 -4.01
N GLU B 4 -17.43 1.39 -3.39
CA GLU B 4 -16.55 1.55 -2.24
C GLU B 4 -15.16 1.98 -2.72
N PHE B 5 -14.74 1.48 -3.87
CA PHE B 5 -13.48 1.93 -4.48
C PHE B 5 -13.66 3.36 -4.97
N GLU B 6 -14.87 3.73 -5.39
CA GLU B 6 -15.14 5.05 -5.92
C GLU B 6 -15.05 6.12 -4.83
N GLU B 7 -15.53 5.82 -3.61
CA GLU B 7 -15.47 6.81 -2.54
C GLU B 7 -14.07 6.85 -1.91
N LEU B 8 -13.35 5.71 -1.93
CA LEU B 8 -12.00 5.65 -1.39
C LEU B 8 -11.04 6.37 -2.32
N ARG B 9 -11.05 6.02 -3.61
CA ARG B 9 -10.09 6.61 -4.54
C ARG B 9 -10.25 8.12 -4.62
N LYS B 10 -11.44 8.64 -4.30
CA LYS B 10 -11.68 10.07 -4.31
C LYS B 10 -10.99 10.72 -3.12
N GLU B 11 -11.09 10.11 -1.94
CA GLU B 11 -10.48 10.67 -0.75
C GLU B 11 -8.98 10.41 -0.72
N LEU B 12 -8.54 9.30 -1.34
CA LEU B 12 -7.13 8.94 -1.38
C LEU B 12 -6.38 9.86 -2.33
N VAL B 13 -7.02 10.27 -3.43
CA VAL B 13 -6.38 11.14 -4.39
C VAL B 13 -6.36 12.59 -3.89
N LYS B 14 -7.37 12.99 -3.12
CA LYS B 14 -7.43 14.36 -2.64
C LYS B 14 -6.41 14.64 -1.53
N ARG B 15 -5.89 13.59 -0.87
CA ARG B 15 -4.88 13.78 0.16
C ARG B 15 -3.49 13.33 -0.30
N ASP B 16 -3.37 12.85 -1.55
CA ASP B 16 -2.11 12.40 -2.10
C ASP B 16 -1.17 13.59 -2.37
N SER B 17 0.14 13.34 -2.40
CA SER B 17 1.13 14.34 -2.75
C SER B 17 1.19 14.51 -4.27
N GLY B 18 0.55 13.58 -5.00
CA GLY B 18 0.43 13.63 -6.45
C GLY B 18 1.65 13.05 -7.17
N LYS B 19 2.58 12.46 -6.42
CA LYS B 19 3.80 11.92 -7.00
C LYS B 19 3.55 10.52 -7.55
N PRO B 20 4.20 10.16 -8.67
CA PRO B 20 4.16 8.82 -9.23
C PRO B 20 4.96 7.86 -8.33
N VAL B 21 4.70 6.56 -8.46
CA VAL B 21 5.29 5.55 -7.60
C VAL B 21 6.81 5.54 -7.67
N GLU B 22 7.36 5.98 -8.81
CA GLU B 22 8.80 5.99 -9.02
C GLU B 22 9.48 6.95 -8.05
N LYS B 23 8.72 7.89 -7.48
CA LYS B 23 9.26 8.83 -6.51
C LYS B 23 9.21 8.22 -5.11
N ILE B 24 8.30 7.27 -4.88
CA ILE B 24 8.09 6.71 -3.55
C ILE B 24 9.29 5.87 -3.15
N LYS B 25 9.79 5.02 -4.05
CA LYS B 25 10.95 4.20 -3.70
C LYS B 25 12.24 5.01 -3.79
N GLU B 26 12.24 6.08 -4.57
CA GLU B 26 13.43 6.91 -4.73
C GLU B 26 13.68 7.76 -3.49
N GLU B 27 12.61 8.27 -2.87
CA GLU B 27 12.74 9.15 -1.72
C GLU B 27 12.83 8.36 -0.41
N ILE B 28 12.34 7.12 -0.39
CA ILE B 28 12.34 6.31 0.83
C ILE B 28 13.61 5.46 0.92
N CYS B 29 14.03 4.83 -0.18
CA CYS B 29 15.16 3.91 -0.14
C CYS B 29 16.48 4.66 0.10
N THR B 30 16.52 5.95 -0.25
CA THR B 30 17.73 6.75 -0.08
C THR B 30 17.93 7.17 1.38
N LYS B 31 16.88 7.10 2.19
CA LYS B 31 16.96 7.42 3.62
C LYS B 31 17.53 6.23 4.40
N SER B 32 17.72 5.10 3.71
CA SER B 32 18.22 3.87 4.32
C SER B 32 17.45 3.51 5.59
N PRO B 33 16.11 3.37 5.49
CA PRO B 33 15.26 2.93 6.58
C PRO B 33 15.57 1.47 6.94
N PRO B 34 14.95 0.92 7.99
CA PRO B 34 15.11 -0.47 8.36
C PRO B 34 14.89 -1.38 7.15
N LYS B 35 15.57 -2.54 7.15
CA LYS B 35 15.62 -3.39 5.97
C LYS B 35 14.22 -3.83 5.53
N LEU B 36 13.27 -3.89 6.46
CA LEU B 36 11.91 -4.29 6.15
C LEU B 36 11.28 -3.31 5.17
N ILE B 37 11.42 -2.00 5.44
CA ILE B 37 10.84 -0.99 4.57
C ILE B 37 11.73 -0.73 3.37
N LYS B 38 13.06 -0.76 3.56
CA LYS B 38 14.00 -0.42 2.51
C LYS B 38 13.91 -1.43 1.37
N GLU B 39 13.85 -2.72 1.70
CA GLU B 39 13.88 -3.78 0.70
C GLU B 39 12.52 -3.96 0.05
N ILE B 40 11.43 -3.75 0.80
CA ILE B 40 10.09 -3.95 0.27
C ILE B 40 9.63 -2.77 -0.57
N ILE B 41 9.98 -1.54 -0.19
CA ILE B 41 9.56 -0.36 -0.94
C ILE B 41 10.28 -0.31 -2.28
N CYS B 42 11.57 -0.70 -2.32
CA CYS B 42 12.30 -0.78 -3.58
C CYS B 42 11.99 -2.08 -4.34
N GLU B 43 10.92 -2.77 -3.93
CA GLU B 43 10.37 -3.92 -4.65
C GLU B 43 11.37 -5.04 -4.87
N ASN B 44 12.47 -5.07 -4.11
CA ASN B 44 13.47 -6.12 -4.24
C ASN B 44 12.95 -7.43 -3.64
N LYS B 45 12.02 -7.33 -2.70
CA LYS B 45 11.40 -8.49 -2.03
C LYS B 45 9.93 -8.16 -1.77
N THR B 46 9.22 -9.00 -1.01
CA THR B 46 7.80 -8.79 -0.76
C THR B 46 7.36 -9.33 0.60
N TYR B 47 7.91 -10.46 1.03
CA TYR B 47 7.62 -11.00 2.35
C TYR B 47 8.68 -11.99 2.82
N ALA B 48 9.34 -12.67 1.87
CA ALA B 48 10.33 -13.69 2.18
C ALA B 48 11.58 -13.11 2.83
N ASP B 49 11.79 -11.80 2.69
CA ASP B 49 12.96 -11.14 3.27
C ASP B 49 12.91 -11.19 4.79
N VAL B 50 11.71 -10.95 5.35
CA VAL B 50 11.51 -10.90 6.78
C VAL B 50 10.63 -12.06 7.26
N ASN B 51 10.34 -13.02 6.37
CA ASN B 51 9.54 -14.20 6.69
C ASN B 51 8.17 -13.82 7.27
N ILE B 52 7.64 -12.65 6.92
CA ILE B 52 6.35 -12.19 7.41
C ILE B 52 5.22 -12.77 6.55
N ASP B 53 4.00 -12.73 7.08
CA ASP B 53 2.81 -13.07 6.30
C ASP B 53 2.66 -12.09 5.14
N ARG B 54 2.24 -12.57 3.97
CA ARG B 54 2.25 -11.75 2.77
C ARG B 54 1.17 -10.68 2.85
N SER B 55 0.07 -10.95 3.56
CA SER B 55 -0.94 -9.93 3.78
C SER B 55 -0.39 -8.85 4.71
N ARG B 56 0.34 -9.24 5.76
CA ARG B 56 0.87 -8.27 6.72
C ARG B 56 1.98 -7.46 6.07
N GLY B 57 2.74 -8.05 5.16
CA GLY B 57 3.78 -7.34 4.44
C GLY B 57 3.18 -6.20 3.63
N ASP B 58 1.97 -6.40 3.07
CA ASP B 58 1.31 -5.36 2.30
C ASP B 58 0.62 -4.36 3.23
N TRP B 59 0.29 -4.79 4.46
CA TRP B 59 -0.35 -3.92 5.43
C TRP B 59 0.65 -2.89 5.96
N HIS B 60 1.83 -3.35 6.40
CA HIS B 60 2.83 -2.48 6.99
C HIS B 60 3.45 -1.54 5.95
N VAL B 61 3.57 -1.97 4.70
CA VAL B 61 4.18 -1.12 3.67
C VAL B 61 3.22 -0.03 3.24
N ILE B 62 1.91 -0.33 3.16
CA ILE B 62 0.91 0.66 2.75
C ILE B 62 0.76 1.72 3.83
N LEU B 63 0.83 1.32 5.11
CA LEU B 63 0.70 2.25 6.21
C LEU B 63 1.90 3.18 6.26
N TYR B 64 3.09 2.68 5.95
CA TYR B 64 4.32 3.44 6.11
C TYR B 64 4.41 4.56 5.08
N LEU B 65 4.14 4.25 3.81
CA LEU B 65 4.22 5.26 2.77
C LEU B 65 3.12 6.31 2.96
N MET B 66 2.05 5.97 3.71
CA MET B 66 1.03 6.94 4.04
C MET B 66 1.51 7.89 5.15
N LYS B 67 2.49 7.49 5.96
CA LYS B 67 3.09 8.40 6.94
C LYS B 67 3.92 9.45 6.22
N HIS B 68 4.45 9.12 5.03
CA HIS B 68 5.14 10.09 4.19
C HIS B 68 4.13 11.03 3.49
N GLY B 69 2.84 10.87 3.78
CA GLY B 69 1.79 11.71 3.24
C GLY B 69 1.41 11.29 1.81
N VAL B 70 2.05 10.25 1.28
CA VAL B 70 1.71 9.74 -0.05
C VAL B 70 0.45 8.89 0.05
N THR B 71 -0.42 9.00 -0.97
CA THR B 71 -1.70 8.32 -0.98
C THR B 71 -2.03 7.89 -2.43
N ASP B 72 -3.30 7.93 -2.83
CA ASP B 72 -3.77 7.49 -4.16
C ASP B 72 -3.55 5.97 -4.38
N PRO B 73 -4.63 5.21 -4.63
CA PRO B 73 -4.58 3.77 -4.82
C PRO B 73 -3.87 3.36 -6.11
N ASP B 74 -3.62 4.29 -7.03
CA ASP B 74 -3.02 3.95 -8.31
C ASP B 74 -1.63 3.35 -8.12
N LYS B 75 -0.88 3.85 -7.13
CA LYS B 75 0.45 3.34 -6.86
C LYS B 75 0.38 2.10 -5.96
N ILE B 76 -0.70 1.97 -5.19
CA ILE B 76 -0.88 0.81 -4.31
C ILE B 76 -1.06 -0.45 -5.15
N LEU B 77 -1.84 -0.34 -6.23
CA LEU B 77 -2.09 -1.46 -7.12
C LEU B 77 -0.86 -1.71 -8.01
N GLU B 78 -0.11 -0.66 -8.34
CA GLU B 78 1.04 -0.78 -9.21
C GLU B 78 2.20 -1.50 -8.50
N LEU B 79 2.39 -1.26 -7.20
CA LEU B 79 3.50 -1.85 -6.47
C LEU B 79 3.11 -3.22 -5.88
N LEU B 80 1.86 -3.64 -6.08
CA LEU B 80 1.35 -4.88 -5.50
C LEU B 80 2.17 -6.08 -6.00
N PRO B 81 2.70 -6.91 -5.09
CA PRO B 81 3.50 -8.07 -5.44
C PRO B 81 2.64 -9.19 -6.03
N ARG B 82 3.23 -9.99 -6.92
CA ARG B 82 2.52 -11.10 -7.56
C ARG B 82 2.40 -12.30 -6.61
N ASP B 83 3.13 -12.29 -5.49
CA ASP B 83 3.01 -13.35 -4.49
C ASP B 83 1.80 -13.12 -3.60
N SER B 84 1.11 -11.98 -3.79
CA SER B 84 -0.11 -11.68 -3.06
C SER B 84 -1.22 -12.66 -3.45
N LYS B 85 -2.25 -12.77 -2.60
CA LYS B 85 -3.42 -13.60 -2.89
C LYS B 85 -4.22 -12.99 -4.03
N ALA B 86 -3.84 -11.77 -4.44
CA ALA B 86 -4.49 -11.04 -5.53
C ALA B 86 -4.12 -11.61 -6.91
N LYS B 87 -3.24 -12.62 -6.95
CA LYS B 87 -2.72 -13.16 -8.20
C LYS B 87 -3.75 -14.00 -8.94
N GLU B 88 -4.59 -14.75 -8.22
CA GLU B 88 -5.54 -15.68 -8.84
C GLU B 88 -6.88 -15.65 -8.13
N ASN B 89 -6.88 -15.53 -6.79
CA ASN B 89 -8.10 -15.44 -6.01
C ASN B 89 -9.08 -16.57 -6.35
N GLU B 90 -8.68 -17.84 -6.21
CA GLU B 90 -9.53 -18.95 -6.58
C GLU B 90 -10.80 -18.99 -5.72
N LYS B 91 -10.79 -18.29 -4.58
CA LYS B 91 -11.91 -18.27 -3.66
C LYS B 91 -12.17 -16.84 -3.16
N TRP B 92 -11.69 -15.85 -3.91
CA TRP B 92 -11.74 -14.44 -3.55
C TRP B 92 -11.85 -13.59 -4.81
N ASN B 93 -11.73 -12.27 -4.66
CA ASN B 93 -11.64 -11.35 -5.79
C ASN B 93 -10.59 -10.28 -5.49
N THR B 94 -9.88 -9.81 -6.51
CA THR B 94 -8.80 -8.85 -6.31
C THR B 94 -9.33 -7.53 -5.78
N GLN B 95 -10.50 -7.09 -6.28
CA GLN B 95 -11.07 -5.83 -5.87
C GLN B 95 -11.62 -5.92 -4.45
N LYS B 96 -12.03 -7.12 -4.02
CA LYS B 96 -12.53 -7.32 -2.67
C LYS B 96 -11.39 -7.14 -1.68
N TYR B 97 -10.21 -7.67 -2.01
CA TYR B 97 -9.03 -7.54 -1.17
C TYR B 97 -8.50 -6.12 -1.21
N PHE B 98 -8.47 -5.52 -2.40
CA PHE B 98 -7.94 -4.18 -2.57
C PHE B 98 -8.82 -3.14 -1.85
N VAL B 99 -10.15 -3.31 -1.91
CA VAL B 99 -11.05 -2.38 -1.25
C VAL B 99 -10.94 -2.53 0.27
N ILE B 100 -10.84 -3.76 0.77
CA ILE B 100 -10.79 -4.00 2.20
C ILE B 100 -9.47 -3.50 2.79
N THR B 101 -8.35 -3.82 2.14
CA THR B 101 -7.04 -3.49 2.69
C THR B 101 -6.81 -1.99 2.74
N LEU B 102 -7.19 -1.27 1.67
CA LEU B 102 -7.00 0.17 1.64
C LEU B 102 -8.03 0.87 2.51
N SER B 103 -9.25 0.34 2.61
CA SER B 103 -10.29 0.97 3.42
C SER B 103 -9.86 0.97 4.89
N LYS B 104 -9.28 -0.15 5.34
CA LYS B 104 -8.86 -0.31 6.72
C LYS B 104 -7.54 0.41 6.97
N ALA B 105 -6.59 0.31 6.03
CA ALA B 105 -5.28 0.93 6.20
C ALA B 105 -5.40 2.45 6.15
N TRP B 106 -6.29 2.96 5.29
CA TRP B 106 -6.48 4.39 5.15
C TRP B 106 -7.22 4.93 6.36
N SER B 107 -8.19 4.17 6.89
CA SER B 107 -8.97 4.61 8.03
C SER B 107 -8.11 4.76 9.26
N VAL B 108 -7.11 3.88 9.41
CA VAL B 108 -6.24 3.91 10.58
C VAL B 108 -5.27 5.08 10.51
N VAL B 109 -4.77 5.40 9.32
CA VAL B 109 -3.80 6.48 9.18
C VAL B 109 -4.49 7.83 9.17
N LYS B 110 -5.61 7.96 8.44
CA LYS B 110 -6.29 9.24 8.36
C LYS B 110 -6.76 9.66 9.75
N LYS B 111 -7.30 8.72 10.53
CA LYS B 111 -7.80 9.07 11.87
C LYS B 111 -6.63 9.39 12.79
N TYR B 112 -5.43 8.90 12.46
CA TYR B 112 -4.25 9.16 13.27
C TYR B 112 -3.68 10.55 12.98
N LEU B 113 -3.90 11.08 11.76
CA LEU B 113 -3.40 12.40 11.41
C LEU B 113 -4.52 13.46 11.49
N GLU B 114 -5.75 13.02 11.78
CA GLU B 114 -6.87 13.91 12.01
C GLU B 114 -6.81 14.51 13.41
N ALA B 115 -7.54 15.61 13.62
CA ALA B 115 -7.56 16.30 14.91
C ALA B 115 -8.86 17.07 15.07
N THR B 1 -18.92 -3.27 -4.36
CA THR B 1 -17.45 -3.21 -4.24
C THR B 1 -16.88 -2.03 -5.03
N VAL B 2 -17.35 -1.83 -6.26
CA VAL B 2 -16.83 -0.79 -7.14
C VAL B 2 -17.20 0.61 -6.64
N VAL B 3 -18.31 0.73 -5.91
CA VAL B 3 -18.75 2.03 -5.40
C VAL B 3 -17.92 2.40 -4.17
N GLU B 4 -17.49 1.40 -3.41
CA GLU B 4 -16.65 1.62 -2.25
C GLU B 4 -15.26 2.05 -2.70
N PHE B 5 -14.78 1.44 -3.80
CA PHE B 5 -13.53 1.84 -4.42
C PHE B 5 -13.65 3.28 -4.91
N GLU B 6 -14.83 3.67 -5.39
CA GLU B 6 -15.04 5.00 -5.95
C GLU B 6 -15.02 6.07 -4.85
N GLU B 7 -15.48 5.74 -3.64
CA GLU B 7 -15.45 6.66 -2.52
C GLU B 7 -14.03 6.76 -1.96
N LEU B 8 -13.33 5.64 -1.90
CA LEU B 8 -11.98 5.60 -1.37
C LEU B 8 -11.02 6.31 -2.32
N ARG B 9 -11.04 5.95 -3.61
CA ARG B 9 -10.10 6.49 -4.57
C ARG B 9 -10.25 8.01 -4.70
N LYS B 10 -11.42 8.54 -4.36
CA LYS B 10 -11.65 9.98 -4.41
C LYS B 10 -10.96 10.65 -3.23
N GLU B 11 -11.10 10.07 -2.03
CA GLU B 11 -10.53 10.66 -0.84
C GLU B 11 -9.03 10.41 -0.78
N LEU B 12 -8.57 9.29 -1.33
CA LEU B 12 -7.16 8.94 -1.32
C LEU B 12 -6.38 9.81 -2.28
N VAL B 13 -6.99 10.19 -3.41
CA VAL B 13 -6.31 11.03 -4.40
C VAL B 13 -6.34 12.49 -3.98
N LYS B 14 -7.37 12.92 -3.23
CA LYS B 14 -7.47 14.31 -2.82
C LYS B 14 -6.49 14.64 -1.69
N ARG B 15 -6.00 13.62 -0.98
CA ARG B 15 -5.01 13.84 0.08
C ARG B 15 -3.61 13.38 -0.32
N ASP B 16 -3.46 12.88 -1.55
CA ASP B 16 -2.17 12.40 -2.05
C ASP B 16 -1.22 13.56 -2.33
N SER B 17 0.08 13.28 -2.34
CA SER B 17 1.11 14.25 -2.68
C SER B 17 1.12 14.50 -4.19
N GLY B 18 0.45 13.63 -4.95
CA GLY B 18 0.37 13.72 -6.39
C GLY B 18 1.59 13.10 -7.08
N LYS B 19 2.54 12.58 -6.30
CA LYS B 19 3.75 11.98 -6.85
C LYS B 19 3.46 10.58 -7.40
N PRO B 20 4.05 10.22 -8.54
CA PRO B 20 3.97 8.88 -9.10
C PRO B 20 4.77 7.90 -8.25
N VAL B 21 4.52 6.60 -8.41
CA VAL B 21 5.11 5.56 -7.57
C VAL B 21 6.63 5.55 -7.70
N GLU B 22 7.16 6.00 -8.84
CA GLU B 22 8.59 5.99 -9.08
C GLU B 22 9.31 6.92 -8.11
N LYS B 23 8.57 7.88 -7.53
CA LYS B 23 9.15 8.79 -6.55
C LYS B 23 9.14 8.17 -5.16
N ILE B 24 8.24 7.20 -4.92
CA ILE B 24 8.08 6.63 -3.59
C ILE B 24 9.30 5.78 -3.24
N LYS B 25 9.76 4.92 -4.16
CA LYS B 25 10.93 4.12 -3.86
C LYS B 25 12.21 4.94 -4.03
N GLU B 26 12.18 5.99 -4.84
CA GLU B 26 13.37 6.79 -5.06
C GLU B 26 13.68 7.64 -3.82
N GLU B 27 12.65 8.14 -3.14
CA GLU B 27 12.83 9.01 -1.99
C GLU B 27 13.00 8.20 -0.69
N ILE B 28 12.54 6.95 -0.67
CA ILE B 28 12.64 6.11 0.53
C ILE B 28 13.89 5.24 0.50
N CYS B 29 14.30 4.75 -0.68
CA CYS B 29 15.45 3.83 -0.76
C CYS B 29 16.78 4.56 -0.52
N THR B 30 16.75 5.91 -0.53
CA THR B 30 17.94 6.70 -0.20
C THR B 30 18.02 6.92 1.31
N LYS B 31 16.93 6.64 2.04
CA LYS B 31 16.88 6.77 3.49
C LYS B 31 17.46 5.51 4.14
N SER B 32 17.33 5.40 5.47
CA SER B 32 17.83 4.24 6.21
C SER B 32 16.72 3.65 7.09
N PRO B 33 15.59 3.23 6.50
CA PRO B 33 14.47 2.65 7.22
C PRO B 33 14.81 1.24 7.71
N PRO B 34 13.96 0.65 8.55
CA PRO B 34 14.10 -0.72 9.01
C PRO B 34 14.18 -1.70 7.84
N LYS B 35 14.76 -2.87 8.08
CA LYS B 35 14.99 -3.86 7.03
C LYS B 35 13.67 -4.29 6.37
N LEU B 36 12.57 -4.24 7.12
CA LEU B 36 11.27 -4.62 6.60
C LEU B 36 10.85 -3.64 5.50
N ILE B 37 10.93 -2.35 5.77
CA ILE B 37 10.50 -1.33 4.82
C ILE B 37 11.53 -1.17 3.72
N LYS B 38 12.82 -1.37 4.03
CA LYS B 38 13.89 -1.12 3.08
C LYS B 38 13.82 -2.06 1.88
N GLU B 39 13.73 -3.37 2.13
CA GLU B 39 13.73 -4.34 1.05
C GLU B 39 12.37 -4.39 0.35
N ILE B 40 11.28 -4.07 1.06
CA ILE B 40 9.94 -4.17 0.48
C ILE B 40 9.62 -2.95 -0.39
N ILE B 41 10.05 -1.75 0.00
CA ILE B 41 9.77 -0.55 -0.79
C ILE B 41 10.63 -0.53 -2.04
N CYS B 42 11.87 -1.01 -1.94
CA CYS B 42 12.81 -0.99 -3.06
C CYS B 42 12.52 -2.16 -4.01
N GLU B 43 11.37 -2.82 -3.83
CA GLU B 43 10.85 -3.84 -4.74
C GLU B 43 11.80 -5.03 -4.89
N ASN B 44 12.77 -5.19 -3.98
CA ASN B 44 13.69 -6.31 -4.02
C ASN B 44 13.01 -7.56 -3.43
N LYS B 45 12.02 -7.37 -2.57
CA LYS B 45 11.31 -8.45 -1.89
C LYS B 45 9.82 -8.12 -1.78
N THR B 46 9.06 -8.97 -1.08
CA THR B 46 7.62 -8.73 -0.91
C THR B 46 7.13 -9.29 0.43
N TYR B 47 7.64 -10.45 0.85
CA TYR B 47 7.35 -10.99 2.19
C TYR B 47 8.31 -12.12 2.56
N ALA B 48 8.88 -12.80 1.56
CA ALA B 48 9.75 -13.95 1.79
C ALA B 48 11.05 -13.54 2.50
N ASP B 49 11.40 -12.25 2.44
CA ASP B 49 12.62 -11.76 3.04
C ASP B 49 12.57 -11.93 4.56
N VAL B 50 11.42 -11.62 5.16
CA VAL B 50 11.24 -11.68 6.60
C VAL B 50 10.23 -12.76 6.98
N ASN B 51 9.83 -13.60 6.01
CA ASN B 51 8.89 -14.69 6.21
C ASN B 51 7.59 -14.21 6.86
N ILE B 52 7.20 -12.95 6.60
CA ILE B 52 5.97 -12.40 7.16
C ILE B 52 4.78 -12.82 6.31
N ASP B 53 3.57 -12.74 6.89
CA ASP B 53 2.36 -13.04 6.17
C ASP B 53 2.19 -12.08 5.00
N ARG B 54 1.66 -12.58 3.88
CA ARG B 54 1.56 -11.79 2.67
C ARG B 54 0.64 -10.60 2.90
N SER B 55 -0.35 -10.78 3.77
CA SER B 55 -1.27 -9.70 4.12
C SER B 55 -0.55 -8.63 4.93
N ARG B 56 0.21 -9.04 5.95
CA ARG B 56 0.83 -8.09 6.86
C ARG B 56 2.01 -7.37 6.18
N GLY B 57 2.66 -8.04 5.23
CA GLY B 57 3.71 -7.41 4.45
C GLY B 57 3.15 -6.23 3.65
N ASP B 58 1.94 -6.40 3.09
CA ASP B 58 1.30 -5.34 2.32
C ASP B 58 0.62 -4.33 3.25
N TRP B 59 0.31 -4.74 4.48
CA TRP B 59 -0.31 -3.85 5.45
C TRP B 59 0.70 -2.83 5.97
N HIS B 60 1.88 -3.30 6.38
CA HIS B 60 2.92 -2.43 6.92
C HIS B 60 3.45 -1.46 5.87
N VAL B 61 3.61 -1.93 4.61
CA VAL B 61 4.19 -1.08 3.58
C VAL B 61 3.20 0.02 3.17
N ILE B 62 1.90 -0.27 3.15
CA ILE B 62 0.90 0.71 2.77
C ILE B 62 0.76 1.77 3.85
N LEU B 63 0.86 1.37 5.12
CA LEU B 63 0.78 2.31 6.23
C LEU B 63 2.03 3.18 6.30
N TYR B 64 3.19 2.65 5.90
CA TYR B 64 4.44 3.38 6.03
C TYR B 64 4.54 4.51 5.01
N LEU B 65 4.23 4.21 3.74
CA LEU B 65 4.28 5.24 2.71
C LEU B 65 3.18 6.29 2.96
N MET B 66 2.16 5.92 3.74
CA MET B 66 1.14 6.86 4.17
C MET B 66 1.69 7.82 5.23
N LYS B 67 2.68 7.39 6.02
CA LYS B 67 3.29 8.28 7.01
C LYS B 67 4.14 9.34 6.31
N HIS B 68 4.62 9.03 5.10
CA HIS B 68 5.31 10.01 4.26
C HIS B 68 4.31 10.96 3.59
N GLY B 69 3.01 10.79 3.87
CA GLY B 69 1.98 11.67 3.35
C GLY B 69 1.54 11.26 1.93
N VAL B 70 2.17 10.23 1.36
CA VAL B 70 1.80 9.74 0.04
C VAL B 70 0.56 8.87 0.15
N THR B 71 -0.39 9.05 -0.77
CA THR B 71 -1.67 8.36 -0.75
C THR B 71 -1.97 7.84 -2.17
N ASP B 72 -3.23 7.91 -2.61
CA ASP B 72 -3.67 7.44 -3.92
C ASP B 72 -3.50 5.92 -4.09
N PRO B 73 -4.57 5.20 -4.45
CA PRO B 73 -4.58 3.74 -4.58
C PRO B 73 -3.91 3.26 -5.87
N ASP B 74 -3.74 4.16 -6.87
CA ASP B 74 -3.21 3.73 -8.15
C ASP B 74 -1.76 3.24 -8.02
N LYS B 75 -1.02 3.77 -7.03
CA LYS B 75 0.35 3.32 -6.81
C LYS B 75 0.40 2.08 -5.92
N ILE B 76 -0.63 1.86 -5.10
CA ILE B 76 -0.73 0.63 -4.32
C ILE B 76 -0.97 -0.54 -5.26
N LEU B 77 -1.83 -0.34 -6.27
CA LEU B 77 -2.12 -1.38 -7.23
C LEU B 77 -0.95 -1.60 -8.17
N GLU B 78 -0.12 -0.57 -8.39
CA GLU B 78 1.01 -0.67 -9.30
C GLU B 78 2.17 -1.45 -8.64
N LEU B 79 2.36 -1.29 -7.33
CA LEU B 79 3.44 -1.98 -6.62
C LEU B 79 2.98 -3.36 -6.13
N LEU B 80 1.73 -3.73 -6.44
CA LEU B 80 1.15 -4.98 -6.00
C LEU B 80 2.03 -6.17 -6.41
N PRO B 81 2.53 -6.96 -5.45
CA PRO B 81 3.38 -8.10 -5.71
C PRO B 81 2.56 -9.26 -6.30
N ARG B 82 3.16 -10.00 -7.24
CA ARG B 82 2.48 -11.11 -7.90
C ARG B 82 2.50 -12.38 -7.05
N ASP B 83 3.23 -12.37 -5.94
CA ASP B 83 3.28 -13.53 -5.04
C ASP B 83 2.13 -13.46 -4.02
N SER B 84 1.36 -12.38 -4.03
CA SER B 84 0.23 -12.20 -3.13
C SER B 84 -0.96 -13.05 -3.57
N LYS B 85 -1.96 -13.17 -2.69
CA LYS B 85 -3.21 -13.86 -2.99
C LYS B 85 -3.99 -13.08 -4.06
N ALA B 86 -3.58 -11.83 -4.29
CA ALA B 86 -4.16 -10.97 -5.31
C ALA B 86 -3.79 -11.41 -6.72
N LYS B 87 -3.05 -12.53 -6.85
CA LYS B 87 -2.55 -13.01 -8.12
C LYS B 87 -3.65 -13.68 -8.95
N GLU B 88 -4.52 -14.46 -8.32
CA GLU B 88 -5.51 -15.24 -9.05
C GLU B 88 -6.90 -15.15 -8.40
N ASN B 89 -6.98 -15.38 -7.08
CA ASN B 89 -8.25 -15.38 -6.37
C ASN B 89 -9.29 -16.27 -7.07
N GLU B 90 -9.16 -17.59 -6.91
CA GLU B 90 -10.04 -18.55 -7.56
C GLU B 90 -11.47 -18.49 -7.01
N LYS B 91 -11.64 -17.91 -5.81
CA LYS B 91 -12.95 -17.78 -5.18
C LYS B 91 -13.13 -16.38 -4.60
N TRP B 92 -12.03 -15.75 -4.19
CA TRP B 92 -12.02 -14.35 -3.78
C TRP B 92 -12.04 -13.46 -5.02
N ASN B 93 -11.87 -12.15 -4.81
CA ASN B 93 -11.73 -11.19 -5.90
C ASN B 93 -10.65 -10.19 -5.52
N THR B 94 -9.80 -9.81 -6.48
CA THR B 94 -8.68 -8.93 -6.20
C THR B 94 -9.18 -7.54 -5.80
N GLN B 95 -10.30 -7.11 -6.37
CA GLN B 95 -10.86 -5.80 -6.04
C GLN B 95 -11.47 -5.82 -4.64
N LYS B 96 -11.93 -6.97 -4.18
CA LYS B 96 -12.50 -7.09 -2.83
C LYS B 96 -11.38 -6.97 -1.80
N TYR B 97 -10.24 -7.59 -2.07
CA TYR B 97 -9.08 -7.50 -1.20
C TYR B 97 -8.53 -6.08 -1.20
N PHE B 98 -8.44 -5.48 -2.39
CA PHE B 98 -7.90 -4.15 -2.54
C PHE B 98 -8.79 -3.11 -1.85
N VAL B 99 -10.11 -3.27 -1.91
CA VAL B 99 -11.03 -2.35 -1.27
C VAL B 99 -10.94 -2.48 0.24
N ILE B 100 -10.85 -3.71 0.75
CA ILE B 100 -10.83 -3.97 2.18
C ILE B 100 -9.51 -3.48 2.80
N THR B 101 -8.38 -3.78 2.14
CA THR B 101 -7.08 -3.46 2.71
C THR B 101 -6.85 -1.96 2.77
N LEU B 102 -7.23 -1.22 1.71
CA LEU B 102 -7.04 0.22 1.70
C LEU B 102 -8.10 0.92 2.55
N SER B 103 -9.29 0.33 2.69
CA SER B 103 -10.33 0.93 3.51
C SER B 103 -9.91 0.92 4.98
N LYS B 104 -9.32 -0.20 5.42
CA LYS B 104 -8.89 -0.34 6.80
C LYS B 104 -7.57 0.38 7.05
N ALA B 105 -6.64 0.32 6.08
CA ALA B 105 -5.35 0.97 6.23
C ALA B 105 -5.52 2.49 6.18
N TRP B 106 -6.46 2.97 5.36
CA TRP B 106 -6.72 4.41 5.27
C TRP B 106 -7.40 4.90 6.53
N SER B 107 -8.29 4.08 7.10
CA SER B 107 -9.01 4.46 8.30
C SER B 107 -8.04 4.67 9.46
N VAL B 108 -7.00 3.84 9.54
CA VAL B 108 -6.03 3.91 10.62
C VAL B 108 -5.13 5.14 10.47
N VAL B 109 -4.79 5.52 9.23
CA VAL B 109 -3.92 6.67 9.01
C VAL B 109 -4.70 7.96 9.18
N LYS B 110 -5.90 8.06 8.60
CA LYS B 110 -6.65 9.30 8.64
C LYS B 110 -7.06 9.64 10.07
N LYS B 111 -7.29 8.62 10.91
CA LYS B 111 -7.63 8.85 12.31
C LYS B 111 -6.38 9.18 13.12
N TYR B 112 -5.20 8.80 12.62
CA TYR B 112 -3.94 9.13 13.26
C TYR B 112 -3.56 10.59 12.98
N LEU B 113 -3.99 11.13 11.84
CA LEU B 113 -3.64 12.50 11.45
C LEU B 113 -4.79 13.47 11.62
N GLU B 114 -5.95 13.01 12.11
CA GLU B 114 -7.10 13.86 12.33
C GLU B 114 -6.78 15.00 13.30
N ALA B 115 -7.59 16.06 13.25
CA ALA B 115 -7.42 17.24 14.12
C ALA B 115 -8.75 17.94 14.32
N THR B 1 -19.70 -2.59 -4.31
CA THR B 1 -18.26 -2.89 -4.44
C THR B 1 -17.54 -1.77 -5.17
N VAL B 2 -17.96 -1.48 -6.41
CA VAL B 2 -17.32 -0.44 -7.22
C VAL B 2 -17.52 0.94 -6.59
N VAL B 3 -18.66 1.15 -5.91
CA VAL B 3 -18.94 2.41 -5.24
C VAL B 3 -18.05 2.58 -4.02
N GLU B 4 -17.58 1.47 -3.44
CA GLU B 4 -16.73 1.51 -2.26
C GLU B 4 -15.33 1.94 -2.66
N PHE B 5 -14.91 1.57 -3.88
CA PHE B 5 -13.63 2.02 -4.43
C PHE B 5 -13.75 3.48 -4.88
N GLU B 6 -14.94 3.89 -5.35
CA GLU B 6 -15.17 5.22 -5.86
C GLU B 6 -15.08 6.26 -4.74
N GLU B 7 -15.59 5.94 -3.54
CA GLU B 7 -15.55 6.88 -2.44
C GLU B 7 -14.18 6.90 -1.78
N LEU B 8 -13.49 5.75 -1.78
CA LEU B 8 -12.16 5.67 -1.21
C LEU B 8 -11.16 6.40 -2.12
N ARG B 9 -11.15 6.06 -3.42
CA ARG B 9 -10.17 6.62 -4.34
C ARG B 9 -10.29 8.14 -4.41
N LYS B 10 -11.50 8.67 -4.18
CA LYS B 10 -11.73 10.11 -4.22
C LYS B 10 -11.02 10.75 -3.03
N GLU B 11 -11.18 10.17 -1.84
CA GLU B 11 -10.59 10.72 -0.64
C GLU B 11 -9.08 10.48 -0.60
N LEU B 12 -8.63 9.37 -1.19
CA LEU B 12 -7.23 9.00 -1.20
C LEU B 12 -6.44 9.87 -2.18
N VAL B 13 -7.06 10.21 -3.32
CA VAL B 13 -6.39 11.03 -4.33
C VAL B 13 -6.34 12.48 -3.88
N LYS B 14 -7.34 12.96 -3.12
CA LYS B 14 -7.33 14.33 -2.63
C LYS B 14 -6.33 14.49 -1.48
N ARG B 15 -5.92 13.37 -0.86
CA ARG B 15 -4.92 13.36 0.20
C ARG B 15 -3.54 12.95 -0.33
N ASP B 16 -3.46 12.59 -1.61
CA ASP B 16 -2.21 12.10 -2.19
C ASP B 16 -1.17 13.22 -2.33
N SER B 17 0.10 12.84 -2.38
CA SER B 17 1.19 13.79 -2.62
C SER B 17 1.29 14.14 -4.10
N GLY B 18 0.72 13.29 -4.97
CA GLY B 18 0.61 13.55 -6.39
C GLY B 18 1.79 12.98 -7.19
N LYS B 19 2.83 12.49 -6.50
CA LYS B 19 3.99 11.90 -7.17
C LYS B 19 3.67 10.48 -7.64
N PRO B 20 4.18 10.07 -8.80
CA PRO B 20 4.01 8.73 -9.33
C PRO B 20 4.80 7.71 -8.51
N VAL B 21 4.45 6.43 -8.66
CA VAL B 21 4.99 5.35 -7.84
C VAL B 21 6.50 5.21 -8.02
N GLU B 22 7.02 5.66 -9.17
CA GLU B 22 8.44 5.60 -9.46
C GLU B 22 9.23 6.52 -8.52
N LYS B 23 8.55 7.49 -7.91
CA LYS B 23 9.19 8.39 -6.95
C LYS B 23 9.14 7.80 -5.54
N ILE B 24 8.20 6.89 -5.30
CA ILE B 24 8.03 6.30 -3.97
C ILE B 24 9.24 5.45 -3.63
N LYS B 25 9.66 4.57 -4.55
CA LYS B 25 10.81 3.72 -4.24
C LYS B 25 12.13 4.46 -4.40
N GLU B 26 12.13 5.57 -5.15
CA GLU B 26 13.36 6.33 -5.36
C GLU B 26 13.67 7.18 -4.14
N GLU B 27 12.64 7.80 -3.53
CA GLU B 27 12.85 8.70 -2.41
C GLU B 27 12.91 7.96 -1.07
N ILE B 28 12.34 6.75 -0.99
CA ILE B 28 12.30 6.02 0.28
C ILE B 28 13.46 5.03 0.39
N CYS B 29 13.83 4.38 -0.72
CA CYS B 29 14.85 3.34 -0.70
C CYS B 29 16.23 3.92 -0.35
N THR B 30 16.39 5.24 -0.46
CA THR B 30 17.64 5.92 -0.14
C THR B 30 17.67 6.52 1.26
N LYS B 31 16.54 6.50 1.98
CA LYS B 31 16.46 7.11 3.32
C LYS B 31 17.12 6.23 4.39
N SER B 32 17.23 6.77 5.60
CA SER B 32 17.94 6.14 6.71
C SER B 32 17.10 5.21 7.61
N PRO B 33 15.76 5.16 7.52
CA PRO B 33 14.94 4.25 8.30
C PRO B 33 15.40 2.79 8.14
N PRO B 34 14.89 1.90 9.01
CA PRO B 34 15.29 0.50 9.06
C PRO B 34 15.26 -0.15 7.68
N LYS B 35 16.26 -0.99 7.40
CA LYS B 35 16.44 -1.56 6.07
C LYS B 35 15.28 -2.49 5.68
N LEU B 36 14.60 -3.07 6.66
CA LEU B 36 13.55 -4.04 6.37
C LEU B 36 12.36 -3.37 5.66
N ILE B 37 11.98 -2.17 6.09
CA ILE B 37 10.84 -1.48 5.49
C ILE B 37 11.24 -0.92 4.13
N LYS B 38 12.52 -0.54 3.99
CA LYS B 38 13.03 -0.05 2.72
C LYS B 38 13.13 -1.20 1.73
N GLU B 39 13.56 -2.38 2.19
CA GLU B 39 13.76 -3.52 1.30
C GLU B 39 12.47 -3.90 0.59
N ILE B 40 11.32 -3.70 1.26
CA ILE B 40 10.03 -3.94 0.64
C ILE B 40 9.72 -2.87 -0.41
N ILE B 41 10.06 -1.60 -0.09
CA ILE B 41 9.78 -0.49 -0.99
C ILE B 41 10.76 -0.48 -2.17
N CYS B 42 11.98 -0.97 -1.96
CA CYS B 42 12.98 -1.07 -3.02
C CYS B 42 12.57 -2.13 -4.04
N GLU B 43 11.41 -2.75 -3.85
CA GLU B 43 10.88 -3.83 -4.69
C GLU B 43 11.83 -5.03 -4.76
N ASN B 44 12.77 -5.15 -3.81
CA ASN B 44 13.70 -6.27 -3.79
C ASN B 44 13.08 -7.47 -3.07
N LYS B 45 12.20 -7.22 -2.09
CA LYS B 45 11.53 -8.26 -1.32
C LYS B 45 10.05 -7.93 -1.16
N THR B 46 9.30 -8.77 -0.43
CA THR B 46 7.87 -8.58 -0.26
C THR B 46 7.38 -9.18 1.07
N TYR B 47 7.96 -10.31 1.49
CA TYR B 47 7.64 -10.87 2.79
C TYR B 47 8.73 -11.86 3.25
N ALA B 48 9.44 -12.48 2.31
CA ALA B 48 10.45 -13.48 2.64
C ALA B 48 11.63 -12.88 3.39
N ASP B 49 11.82 -11.56 3.31
CA ASP B 49 12.93 -10.89 3.98
C ASP B 49 12.79 -11.01 5.50
N VAL B 50 11.56 -10.85 6.00
CA VAL B 50 11.26 -10.88 7.42
C VAL B 50 10.39 -12.09 7.78
N ASN B 51 10.17 -12.99 6.81
CA ASN B 51 9.36 -14.19 6.99
C ASN B 51 7.96 -13.88 7.55
N ILE B 52 7.43 -12.69 7.24
CA ILE B 52 6.14 -12.27 7.73
C ILE B 52 5.02 -12.82 6.84
N ASP B 53 3.78 -12.78 7.32
CA ASP B 53 2.62 -13.14 6.54
C ASP B 53 2.46 -12.17 5.38
N ARG B 54 1.99 -12.66 4.23
CA ARG B 54 1.93 -11.84 3.02
C ARG B 54 0.99 -10.67 3.22
N SER B 55 -0.12 -10.88 3.92
CA SER B 55 -1.10 -9.84 4.17
C SER B 55 -0.53 -8.75 5.05
N ARG B 56 0.23 -9.12 6.09
CA ARG B 56 0.77 -8.16 7.03
C ARG B 56 1.94 -7.42 6.41
N GLY B 57 2.66 -8.06 5.49
CA GLY B 57 3.71 -7.39 4.74
C GLY B 57 3.12 -6.28 3.88
N ASP B 58 1.91 -6.50 3.35
CA ASP B 58 1.24 -5.49 2.53
C ASP B 58 0.59 -4.44 3.43
N TRP B 59 0.25 -4.83 4.66
CA TRP B 59 -0.38 -3.91 5.61
C TRP B 59 0.63 -2.88 6.11
N HIS B 60 1.82 -3.33 6.53
CA HIS B 60 2.84 -2.43 7.04
C HIS B 60 3.38 -1.50 5.97
N VAL B 61 3.51 -1.98 4.73
CA VAL B 61 4.09 -1.15 3.68
C VAL B 61 3.09 -0.09 3.21
N ILE B 62 1.80 -0.42 3.17
CA ILE B 62 0.77 0.52 2.71
C ILE B 62 0.59 1.63 3.73
N LEU B 63 0.65 1.31 5.02
CA LEU B 63 0.52 2.31 6.07
C LEU B 63 1.75 3.22 6.08
N TYR B 64 2.92 2.65 5.80
CA TYR B 64 4.18 3.38 5.91
C TYR B 64 4.27 4.47 4.84
N LEU B 65 3.96 4.12 3.59
CA LEU B 65 4.00 5.10 2.51
C LEU B 65 2.88 6.13 2.68
N MET B 66 1.84 5.82 3.45
CA MET B 66 0.79 6.78 3.76
C MET B 66 1.28 7.80 4.79
N LYS B 67 2.34 7.48 5.54
CA LYS B 67 2.94 8.46 6.45
C LYS B 67 3.85 9.40 5.66
N HIS B 68 4.36 8.94 4.51
CA HIS B 68 5.13 9.78 3.60
C HIS B 68 4.20 10.66 2.74
N GLY B 69 2.89 10.59 2.99
CA GLY B 69 1.92 11.46 2.34
C GLY B 69 1.40 10.89 1.02
N VAL B 70 1.99 9.79 0.54
CA VAL B 70 1.48 9.14 -0.66
C VAL B 70 0.25 8.33 -0.30
N THR B 71 -0.86 8.53 -1.02
CA THR B 71 -2.14 7.97 -0.57
C THR B 71 -2.97 7.41 -1.73
N ASP B 72 -2.74 7.88 -2.96
CA ASP B 72 -3.52 7.46 -4.12
C ASP B 72 -3.35 5.95 -4.33
N PRO B 73 -4.48 5.20 -4.39
CA PRO B 73 -4.48 3.75 -4.52
C PRO B 73 -3.82 3.26 -5.80
N ASP B 74 -3.66 4.14 -6.80
CA ASP B 74 -3.02 3.73 -8.05
C ASP B 74 -1.57 3.37 -7.80
N LYS B 75 -0.95 3.95 -6.78
CA LYS B 75 0.43 3.65 -6.44
C LYS B 75 0.50 2.37 -5.60
N ILE B 76 -0.50 2.15 -4.75
CA ILE B 76 -0.56 0.93 -3.94
C ILE B 76 -0.72 -0.27 -4.88
N LEU B 77 -1.47 -0.08 -5.97
CA LEU B 77 -1.77 -1.16 -6.89
C LEU B 77 -0.56 -1.47 -7.78
N GLU B 78 0.26 -0.46 -8.08
CA GLU B 78 1.42 -0.64 -8.94
C GLU B 78 2.58 -1.28 -8.17
N LEU B 79 2.69 -1.01 -6.86
CA LEU B 79 3.74 -1.60 -6.05
C LEU B 79 3.31 -2.94 -5.45
N LEU B 80 2.06 -3.33 -5.68
CA LEU B 80 1.49 -4.54 -5.10
C LEU B 80 2.30 -5.76 -5.55
N PRO B 81 2.87 -6.52 -4.60
CA PRO B 81 3.67 -7.71 -4.90
C PRO B 81 2.86 -8.78 -5.62
N ARG B 82 3.56 -9.59 -6.42
CA ARG B 82 2.95 -10.71 -7.13
C ARG B 82 2.81 -11.95 -6.25
N ASP B 83 3.38 -11.92 -5.04
CA ASP B 83 3.20 -13.02 -4.09
C ASP B 83 1.89 -12.88 -3.33
N SER B 84 1.25 -11.71 -3.44
CA SER B 84 -0.01 -11.44 -2.75
C SER B 84 -1.14 -12.31 -3.29
N LYS B 85 -2.22 -12.44 -2.53
CA LYS B 85 -3.39 -13.22 -2.93
C LYS B 85 -4.08 -12.57 -4.14
N ALA B 86 -3.66 -11.36 -4.49
CA ALA B 86 -4.17 -10.64 -5.65
C ALA B 86 -3.65 -11.24 -6.97
N LYS B 87 -2.79 -12.25 -6.88
CA LYS B 87 -2.15 -12.85 -8.05
C LYS B 87 -3.14 -13.67 -8.88
N GLU B 88 -4.06 -14.40 -8.23
CA GLU B 88 -5.01 -15.25 -8.95
C GLU B 88 -6.38 -15.23 -8.27
N ASN B 89 -6.41 -15.36 -6.94
CA ASN B 89 -7.64 -15.36 -6.14
C ASN B 89 -8.75 -16.18 -6.82
N GLU B 90 -8.69 -17.51 -6.69
CA GLU B 90 -9.65 -18.39 -7.32
C GLU B 90 -11.05 -18.19 -6.75
N LYS B 91 -11.16 -18.03 -5.42
CA LYS B 91 -12.45 -17.79 -4.77
C LYS B 91 -12.68 -16.30 -4.59
N TRP B 92 -11.60 -15.57 -4.26
CA TRP B 92 -11.64 -14.14 -4.02
C TRP B 92 -11.62 -13.36 -5.34
N ASN B 93 -11.57 -12.04 -5.23
CA ASN B 93 -11.40 -11.14 -6.35
C ASN B 93 -10.40 -10.06 -5.97
N THR B 94 -9.63 -9.58 -6.94
CA THR B 94 -8.56 -8.63 -6.64
C THR B 94 -9.12 -7.31 -6.11
N GLN B 95 -10.32 -6.93 -6.57
CA GLN B 95 -10.93 -5.69 -6.11
C GLN B 95 -11.48 -5.85 -4.70
N LYS B 96 -11.85 -7.08 -4.32
CA LYS B 96 -12.40 -7.33 -2.99
C LYS B 96 -11.30 -7.16 -1.95
N TYR B 97 -10.10 -7.69 -2.24
CA TYR B 97 -8.96 -7.54 -1.36
C TYR B 97 -8.51 -6.09 -1.30
N PHE B 98 -8.48 -5.42 -2.46
CA PHE B 98 -8.00 -4.04 -2.54
C PHE B 98 -8.94 -3.10 -1.78
N VAL B 99 -10.26 -3.29 -1.93
CA VAL B 99 -11.21 -2.41 -1.26
C VAL B 99 -11.16 -2.61 0.26
N ILE B 100 -11.03 -3.86 0.71
CA ILE B 100 -11.01 -4.15 2.13
C ILE B 100 -9.72 -3.63 2.77
N THR B 101 -8.56 -3.91 2.14
CA THR B 101 -7.28 -3.60 2.75
C THR B 101 -7.04 -2.09 2.82
N LEU B 102 -7.34 -1.35 1.74
CA LEU B 102 -7.12 0.08 1.73
C LEU B 102 -8.20 0.80 2.55
N SER B 103 -9.39 0.21 2.68
CA SER B 103 -10.41 0.81 3.53
C SER B 103 -9.98 0.74 4.99
N LYS B 104 -9.39 -0.39 5.39
CA LYS B 104 -8.91 -0.59 6.76
C LYS B 104 -7.64 0.22 6.99
N ALA B 105 -6.71 0.21 6.03
CA ALA B 105 -5.43 0.87 6.16
C ALA B 105 -5.61 2.39 6.12
N TRP B 106 -6.60 2.87 5.38
CA TRP B 106 -6.85 4.30 5.31
C TRP B 106 -7.55 4.79 6.57
N SER B 107 -8.43 3.96 7.14
CA SER B 107 -9.18 4.35 8.32
C SER B 107 -8.24 4.49 9.51
N VAL B 108 -7.26 3.60 9.62
CA VAL B 108 -6.36 3.60 10.77
C VAL B 108 -5.30 4.71 10.65
N VAL B 109 -4.91 5.07 9.42
CA VAL B 109 -3.90 6.11 9.25
C VAL B 109 -4.53 7.50 9.34
N LYS B 110 -5.71 7.69 8.75
CA LYS B 110 -6.35 8.99 8.75
C LYS B 110 -6.77 9.38 10.18
N LYS B 111 -7.11 8.39 11.02
CA LYS B 111 -7.48 8.68 12.40
C LYS B 111 -6.22 8.85 13.25
N TYR B 112 -5.09 8.31 12.79
CA TYR B 112 -3.82 8.48 13.46
C TYR B 112 -3.25 9.88 13.20
N LEU B 113 -3.63 10.50 12.09
CA LEU B 113 -3.09 11.81 11.71
C LEU B 113 -4.14 12.92 11.83
N GLU B 114 -5.37 12.58 12.24
CA GLU B 114 -6.43 13.57 12.39
C GLU B 114 -6.02 14.64 13.41
N ALA B 115 -6.61 15.83 13.29
CA ALA B 115 -6.32 16.96 14.17
C ALA B 115 -7.51 17.93 14.21
N THR B 1 -19.46 -2.96 -4.23
CA THR B 1 -17.99 -3.14 -4.35
C THR B 1 -17.36 -2.06 -5.22
N VAL B 2 -17.90 -1.80 -6.41
CA VAL B 2 -17.33 -0.81 -7.31
C VAL B 2 -17.47 0.60 -6.75
N VAL B 3 -18.58 0.86 -6.05
CA VAL B 3 -18.83 2.17 -5.46
C VAL B 3 -17.93 2.40 -4.25
N GLU B 4 -17.46 1.31 -3.62
CA GLU B 4 -16.60 1.42 -2.45
C GLU B 4 -15.22 1.88 -2.88
N PHE B 5 -14.76 1.46 -4.07
CA PHE B 5 -13.51 1.93 -4.63
C PHE B 5 -13.67 3.38 -5.10
N GLU B 6 -14.86 3.76 -5.53
CA GLU B 6 -15.12 5.10 -6.06
C GLU B 6 -15.05 6.15 -4.95
N GLU B 7 -15.49 5.79 -3.73
CA GLU B 7 -15.42 6.71 -2.60
C GLU B 7 -13.99 6.83 -2.09
N LEU B 8 -13.30 5.68 -1.97
CA LEU B 8 -11.94 5.67 -1.45
C LEU B 8 -10.99 6.38 -2.41
N ARG B 9 -11.03 6.02 -3.70
CA ARG B 9 -10.07 6.57 -4.66
C ARG B 9 -10.17 8.09 -4.74
N LYS B 10 -11.34 8.66 -4.43
CA LYS B 10 -11.53 10.10 -4.47
C LYS B 10 -10.86 10.75 -3.27
N GLU B 11 -11.02 10.17 -2.09
CA GLU B 11 -10.47 10.76 -0.87
C GLU B 11 -8.98 10.44 -0.74
N LEU B 12 -8.53 9.33 -1.34
CA LEU B 12 -7.13 8.95 -1.29
C LEU B 12 -6.30 9.82 -2.23
N VAL B 13 -6.86 10.14 -3.40
CA VAL B 13 -6.14 10.95 -4.38
C VAL B 13 -6.09 12.41 -3.94
N LYS B 14 -7.12 12.89 -3.24
CA LYS B 14 -7.14 14.27 -2.76
C LYS B 14 -6.18 14.43 -1.57
N ARG B 15 -5.78 13.31 -0.95
CA ARG B 15 -4.85 13.31 0.17
C ARG B 15 -3.45 12.87 -0.27
N ASP B 16 -3.31 12.40 -1.51
CA ASP B 16 -2.03 11.91 -2.01
C ASP B 16 -1.03 13.04 -2.20
N SER B 17 0.26 12.72 -2.24
CA SER B 17 1.29 13.69 -2.54
C SER B 17 1.28 14.03 -4.03
N GLY B 18 0.57 13.21 -4.83
CA GLY B 18 0.38 13.46 -6.25
C GLY B 18 1.58 12.99 -7.08
N LYS B 19 2.55 12.32 -6.45
CA LYS B 19 3.77 11.91 -7.13
C LYS B 19 3.56 10.58 -7.85
N PRO B 20 4.27 10.34 -8.97
CA PRO B 20 4.30 9.07 -9.64
C PRO B 20 5.09 8.05 -8.81
N VAL B 21 4.90 6.76 -9.12
CA VAL B 21 5.48 5.67 -8.33
C VAL B 21 7.00 5.78 -8.25
N GLU B 22 7.62 6.31 -9.31
CA GLU B 22 9.07 6.39 -9.40
C GLU B 22 9.62 7.31 -8.32
N LYS B 23 8.77 8.19 -7.76
CA LYS B 23 9.20 9.09 -6.70
C LYS B 23 9.05 8.44 -5.33
N ILE B 24 8.21 7.41 -5.22
CA ILE B 24 7.97 6.75 -3.93
C ILE B 24 9.23 6.00 -3.52
N LYS B 25 9.79 5.19 -4.43
CA LYS B 25 11.00 4.45 -4.09
C LYS B 25 12.23 5.35 -4.15
N GLU B 26 12.20 6.40 -4.98
CA GLU B 26 13.35 7.26 -5.11
C GLU B 26 13.60 8.06 -3.83
N GLU B 27 12.54 8.46 -3.14
CA GLU B 27 12.66 9.25 -1.91
C GLU B 27 12.84 8.38 -0.68
N ILE B 28 12.41 7.11 -0.73
CA ILE B 28 12.52 6.21 0.42
C ILE B 28 13.79 5.37 0.36
N CYS B 29 14.23 4.97 -0.83
CA CYS B 29 15.40 4.09 -0.97
C CYS B 29 16.70 4.85 -0.74
N THR B 30 16.66 6.19 -0.82
CA THR B 30 17.84 7.01 -0.57
C THR B 30 18.01 7.29 0.92
N LYS B 31 16.93 7.13 1.70
CA LYS B 31 16.95 7.33 3.14
C LYS B 31 17.47 6.07 3.83
N SER B 32 17.48 6.07 5.17
CA SER B 32 17.98 4.94 5.95
C SER B 32 16.93 4.40 6.93
N PRO B 33 15.68 4.16 6.48
CA PRO B 33 14.66 3.53 7.28
C PRO B 33 15.03 2.06 7.53
N PRO B 34 14.26 1.36 8.38
CA PRO B 34 14.47 -0.05 8.67
C PRO B 34 14.65 -0.88 7.41
N LYS B 35 15.49 -1.92 7.49
CA LYS B 35 15.94 -2.66 6.33
C LYS B 35 14.77 -3.32 5.58
N LEU B 36 13.77 -3.82 6.31
CA LEU B 36 12.69 -4.55 5.68
C LEU B 36 11.83 -3.64 4.82
N ILE B 37 11.69 -2.37 5.19
CA ILE B 37 10.85 -1.44 4.42
C ILE B 37 11.50 -1.13 3.08
N LYS B 38 12.83 -1.04 3.04
CA LYS B 38 13.53 -0.72 1.79
C LYS B 38 13.41 -1.89 0.82
N GLU B 39 13.43 -3.12 1.32
CA GLU B 39 13.35 -4.28 0.43
C GLU B 39 11.99 -4.32 -0.27
N ILE B 40 10.92 -3.91 0.40
CA ILE B 40 9.60 -3.95 -0.20
C ILE B 40 9.36 -2.74 -1.10
N ILE B 41 9.69 -1.54 -0.61
CA ILE B 41 9.44 -0.31 -1.34
C ILE B 41 10.36 -0.20 -2.56
N CYS B 42 11.61 -0.64 -2.44
CA CYS B 42 12.54 -0.59 -3.56
C CYS B 42 12.28 -1.77 -4.50
N GLU B 43 11.18 -2.50 -4.26
CA GLU B 43 10.73 -3.61 -5.08
C GLU B 43 11.80 -4.69 -5.24
N ASN B 44 12.77 -4.73 -4.32
CA ASN B 44 13.84 -5.72 -4.40
C ASN B 44 13.38 -7.06 -3.85
N LYS B 45 12.43 -7.05 -2.91
CA LYS B 45 11.82 -8.26 -2.36
C LYS B 45 10.32 -8.07 -2.18
N THR B 46 9.72 -8.94 -1.37
CA THR B 46 8.34 -8.87 -0.93
C THR B 46 8.28 -9.53 0.46
N TYR B 47 7.13 -10.09 0.85
CA TYR B 47 6.96 -10.62 2.19
C TYR B 47 7.94 -11.75 2.43
N ALA B 48 8.49 -12.30 1.35
CA ALA B 48 9.40 -13.42 1.40
C ALA B 48 10.74 -13.03 2.03
N ASP B 49 11.06 -11.74 2.08
CA ASP B 49 12.33 -11.28 2.64
C ASP B 49 12.36 -11.54 4.15
N VAL B 50 11.21 -11.35 4.81
CA VAL B 50 11.09 -11.48 6.25
C VAL B 50 10.21 -12.67 6.62
N ASN B 51 9.80 -13.46 5.62
CA ASN B 51 8.95 -14.63 5.81
C ASN B 51 7.68 -14.29 6.60
N ILE B 52 7.19 -13.06 6.46
CA ILE B 52 5.99 -12.62 7.15
C ILE B 52 4.74 -13.07 6.38
N ASP B 53 3.58 -13.03 7.04
CA ASP B 53 2.32 -13.35 6.39
C ASP B 53 2.05 -12.39 5.25
N ARG B 54 1.46 -12.89 4.16
CA ARG B 54 1.26 -12.10 2.95
C ARG B 54 0.33 -10.92 3.25
N SER B 55 -0.64 -11.14 4.13
CA SER B 55 -1.56 -10.10 4.55
C SER B 55 -0.84 -9.03 5.36
N ARG B 56 0.02 -9.43 6.30
CA ARG B 56 0.71 -8.48 7.16
C ARG B 56 1.77 -7.72 6.35
N GLY B 57 2.42 -8.40 5.41
CA GLY B 57 3.46 -7.77 4.60
C GLY B 57 2.91 -6.61 3.79
N ASP B 58 1.69 -6.76 3.26
CA ASP B 58 1.07 -5.71 2.46
C ASP B 58 0.43 -4.66 3.38
N TRP B 59 0.11 -5.04 4.61
CA TRP B 59 -0.50 -4.13 5.56
C TRP B 59 0.53 -3.14 6.10
N HIS B 60 1.71 -3.63 6.47
CA HIS B 60 2.76 -2.78 7.02
C HIS B 60 3.34 -1.84 5.96
N VAL B 61 3.50 -2.31 4.72
CA VAL B 61 4.11 -1.46 3.69
C VAL B 61 3.16 -0.34 3.28
N ILE B 62 1.85 -0.61 3.24
CA ILE B 62 0.86 0.38 2.84
C ILE B 62 0.72 1.45 3.94
N LEU B 63 0.83 1.06 5.20
CA LEU B 63 0.74 2.01 6.30
C LEU B 63 1.97 2.91 6.35
N TYR B 64 3.15 2.37 6.00
CA TYR B 64 4.38 3.13 6.10
C TYR B 64 4.43 4.25 5.07
N LEU B 65 4.10 3.95 3.81
CA LEU B 65 4.12 4.96 2.78
C LEU B 65 3.03 6.00 3.02
N MET B 66 1.98 5.63 3.79
CA MET B 66 0.96 6.59 4.17
C MET B 66 1.46 7.57 5.22
N LYS B 67 2.49 7.19 5.98
CA LYS B 67 3.12 8.13 6.92
C LYS B 67 3.91 9.18 6.13
N HIS B 68 4.39 8.81 4.94
CA HIS B 68 5.06 9.75 4.04
C HIS B 68 4.05 10.59 3.25
N GLY B 69 2.75 10.41 3.52
CA GLY B 69 1.69 11.20 2.90
C GLY B 69 1.26 10.64 1.54
N VAL B 70 1.94 9.59 1.06
CA VAL B 70 1.54 8.92 -0.17
C VAL B 70 0.24 8.16 0.10
N THR B 71 -0.78 8.32 -0.74
CA THR B 71 -2.10 7.81 -0.40
C THR B 71 -2.88 7.26 -1.60
N ASP B 72 -2.54 7.71 -2.81
CA ASP B 72 -3.26 7.32 -4.03
C ASP B 72 -3.24 5.80 -4.21
N PRO B 73 -4.40 5.17 -4.47
CA PRO B 73 -4.53 3.73 -4.64
C PRO B 73 -3.89 3.21 -5.92
N ASP B 74 -3.72 4.05 -6.95
CA ASP B 74 -3.20 3.58 -8.23
C ASP B 74 -1.76 3.10 -8.06
N LYS B 75 -1.03 3.70 -7.12
CA LYS B 75 0.35 3.28 -6.84
C LYS B 75 0.38 2.12 -5.85
N ILE B 76 -0.67 1.96 -5.04
CA ILE B 76 -0.80 0.80 -4.16
C ILE B 76 -0.93 -0.46 -5.01
N LEU B 77 -1.73 -0.36 -6.07
CA LEU B 77 -1.98 -1.47 -6.98
C LEU B 77 -0.77 -1.75 -7.87
N GLU B 78 0.01 -0.70 -8.19
CA GLU B 78 1.13 -0.86 -9.09
C GLU B 78 2.30 -1.60 -8.43
N LEU B 79 2.55 -1.34 -7.14
CA LEU B 79 3.67 -1.95 -6.43
C LEU B 79 3.26 -3.27 -5.77
N LEU B 80 2.01 -3.67 -5.94
CA LEU B 80 1.45 -4.89 -5.35
C LEU B 80 2.27 -6.10 -5.81
N PRO B 81 2.92 -6.83 -4.89
CA PRO B 81 3.76 -7.98 -5.22
C PRO B 81 2.95 -9.12 -5.83
N ARG B 82 3.52 -9.78 -6.83
CA ARG B 82 2.85 -10.85 -7.56
C ARG B 82 2.73 -12.14 -6.74
N ASP B 83 3.39 -12.19 -5.58
CA ASP B 83 3.29 -13.35 -4.69
C ASP B 83 2.12 -13.18 -3.71
N SER B 84 1.41 -12.05 -3.79
CA SER B 84 0.25 -11.77 -2.95
C SER B 84 -0.91 -12.71 -3.31
N LYS B 85 -1.90 -12.82 -2.42
CA LYS B 85 -3.11 -13.58 -2.66
C LYS B 85 -3.94 -12.93 -3.77
N ALA B 86 -3.56 -11.70 -4.16
CA ALA B 86 -4.24 -10.96 -5.21
C ALA B 86 -3.86 -11.50 -6.61
N LYS B 87 -3.06 -12.57 -6.67
CA LYS B 87 -2.50 -13.06 -7.92
C LYS B 87 -3.45 -14.00 -8.67
N GLU B 88 -4.30 -14.74 -7.95
CA GLU B 88 -5.21 -15.68 -8.60
C GLU B 88 -6.61 -15.63 -7.95
N ASN B 89 -6.67 -15.52 -6.62
CA ASN B 89 -7.92 -15.42 -5.90
C ASN B 89 -8.90 -16.54 -6.30
N GLU B 90 -8.55 -17.81 -6.06
CA GLU B 90 -9.38 -18.93 -6.48
C GLU B 90 -10.74 -18.92 -5.77
N LYS B 91 -10.86 -18.16 -4.67
CA LYS B 91 -12.10 -18.07 -3.89
C LYS B 91 -12.28 -16.66 -3.36
N TRP B 92 -11.70 -15.68 -4.06
CA TRP B 92 -11.70 -14.27 -3.66
C TRP B 92 -11.72 -13.39 -4.91
N ASN B 93 -11.63 -12.07 -4.73
CA ASN B 93 -11.51 -11.13 -5.83
C ASN B 93 -10.46 -10.09 -5.48
N THR B 94 -9.67 -9.65 -6.46
CA THR B 94 -8.58 -8.72 -6.21
C THR B 94 -9.12 -7.37 -5.75
N GLN B 95 -10.25 -6.94 -6.32
CA GLN B 95 -10.82 -5.65 -5.99
C GLN B 95 -11.45 -5.68 -4.59
N LYS B 96 -11.94 -6.86 -4.16
CA LYS B 96 -12.52 -7.00 -2.83
C LYS B 96 -11.42 -6.84 -1.78
N TYR B 97 -10.27 -7.44 -2.04
CA TYR B 97 -9.12 -7.36 -1.15
C TYR B 97 -8.56 -5.94 -1.15
N PHE B 98 -8.44 -5.35 -2.34
CA PHE B 98 -7.87 -4.02 -2.50
C PHE B 98 -8.74 -2.97 -1.81
N VAL B 99 -10.06 -3.11 -1.89
CA VAL B 99 -10.97 -2.16 -1.25
C VAL B 99 -10.88 -2.29 0.27
N ILE B 100 -10.94 -3.53 0.78
CA ILE B 100 -10.96 -3.77 2.21
C ILE B 100 -9.65 -3.31 2.86
N THR B 101 -8.50 -3.63 2.24
CA THR B 101 -7.21 -3.34 2.83
C THR B 101 -6.96 -1.84 2.88
N LEU B 102 -7.30 -1.12 1.81
CA LEU B 102 -7.09 0.32 1.79
C LEU B 102 -8.13 1.03 2.65
N SER B 103 -9.33 0.46 2.78
CA SER B 103 -10.36 1.09 3.60
C SER B 103 -9.94 1.07 5.06
N LYS B 104 -9.29 -0.02 5.50
CA LYS B 104 -8.87 -0.15 6.88
C LYS B 104 -7.54 0.54 7.12
N ALA B 105 -6.61 0.45 6.16
CA ALA B 105 -5.31 1.08 6.29
C ALA B 105 -5.45 2.60 6.22
N TRP B 106 -6.43 3.08 5.46
CA TRP B 106 -6.68 4.51 5.36
C TRP B 106 -7.40 5.00 6.61
N SER B 107 -8.31 4.19 7.14
CA SER B 107 -9.10 4.57 8.30
C SER B 107 -8.21 4.75 9.52
N VAL B 108 -7.19 3.90 9.67
CA VAL B 108 -6.32 3.97 10.84
C VAL B 108 -5.31 5.11 10.70
N VAL B 109 -4.93 5.46 9.47
CA VAL B 109 -4.00 6.57 9.26
C VAL B 109 -4.72 7.91 9.38
N LYS B 110 -5.90 8.04 8.76
CA LYS B 110 -6.59 9.32 8.76
C LYS B 110 -7.02 9.71 10.17
N LYS B 111 -7.34 8.72 11.02
CA LYS B 111 -7.69 8.99 12.41
C LYS B 111 -6.44 9.25 13.24
N TYR B 112 -5.28 8.78 12.77
CA TYR B 112 -4.02 9.02 13.45
C TYR B 112 -3.56 10.46 13.19
N LEU B 113 -3.92 11.03 12.03
CA LEU B 113 -3.47 12.37 11.64
C LEU B 113 -4.58 13.42 11.78
N GLU B 114 -5.77 13.01 12.24
CA GLU B 114 -6.88 13.94 12.42
C GLU B 114 -6.52 15.04 13.42
N ALA B 115 -7.25 16.16 13.35
CA ALA B 115 -7.03 17.30 14.23
C ALA B 115 -8.31 18.11 14.37
N THR B 1 -18.91 -3.36 -4.14
CA THR B 1 -17.43 -3.27 -4.10
C THR B 1 -16.93 -2.05 -4.88
N VAL B 2 -17.47 -1.83 -6.08
CA VAL B 2 -17.01 -0.75 -6.96
C VAL B 2 -17.34 0.62 -6.37
N VAL B 3 -18.42 0.72 -5.58
CA VAL B 3 -18.83 1.99 -5.00
C VAL B 3 -17.93 2.34 -3.81
N GLU B 4 -17.43 1.30 -3.14
CA GLU B 4 -16.52 1.48 -2.01
C GLU B 4 -15.14 1.89 -2.52
N PHE B 5 -14.78 1.43 -3.72
CA PHE B 5 -13.56 1.87 -4.39
C PHE B 5 -13.75 3.31 -4.86
N GLU B 6 -14.96 3.67 -5.27
CA GLU B 6 -15.23 4.99 -5.83
C GLU B 6 -15.14 6.07 -4.76
N GLU B 7 -15.60 5.78 -3.53
CA GLU B 7 -15.53 6.76 -2.46
C GLU B 7 -14.13 6.82 -1.85
N LEU B 8 -13.40 5.69 -1.88
CA LEU B 8 -12.04 5.66 -1.36
C LEU B 8 -11.11 6.38 -2.31
N ARG B 9 -11.14 6.02 -3.61
CA ARG B 9 -10.20 6.59 -4.57
C ARG B 9 -10.33 8.10 -4.67
N LYS B 10 -11.51 8.64 -4.36
CA LYS B 10 -11.73 10.06 -4.38
C LYS B 10 -11.06 10.72 -3.19
N GLU B 11 -11.23 10.13 -2.00
CA GLU B 11 -10.68 10.69 -0.78
C GLU B 11 -9.18 10.47 -0.70
N LEU B 12 -8.70 9.36 -1.27
CA LEU B 12 -7.28 9.04 -1.25
C LEU B 12 -6.49 9.94 -2.20
N VAL B 13 -7.06 10.24 -3.37
CA VAL B 13 -6.38 11.06 -4.36
C VAL B 13 -6.37 12.53 -3.92
N LYS B 14 -7.40 12.97 -3.19
CA LYS B 14 -7.44 14.35 -2.71
C LYS B 14 -6.47 14.54 -1.54
N ARG B 15 -6.07 13.43 -0.90
CA ARG B 15 -5.11 13.45 0.20
C ARG B 15 -3.70 13.07 -0.28
N ASP B 16 -3.56 12.66 -1.54
CA ASP B 16 -2.28 12.17 -2.06
C ASP B 16 -1.28 13.31 -2.23
N SER B 17 0.01 12.96 -2.25
CA SER B 17 1.08 13.93 -2.49
C SER B 17 1.24 14.22 -3.98
N GLY B 18 0.57 13.43 -4.84
CA GLY B 18 0.49 13.68 -6.27
C GLY B 18 1.67 13.11 -7.05
N LYS B 19 2.65 12.51 -6.36
CA LYS B 19 3.83 11.95 -7.01
C LYS B 19 3.55 10.55 -7.55
N PRO B 20 4.13 10.18 -8.70
CA PRO B 20 4.01 8.85 -9.28
C PRO B 20 4.77 7.82 -8.45
N VAL B 21 4.49 6.54 -8.68
CA VAL B 21 5.03 5.44 -7.88
C VAL B 21 6.56 5.42 -7.95
N GLU B 22 7.13 5.88 -9.07
CA GLU B 22 8.57 5.86 -9.27
C GLU B 22 9.25 6.78 -8.26
N LYS B 23 8.51 7.72 -7.66
CA LYS B 23 9.06 8.61 -6.66
C LYS B 23 8.98 7.99 -5.27
N ILE B 24 8.07 7.02 -5.07
CA ILE B 24 7.88 6.41 -3.77
C ILE B 24 9.11 5.59 -3.41
N LYS B 25 9.58 4.74 -4.33
CA LYS B 25 10.74 3.91 -4.02
C LYS B 25 12.04 4.70 -4.13
N GLU B 26 12.04 5.78 -4.92
CA GLU B 26 13.24 6.56 -5.13
C GLU B 26 13.56 7.41 -3.90
N GLU B 27 12.52 7.94 -3.24
CA GLU B 27 12.71 8.81 -2.09
C GLU B 27 12.85 8.01 -0.79
N ILE B 28 12.33 6.78 -0.76
CA ILE B 28 12.37 5.97 0.45
C ILE B 28 13.58 5.01 0.45
N CYS B 29 13.90 4.41 -0.70
CA CYS B 29 14.97 3.41 -0.77
C CYS B 29 16.34 4.07 -0.57
N THR B 30 16.42 5.39 -0.72
CA THR B 30 17.67 6.13 -0.58
C THR B 30 17.88 6.62 0.86
N LYS B 31 16.82 6.64 1.68
CA LYS B 31 16.90 7.12 3.06
C LYS B 31 17.42 6.04 3.99
N SER B 32 17.75 4.86 3.44
CA SER B 32 18.27 3.73 4.21
C SER B 32 17.42 3.44 5.45
N PRO B 33 16.11 3.26 5.28
CA PRO B 33 15.20 2.92 6.37
C PRO B 33 15.54 1.53 6.92
N PRO B 34 14.89 1.10 8.00
CA PRO B 34 15.08 -0.22 8.59
C PRO B 34 14.91 -1.32 7.55
N LYS B 35 15.49 -2.49 7.81
CA LYS B 35 15.51 -3.60 6.86
C LYS B 35 14.11 -3.96 6.39
N LEU B 36 13.10 -3.74 7.23
CA LEU B 36 11.72 -4.09 6.89
C LEU B 36 11.26 -3.27 5.69
N ILE B 37 11.21 -1.94 5.84
CA ILE B 37 10.70 -1.06 4.81
C ILE B 37 11.69 -0.95 3.66
N LYS B 38 12.98 -1.04 3.93
CA LYS B 38 14.00 -0.85 2.91
C LYS B 38 13.91 -1.94 1.87
N GLU B 39 13.99 -3.21 2.29
CA GLU B 39 14.05 -4.31 1.34
C GLU B 39 12.73 -4.44 0.57
N ILE B 40 11.62 -4.04 1.21
CA ILE B 40 10.31 -4.16 0.57
C ILE B 40 10.03 -3.01 -0.39
N ILE B 41 10.39 -1.78 -0.04
CA ILE B 41 10.12 -0.62 -0.91
C ILE B 41 11.10 -0.56 -2.07
N CYS B 42 12.34 -1.05 -1.86
CA CYS B 42 13.30 -1.14 -2.95
C CYS B 42 12.88 -2.25 -3.93
N GLU B 43 11.72 -2.87 -3.67
CA GLU B 43 11.13 -3.93 -4.48
C GLU B 43 12.08 -5.11 -4.69
N ASN B 44 13.04 -5.30 -3.78
CA ASN B 44 13.95 -6.43 -3.87
C ASN B 44 13.25 -7.70 -3.38
N LYS B 45 12.38 -7.56 -2.38
CA LYS B 45 11.64 -8.67 -1.77
C LYS B 45 10.19 -8.24 -1.53
N THR B 46 9.42 -9.08 -0.83
CA THR B 46 8.00 -8.80 -0.59
C THR B 46 7.51 -9.40 0.72
N TYR B 47 8.01 -10.57 1.10
CA TYR B 47 7.67 -11.17 2.39
C TYR B 47 8.68 -12.23 2.80
N ALA B 48 9.32 -12.89 1.83
CA ALA B 48 10.24 -13.99 2.09
C ALA B 48 11.50 -13.50 2.81
N ASP B 49 11.79 -12.19 2.74
CA ASP B 49 12.97 -11.63 3.38
C ASP B 49 12.87 -11.77 4.90
N VAL B 50 11.68 -11.50 5.44
CA VAL B 50 11.44 -11.54 6.88
C VAL B 50 10.48 -12.66 7.26
N ASN B 51 10.15 -13.54 6.30
CA ASN B 51 9.27 -14.68 6.50
C ASN B 51 7.93 -14.25 7.13
N ILE B 52 7.46 -13.03 6.83
CA ILE B 52 6.22 -12.51 7.37
C ILE B 52 5.03 -12.99 6.54
N ASP B 53 3.83 -12.88 7.10
CA ASP B 53 2.61 -13.17 6.37
C ASP B 53 2.44 -12.18 5.23
N ARG B 54 1.90 -12.62 4.11
CA ARG B 54 1.79 -11.77 2.92
C ARG B 54 0.84 -10.61 3.21
N SER B 55 -0.17 -10.84 4.06
CA SER B 55 -1.11 -9.81 4.42
C SER B 55 -0.44 -8.73 5.27
N ARG B 56 0.40 -9.14 6.21
CA ARG B 56 1.06 -8.18 7.10
C ARG B 56 2.15 -7.43 6.34
N GLY B 57 2.82 -8.09 5.40
CA GLY B 57 3.84 -7.43 4.59
C GLY B 57 3.24 -6.29 3.77
N ASP B 58 2.02 -6.50 3.25
CA ASP B 58 1.34 -5.48 2.46
C ASP B 58 0.70 -4.44 3.38
N TRP B 59 0.41 -4.83 4.62
CA TRP B 59 -0.20 -3.93 5.58
C TRP B 59 0.80 -2.91 6.09
N HIS B 60 1.98 -3.37 6.51
CA HIS B 60 3.01 -2.50 7.05
C HIS B 60 3.56 -1.55 6.00
N VAL B 61 3.68 -2.01 4.74
CA VAL B 61 4.26 -1.17 3.69
C VAL B 61 3.29 -0.08 3.25
N ILE B 62 1.99 -0.38 3.23
CA ILE B 62 0.98 0.59 2.81
C ILE B 62 0.81 1.67 3.88
N LEU B 63 0.92 1.30 5.16
CA LEU B 63 0.79 2.26 6.24
C LEU B 63 1.99 3.20 6.28
N TYR B 64 3.18 2.69 5.93
CA TYR B 64 4.40 3.47 6.04
C TYR B 64 4.42 4.59 5.01
N LEU B 65 4.12 4.27 3.74
CA LEU B 65 4.12 5.28 2.71
C LEU B 65 3.00 6.30 2.94
N MET B 66 1.97 5.91 3.70
CA MET B 66 0.91 6.85 4.08
C MET B 66 1.40 7.84 5.14
N LYS B 67 2.45 7.48 5.90
CA LYS B 67 3.06 8.42 6.83
C LYS B 67 3.83 9.49 6.04
N HIS B 68 4.33 9.13 4.85
CA HIS B 68 4.98 10.07 3.96
C HIS B 68 3.95 10.92 3.18
N GLY B 69 2.67 10.71 3.45
CA GLY B 69 1.60 11.50 2.84
C GLY B 69 1.16 10.95 1.48
N VAL B 70 1.82 9.89 1.00
CA VAL B 70 1.42 9.23 -0.23
C VAL B 70 0.14 8.45 0.04
N THR B 71 -0.89 8.60 -0.80
CA THR B 71 -2.22 8.08 -0.46
C THR B 71 -2.99 7.53 -1.67
N ASP B 72 -2.72 8.03 -2.88
CA ASP B 72 -3.43 7.63 -4.09
C ASP B 72 -3.33 6.11 -4.29
N PRO B 73 -4.46 5.41 -4.51
CA PRO B 73 -4.51 3.96 -4.63
C PRO B 73 -3.91 3.43 -5.94
N ASP B 74 -3.73 4.27 -6.95
CA ASP B 74 -3.26 3.80 -8.24
C ASP B 74 -1.86 3.21 -8.12
N LYS B 75 -1.05 3.73 -7.20
CA LYS B 75 0.30 3.21 -6.99
C LYS B 75 0.28 2.04 -6.01
N ILE B 76 -0.75 1.97 -5.15
CA ILE B 76 -0.91 0.86 -4.22
C ILE B 76 -1.15 -0.42 -5.01
N LEU B 77 -1.97 -0.32 -6.07
CA LEU B 77 -2.26 -1.44 -6.94
C LEU B 77 -1.07 -1.76 -7.83
N GLU B 78 -0.30 -0.74 -8.21
CA GLU B 78 0.84 -0.92 -9.09
C GLU B 78 2.01 -1.61 -8.37
N LEU B 79 2.25 -1.26 -7.09
CA LEU B 79 3.36 -1.83 -6.34
C LEU B 79 2.99 -3.18 -5.72
N LEU B 80 1.73 -3.61 -5.88
CA LEU B 80 1.24 -4.83 -5.28
C LEU B 80 2.05 -6.03 -5.79
N PRO B 81 2.72 -6.77 -4.89
CA PRO B 81 3.52 -7.93 -5.24
C PRO B 81 2.69 -9.02 -5.91
N ARG B 82 3.29 -9.74 -6.84
CA ARG B 82 2.62 -10.84 -7.54
C ARG B 82 2.52 -12.09 -6.65
N ASP B 83 3.19 -12.08 -5.50
CA ASP B 83 3.11 -13.20 -4.57
C ASP B 83 1.87 -13.06 -3.67
N SER B 84 1.16 -11.93 -3.76
CA SER B 84 -0.06 -11.71 -3.00
C SER B 84 -1.15 -12.65 -3.47
N LYS B 85 -2.20 -12.82 -2.65
CA LYS B 85 -3.33 -13.68 -3.01
C LYS B 85 -4.17 -13.03 -4.12
N ALA B 86 -3.80 -11.81 -4.52
CA ALA B 86 -4.48 -11.08 -5.57
C ALA B 86 -4.08 -11.58 -6.96
N LYS B 87 -3.18 -12.57 -7.03
CA LYS B 87 -2.60 -13.00 -8.29
C LYS B 87 -3.58 -13.77 -9.17
N GLU B 88 -4.48 -14.58 -8.58
CA GLU B 88 -5.35 -15.42 -9.40
C GLU B 88 -6.78 -15.51 -8.85
N ASN B 89 -6.94 -15.63 -7.53
CA ASN B 89 -8.24 -15.70 -6.86
C ASN B 89 -9.17 -16.77 -7.45
N GLU B 90 -9.16 -17.98 -6.86
CA GLU B 90 -10.05 -19.06 -7.29
C GLU B 90 -11.52 -18.74 -6.96
N LYS B 91 -11.76 -17.76 -6.08
CA LYS B 91 -13.11 -17.41 -5.65
C LYS B 91 -13.19 -15.96 -5.21
N TRP B 92 -12.07 -15.40 -4.74
CA TRP B 92 -11.97 -14.00 -4.35
C TRP B 92 -11.93 -13.11 -5.58
N ASN B 93 -11.80 -11.79 -5.35
CA ASN B 93 -11.60 -10.82 -6.42
C ASN B 93 -10.53 -9.83 -5.98
N THR B 94 -9.66 -9.42 -6.91
CA THR B 94 -8.54 -8.56 -6.56
C THR B 94 -9.04 -7.20 -6.07
N GLN B 95 -10.17 -6.73 -6.62
CA GLN B 95 -10.71 -5.44 -6.23
C GLN B 95 -11.32 -5.51 -4.83
N LYS B 96 -11.80 -6.69 -4.42
CA LYS B 96 -12.40 -6.85 -3.10
C LYS B 96 -11.29 -6.78 -2.04
N TYR B 97 -10.16 -7.42 -2.32
CA TYR B 97 -9.01 -7.38 -1.44
C TYR B 97 -8.43 -5.96 -1.38
N PHE B 98 -8.34 -5.32 -2.55
CA PHE B 98 -7.79 -3.98 -2.66
C PHE B 98 -8.67 -2.97 -1.93
N VAL B 99 -9.99 -3.13 -2.00
CA VAL B 99 -10.92 -2.23 -1.31
C VAL B 99 -10.81 -2.41 0.19
N ILE B 100 -10.72 -3.66 0.67
CA ILE B 100 -10.69 -3.95 2.09
C ILE B 100 -9.38 -3.46 2.72
N THR B 101 -8.24 -3.76 2.08
CA THR B 101 -6.94 -3.44 2.65
C THR B 101 -6.73 -1.93 2.72
N LEU B 102 -7.12 -1.19 1.69
CA LEU B 102 -6.96 0.25 1.69
C LEU B 102 -7.99 0.91 2.59
N SER B 103 -9.20 0.34 2.70
CA SER B 103 -10.23 0.91 3.55
C SER B 103 -9.79 0.87 5.01
N LYS B 104 -9.14 -0.23 5.40
CA LYS B 104 -8.67 -0.41 6.78
C LYS B 104 -7.41 0.40 7.02
N ALA B 105 -6.46 0.36 6.08
CA ALA B 105 -5.18 1.05 6.24
C ALA B 105 -5.36 2.56 6.19
N TRP B 106 -6.34 3.03 5.41
CA TRP B 106 -6.61 4.46 5.31
C TRP B 106 -7.36 4.94 6.54
N SER B 107 -8.25 4.10 7.08
CA SER B 107 -9.05 4.45 8.23
C SER B 107 -8.17 4.67 9.46
N VAL B 108 -7.16 3.80 9.63
CA VAL B 108 -6.30 3.89 10.81
C VAL B 108 -5.32 5.06 10.70
N VAL B 109 -4.91 5.42 9.48
CA VAL B 109 -4.00 6.54 9.29
C VAL B 109 -4.74 7.87 9.41
N LYS B 110 -5.88 8.03 8.73
CA LYS B 110 -6.56 9.31 8.71
C LYS B 110 -7.07 9.68 10.11
N LYS B 111 -7.41 8.67 10.92
CA LYS B 111 -7.84 8.92 12.30
C LYS B 111 -6.64 9.19 13.20
N TYR B 112 -5.45 8.74 12.77
CA TYR B 112 -4.23 9.01 13.52
C TYR B 112 -3.80 10.46 13.29
N LEU B 113 -4.08 11.01 12.11
CA LEU B 113 -3.64 12.36 11.76
C LEU B 113 -4.77 13.39 11.86
N GLU B 114 -5.97 12.98 12.26
CA GLU B 114 -7.10 13.88 12.41
C GLU B 114 -6.78 14.98 13.44
N ALA B 115 -7.50 16.10 13.36
CA ALA B 115 -7.31 17.21 14.27
C ALA B 115 -8.60 18.04 14.38
N THR B 1 -19.63 -2.85 -4.63
CA THR B 1 -18.18 -2.88 -4.37
C THR B 1 -17.47 -1.71 -5.07
N VAL B 2 -17.76 -1.49 -6.36
CA VAL B 2 -17.08 -0.46 -7.14
C VAL B 2 -17.36 0.93 -6.56
N VAL B 3 -18.52 1.12 -5.93
CA VAL B 3 -18.86 2.40 -5.32
C VAL B 3 -18.00 2.65 -4.07
N GLU B 4 -17.51 1.57 -3.45
CA GLU B 4 -16.66 1.69 -2.28
C GLU B 4 -15.23 2.07 -2.70
N PHE B 5 -14.83 1.65 -3.90
CA PHE B 5 -13.56 2.08 -4.47
C PHE B 5 -13.66 3.53 -4.94
N GLU B 6 -14.86 3.92 -5.39
CA GLU B 6 -15.08 5.26 -5.93
C GLU B 6 -15.00 6.32 -4.84
N GLU B 7 -15.50 6.04 -3.63
CA GLU B 7 -15.45 7.00 -2.54
C GLU B 7 -14.07 7.00 -1.89
N LEU B 8 -13.38 5.85 -1.89
CA LEU B 8 -12.04 5.77 -1.32
C LEU B 8 -11.06 6.49 -2.24
N ARG B 9 -11.04 6.15 -3.53
CA ARG B 9 -10.07 6.73 -4.45
C ARG B 9 -10.21 8.24 -4.53
N LYS B 10 -11.41 8.77 -4.28
CA LYS B 10 -11.64 10.20 -4.32
C LYS B 10 -10.94 10.87 -3.14
N GLU B 11 -11.09 10.30 -1.94
CA GLU B 11 -10.49 10.88 -0.75
C GLU B 11 -8.99 10.60 -0.70
N LEU B 12 -8.56 9.50 -1.31
CA LEU B 12 -7.16 9.13 -1.31
C LEU B 12 -6.38 10.01 -2.29
N VAL B 13 -6.98 10.34 -3.44
CA VAL B 13 -6.32 11.17 -4.43
C VAL B 13 -6.25 12.62 -3.99
N LYS B 14 -7.26 13.08 -3.23
CA LYS B 14 -7.27 14.47 -2.77
C LYS B 14 -6.29 14.67 -1.62
N ARG B 15 -5.87 13.58 -0.97
CA ARG B 15 -4.90 13.63 0.12
C ARG B 15 -3.48 13.29 -0.35
N ASP B 16 -3.34 12.81 -1.59
CA ASP B 16 -2.05 12.37 -2.12
C ASP B 16 -1.11 13.55 -2.37
N SER B 17 0.20 13.26 -2.39
CA SER B 17 1.21 14.25 -2.76
C SER B 17 1.24 14.42 -4.28
N GLY B 18 0.55 13.53 -5.00
CA GLY B 18 0.40 13.61 -6.44
C GLY B 18 1.58 12.98 -7.18
N LYS B 19 2.52 12.37 -6.46
CA LYS B 19 3.71 11.80 -7.09
C LYS B 19 3.43 10.38 -7.57
N PRO B 20 3.95 9.99 -8.74
CA PRO B 20 3.82 8.65 -9.28
C PRO B 20 4.65 7.67 -8.46
N VAL B 21 4.37 6.37 -8.61
CA VAL B 21 4.93 5.32 -7.77
C VAL B 21 6.45 5.28 -7.88
N GLU B 22 7.00 5.72 -9.02
CA GLU B 22 8.43 5.73 -9.25
C GLU B 22 9.13 6.71 -8.30
N LYS B 23 8.38 7.68 -7.77
CA LYS B 23 8.94 8.64 -6.82
C LYS B 23 8.88 8.10 -5.40
N ILE B 24 7.97 7.15 -5.13
CA ILE B 24 7.79 6.62 -3.78
C ILE B 24 9.03 5.82 -3.39
N LYS B 25 9.51 4.94 -4.28
CA LYS B 25 10.70 4.17 -3.94
C LYS B 25 11.97 4.99 -4.12
N GLU B 26 11.93 6.01 -4.97
CA GLU B 26 13.10 6.83 -5.22
C GLU B 26 13.43 7.67 -3.99
N GLU B 27 12.41 8.20 -3.31
CA GLU B 27 12.63 9.07 -2.16
C GLU B 27 12.80 8.27 -0.86
N ILE B 28 12.29 7.04 -0.82
CA ILE B 28 12.36 6.22 0.39
C ILE B 28 13.56 5.27 0.37
N CYS B 29 13.89 4.69 -0.79
CA CYS B 29 14.96 3.70 -0.87
C CYS B 29 16.32 4.36 -0.66
N THR B 30 16.41 5.68 -0.81
CA THR B 30 17.65 6.42 -0.63
C THR B 30 17.86 6.82 0.84
N LYS B 31 16.78 6.79 1.64
CA LYS B 31 16.85 7.13 3.06
C LYS B 31 17.43 5.96 3.86
N SER B 32 17.54 6.13 5.18
CA SER B 32 18.15 5.13 6.04
C SER B 32 17.20 4.65 7.16
N PRO B 33 15.93 4.32 6.85
CA PRO B 33 15.03 3.68 7.79
C PRO B 33 15.52 2.24 8.04
N PRO B 34 14.88 1.48 8.94
CA PRO B 34 15.24 0.11 9.23
C PRO B 34 15.37 -0.71 7.94
N LYS B 35 16.31 -1.66 7.94
CA LYS B 35 16.65 -2.42 6.73
C LYS B 35 15.47 -3.23 6.22
N LEU B 36 14.46 -3.48 7.07
CA LEU B 36 13.32 -4.28 6.69
C LEU B 36 12.48 -3.52 5.65
N ILE B 37 12.01 -2.32 5.98
CA ILE B 37 11.14 -1.56 5.10
C ILE B 37 11.90 -1.09 3.86
N LYS B 38 13.23 -0.94 3.95
CA LYS B 38 14.02 -0.56 2.80
C LYS B 38 13.95 -1.63 1.73
N GLU B 39 14.17 -2.89 2.11
CA GLU B 39 14.21 -3.98 1.15
C GLU B 39 12.86 -4.15 0.46
N ILE B 40 11.77 -3.82 1.16
CA ILE B 40 10.43 -3.95 0.60
C ILE B 40 10.13 -2.80 -0.35
N ILE B 41 10.49 -1.57 0.01
CA ILE B 41 10.17 -0.41 -0.82
C ILE B 41 11.12 -0.32 -2.02
N CYS B 42 12.36 -0.81 -1.87
CA CYS B 42 13.30 -0.86 -2.98
C CYS B 42 12.88 -1.94 -3.99
N GLU B 43 11.71 -2.56 -3.75
CA GLU B 43 11.14 -3.60 -4.60
C GLU B 43 12.07 -4.82 -4.77
N ASN B 44 13.03 -5.00 -3.86
CA ASN B 44 13.92 -6.15 -3.90
C ASN B 44 13.24 -7.38 -3.31
N LYS B 45 12.30 -7.17 -2.38
CA LYS B 45 11.56 -8.25 -1.72
C LYS B 45 10.12 -7.79 -1.48
N THR B 46 9.33 -8.60 -0.77
CA THR B 46 7.92 -8.27 -0.51
C THR B 46 7.47 -8.78 0.86
N TYR B 47 7.89 -9.99 1.26
CA TYR B 47 7.67 -10.48 2.60
C TYR B 47 8.53 -11.71 2.91
N ALA B 48 9.03 -12.40 1.87
CA ALA B 48 9.88 -13.57 2.06
C ALA B 48 11.19 -13.22 2.76
N ASP B 49 11.57 -11.93 2.74
CA ASP B 49 12.80 -11.47 3.36
C ASP B 49 12.71 -11.61 4.88
N VAL B 50 11.51 -11.38 5.44
CA VAL B 50 11.28 -11.44 6.87
C VAL B 50 10.35 -12.61 7.23
N ASN B 51 10.05 -13.46 6.24
CA ASN B 51 9.20 -14.65 6.42
C ASN B 51 7.85 -14.30 7.04
N ILE B 52 7.35 -13.08 6.80
CA ILE B 52 6.07 -12.64 7.33
C ILE B 52 4.94 -13.11 6.42
N ASP B 53 3.71 -13.08 6.93
CA ASP B 53 2.52 -13.41 6.14
C ASP B 53 2.38 -12.42 4.98
N ARG B 54 1.86 -12.91 3.85
CA ARG B 54 1.79 -12.11 2.65
C ARG B 54 0.87 -10.91 2.85
N SER B 55 -0.24 -11.12 3.56
CA SER B 55 -1.18 -10.06 3.85
C SER B 55 -0.59 -9.03 4.80
N ARG B 56 0.22 -9.47 5.77
CA ARG B 56 0.82 -8.55 6.73
C ARG B 56 1.89 -7.71 6.03
N GLY B 57 2.68 -8.32 5.15
CA GLY B 57 3.71 -7.59 4.43
C GLY B 57 3.10 -6.47 3.57
N ASP B 58 1.88 -6.68 3.06
CA ASP B 58 1.20 -5.67 2.27
C ASP B 58 0.54 -4.63 3.18
N TRP B 59 0.18 -5.02 4.40
CA TRP B 59 -0.44 -4.11 5.35
C TRP B 59 0.60 -3.11 5.87
N HIS B 60 1.80 -3.60 6.21
CA HIS B 60 2.85 -2.75 6.75
C HIS B 60 3.40 -1.79 5.69
N VAL B 61 3.54 -2.23 4.44
CA VAL B 61 4.13 -1.38 3.41
C VAL B 61 3.16 -0.29 2.97
N ILE B 62 1.85 -0.59 2.96
CA ILE B 62 0.83 0.37 2.57
C ILE B 62 0.69 1.45 3.65
N LEU B 63 0.76 1.04 4.93
CA LEU B 63 0.68 2.00 6.02
C LEU B 63 1.93 2.87 6.06
N TYR B 64 3.09 2.31 5.69
CA TYR B 64 4.34 3.02 5.85
C TYR B 64 4.44 4.18 4.87
N LEU B 65 4.12 3.94 3.59
CA LEU B 65 4.19 5.00 2.60
C LEU B 65 3.11 6.05 2.88
N MET B 66 2.04 5.67 3.59
CA MET B 66 1.01 6.63 3.98
C MET B 66 1.50 7.52 5.13
N LYS B 67 2.51 7.07 5.89
CA LYS B 67 3.11 7.91 6.94
C LYS B 67 3.98 8.99 6.30
N HIS B 68 4.52 8.72 5.10
CA HIS B 68 5.25 9.72 4.33
C HIS B 68 4.30 10.71 3.66
N GLY B 69 2.99 10.58 3.91
CA GLY B 69 1.99 11.52 3.39
C GLY B 69 1.56 11.19 1.96
N VAL B 70 2.12 10.10 1.39
CA VAL B 70 1.71 9.65 0.07
C VAL B 70 0.37 8.92 0.19
N THR B 71 -0.46 9.02 -0.85
CA THR B 71 -1.78 8.40 -0.86
C THR B 71 -2.10 7.97 -2.30
N ASP B 72 -3.36 8.05 -2.74
CA ASP B 72 -3.81 7.64 -4.06
C ASP B 72 -3.60 6.13 -4.29
N PRO B 73 -4.70 5.36 -4.51
CA PRO B 73 -4.66 3.92 -4.63
C PRO B 73 -4.03 3.43 -5.95
N ASP B 74 -3.86 4.32 -6.93
CA ASP B 74 -3.35 3.89 -8.23
C ASP B 74 -1.93 3.34 -8.11
N LYS B 75 -1.14 3.86 -7.17
CA LYS B 75 0.21 3.37 -6.96
C LYS B 75 0.21 2.16 -6.03
N ILE B 76 -0.83 2.04 -5.19
CA ILE B 76 -0.97 0.90 -4.29
C ILE B 76 -1.23 -0.36 -5.10
N LEU B 77 -2.06 -0.24 -6.15
CA LEU B 77 -2.40 -1.35 -7.02
C LEU B 77 -1.23 -1.67 -7.95
N GLU B 78 -0.44 -0.66 -8.31
CA GLU B 78 0.67 -0.84 -9.23
C GLU B 78 1.86 -1.54 -8.56
N LEU B 79 2.07 -1.30 -7.27
CA LEU B 79 3.22 -1.85 -6.57
C LEU B 79 2.94 -3.25 -6.01
N LEU B 80 1.73 -3.77 -6.21
CA LEU B 80 1.36 -5.09 -5.68
C LEU B 80 2.36 -6.14 -6.16
N PRO B 81 2.82 -7.02 -5.25
CA PRO B 81 3.74 -8.09 -5.55
C PRO B 81 3.01 -9.23 -6.25
N ARG B 82 3.74 -10.01 -7.06
CA ARG B 82 3.16 -11.14 -7.78
C ARG B 82 2.95 -12.35 -6.87
N ASP B 83 3.50 -12.32 -5.66
CA ASP B 83 3.33 -13.41 -4.70
C ASP B 83 2.03 -13.26 -3.92
N SER B 84 1.32 -12.13 -4.12
CA SER B 84 0.10 -11.83 -3.39
C SER B 84 -1.05 -12.74 -3.83
N LYS B 85 -2.06 -12.85 -2.96
CA LYS B 85 -3.30 -13.56 -3.30
C LYS B 85 -4.05 -12.76 -4.37
N ALA B 86 -3.62 -11.52 -4.63
CA ALA B 86 -4.21 -10.69 -5.67
C ALA B 86 -3.79 -11.17 -7.07
N LYS B 87 -2.99 -12.24 -7.15
CA LYS B 87 -2.52 -12.77 -8.43
C LYS B 87 -3.58 -13.65 -9.11
N GLU B 88 -4.31 -14.46 -8.33
CA GLU B 88 -5.28 -15.39 -8.87
C GLU B 88 -6.53 -15.45 -7.99
N ASN B 89 -6.36 -15.42 -6.67
CA ASN B 89 -7.47 -15.42 -5.71
C ASN B 89 -8.59 -16.36 -6.15
N GLU B 90 -8.32 -17.68 -6.20
CA GLU B 90 -9.31 -18.63 -6.65
C GLU B 90 -10.49 -18.71 -5.67
N LYS B 91 -10.26 -18.36 -4.39
CA LYS B 91 -11.29 -18.35 -3.36
C LYS B 91 -11.64 -16.92 -2.96
N TRP B 92 -11.20 -15.94 -3.75
CA TRP B 92 -11.32 -14.52 -3.40
C TRP B 92 -11.53 -13.69 -4.67
N ASN B 93 -11.45 -12.36 -4.52
CA ASN B 93 -11.47 -11.44 -5.65
C ASN B 93 -10.47 -10.32 -5.38
N THR B 94 -9.80 -9.84 -6.43
CA THR B 94 -8.74 -8.85 -6.27
C THR B 94 -9.30 -7.53 -5.77
N GLN B 95 -10.50 -7.16 -6.25
CA GLN B 95 -11.10 -5.90 -5.86
C GLN B 95 -11.63 -5.98 -4.43
N LYS B 96 -12.01 -7.18 -3.97
CA LYS B 96 -12.48 -7.36 -2.61
C LYS B 96 -11.34 -7.14 -1.64
N TYR B 97 -10.15 -7.65 -1.99
CA TYR B 97 -8.97 -7.49 -1.16
C TYR B 97 -8.51 -6.03 -1.18
N PHE B 98 -8.47 -5.42 -2.36
CA PHE B 98 -7.98 -4.07 -2.51
C PHE B 98 -8.91 -3.08 -1.79
N VAL B 99 -10.22 -3.22 -1.94
CA VAL B 99 -11.17 -2.30 -1.33
C VAL B 99 -11.10 -2.42 0.19
N ILE B 100 -10.95 -3.64 0.71
CA ILE B 100 -10.93 -3.87 2.14
C ILE B 100 -9.61 -3.37 2.75
N THR B 101 -8.49 -3.67 2.10
CA THR B 101 -7.18 -3.35 2.68
C THR B 101 -6.96 -1.86 2.73
N LEU B 102 -7.26 -1.14 1.65
CA LEU B 102 -7.05 0.30 1.63
C LEU B 102 -8.11 1.03 2.45
N SER B 103 -9.30 0.43 2.62
CA SER B 103 -10.33 1.05 3.44
C SER B 103 -9.91 1.03 4.91
N LYS B 104 -9.31 -0.08 5.35
CA LYS B 104 -8.89 -0.24 6.74
C LYS B 104 -7.56 0.47 6.98
N ALA B 105 -6.64 0.40 6.02
CA ALA B 105 -5.34 1.04 6.14
C ALA B 105 -5.50 2.57 6.08
N TRP B 106 -6.48 3.05 5.31
CA TRP B 106 -6.73 4.47 5.23
C TRP B 106 -7.43 4.96 6.48
N SER B 107 -8.34 4.14 7.04
CA SER B 107 -9.12 4.53 8.20
C SER B 107 -8.20 4.70 9.42
N VAL B 108 -7.19 3.85 9.55
CA VAL B 108 -6.29 3.91 10.71
C VAL B 108 -5.28 5.04 10.56
N VAL B 109 -4.91 5.38 9.31
CA VAL B 109 -3.98 6.49 9.09
C VAL B 109 -4.69 7.82 9.22
N LYS B 110 -5.86 7.97 8.60
CA LYS B 110 -6.55 9.26 8.60
C LYS B 110 -6.95 9.66 10.01
N LYS B 111 -7.26 8.68 10.87
CA LYS B 111 -7.61 8.96 12.26
C LYS B 111 -6.34 9.21 13.08
N TYR B 112 -5.20 8.73 12.60
CA TYR B 112 -3.93 8.97 13.27
C TYR B 112 -3.44 10.39 12.98
N LEU B 113 -3.83 10.97 11.83
CA LEU B 113 -3.36 12.29 11.43
C LEU B 113 -4.45 13.36 11.58
N GLU B 114 -5.65 12.98 12.03
CA GLU B 114 -6.75 13.91 12.21
C GLU B 114 -6.37 15.01 13.22
N ALA B 115 -7.02 16.17 13.10
CA ALA B 115 -6.77 17.31 13.98
C ALA B 115 -8.00 18.21 14.05
N THR B 1 -19.20 -3.20 -4.71
CA THR B 1 -17.74 -3.16 -4.46
C THR B 1 -17.08 -2.02 -5.24
N VAL B 2 -17.39 -1.89 -6.53
CA VAL B 2 -16.78 -0.86 -7.36
C VAL B 2 -17.12 0.55 -6.85
N VAL B 3 -18.29 0.70 -6.22
CA VAL B 3 -18.69 1.99 -5.64
C VAL B 3 -17.87 2.29 -4.39
N GLU B 4 -17.39 1.25 -3.70
CA GLU B 4 -16.57 1.44 -2.50
C GLU B 4 -15.17 1.89 -2.91
N PHE B 5 -14.69 1.42 -4.06
CA PHE B 5 -13.43 1.88 -4.62
C PHE B 5 -13.59 3.33 -5.09
N GLU B 6 -14.78 3.72 -5.55
CA GLU B 6 -15.04 5.05 -6.05
C GLU B 6 -15.04 6.07 -4.90
N GLU B 7 -15.47 5.67 -3.70
CA GLU B 7 -15.45 6.54 -2.54
C GLU B 7 -14.02 6.70 -2.03
N LEU B 8 -13.27 5.60 -1.99
CA LEU B 8 -11.90 5.62 -1.51
C LEU B 8 -11.01 6.38 -2.47
N ARG B 9 -11.06 6.06 -3.76
CA ARG B 9 -10.16 6.67 -4.73
C ARG B 9 -10.35 8.18 -4.80
N LYS B 10 -11.52 8.68 -4.38
CA LYS B 10 -11.78 10.10 -4.37
C LYS B 10 -11.10 10.75 -3.16
N GLU B 11 -11.22 10.11 -1.99
CA GLU B 11 -10.68 10.67 -0.77
C GLU B 11 -9.16 10.45 -0.69
N LEU B 12 -8.68 9.39 -1.32
CA LEU B 12 -7.26 9.08 -1.32
C LEU B 12 -6.51 10.02 -2.26
N VAL B 13 -7.12 10.36 -3.40
CA VAL B 13 -6.47 11.24 -4.37
C VAL B 13 -6.52 12.68 -3.91
N LYS B 14 -7.54 13.07 -3.15
CA LYS B 14 -7.62 14.44 -2.64
C LYS B 14 -6.65 14.63 -1.47
N ARG B 15 -6.19 13.53 -0.87
CA ARG B 15 -5.20 13.55 0.20
C ARG B 15 -3.80 13.22 -0.31
N ASP B 16 -3.69 12.84 -1.59
CA ASP B 16 -2.43 12.41 -2.17
C ASP B 16 -1.46 13.60 -2.34
N SER B 17 -0.16 13.31 -2.38
CA SER B 17 0.86 14.31 -2.64
C SER B 17 0.98 14.59 -4.14
N GLY B 18 0.40 13.72 -4.96
CA GLY B 18 0.37 13.87 -6.41
C GLY B 18 1.58 13.25 -7.08
N LYS B 19 2.48 12.62 -6.31
CA LYS B 19 3.70 12.04 -6.85
C LYS B 19 3.42 10.64 -7.39
N PRO B 20 4.02 10.27 -8.53
CA PRO B 20 3.95 8.94 -9.08
C PRO B 20 4.76 7.96 -8.22
N VAL B 21 4.43 6.67 -8.31
CA VAL B 21 5.04 5.61 -7.51
C VAL B 21 6.56 5.63 -7.64
N GLU B 22 7.08 6.07 -8.79
CA GLU B 22 8.50 6.05 -9.05
C GLU B 22 9.23 7.01 -8.11
N LYS B 23 8.51 7.95 -7.50
CA LYS B 23 9.10 8.87 -6.53
C LYS B 23 9.08 8.25 -5.13
N ILE B 24 8.18 7.30 -4.89
CA ILE B 24 8.01 6.74 -3.55
C ILE B 24 9.21 5.87 -3.19
N LYS B 25 9.63 4.98 -4.10
CA LYS B 25 10.80 4.16 -3.80
C LYS B 25 12.09 4.95 -3.97
N GLU B 26 12.07 6.00 -4.78
CA GLU B 26 13.27 6.80 -5.02
C GLU B 26 13.60 7.65 -3.79
N GLU B 27 12.58 8.15 -3.10
CA GLU B 27 12.81 9.02 -1.94
C GLU B 27 13.00 8.20 -0.66
N ILE B 28 12.53 6.95 -0.64
CA ILE B 28 12.65 6.10 0.55
C ILE B 28 13.92 5.25 0.49
N CYS B 29 14.33 4.80 -0.69
CA CYS B 29 15.49 3.92 -0.82
C CYS B 29 16.80 4.68 -0.66
N THR B 30 16.76 6.02 -0.71
CA THR B 30 17.95 6.82 -0.45
C THR B 30 18.10 7.10 1.06
N LYS B 31 17.00 6.89 1.81
CA LYS B 31 17.00 7.07 3.27
C LYS B 31 17.43 5.77 3.94
N SER B 32 17.37 5.74 5.28
CA SER B 32 17.77 4.58 6.06
C SER B 32 16.63 4.10 6.96
N PRO B 33 15.49 3.72 6.36
CA PRO B 33 14.35 3.15 7.07
C PRO B 33 14.72 1.78 7.65
N PRO B 34 13.87 1.22 8.52
CA PRO B 34 14.06 -0.11 9.07
C PRO B 34 14.09 -1.16 7.97
N LYS B 35 14.69 -2.32 8.25
CA LYS B 35 14.95 -3.35 7.24
C LYS B 35 13.66 -3.81 6.55
N LEU B 36 12.53 -3.78 7.27
CA LEU B 36 11.26 -4.20 6.71
C LEU B 36 10.83 -3.25 5.58
N ILE B 37 10.92 -1.94 5.84
CA ILE B 37 10.50 -0.95 4.86
C ILE B 37 11.58 -0.80 3.78
N LYS B 38 12.85 -0.98 4.15
CA LYS B 38 13.96 -0.80 3.24
C LYS B 38 13.88 -1.77 2.06
N GLU B 39 13.75 -3.07 2.36
CA GLU B 39 13.81 -4.08 1.31
C GLU B 39 12.51 -4.15 0.52
N ILE B 40 11.38 -3.88 1.18
CA ILE B 40 10.07 -4.06 0.55
C ILE B 40 9.73 -2.87 -0.34
N ILE B 41 10.09 -1.64 0.05
CA ILE B 41 9.80 -0.47 -0.76
C ILE B 41 10.69 -0.43 -2.00
N CYS B 42 11.94 -0.91 -1.87
CA CYS B 42 12.84 -0.94 -3.00
C CYS B 42 12.52 -2.12 -3.92
N GLU B 43 11.38 -2.78 -3.67
CA GLU B 43 10.81 -3.79 -4.55
C GLU B 43 11.75 -4.98 -4.77
N ASN B 44 12.77 -5.14 -3.92
CA ASN B 44 13.73 -6.23 -4.08
C ASN B 44 13.16 -7.53 -3.52
N LYS B 45 12.23 -7.43 -2.57
CA LYS B 45 11.57 -8.58 -1.94
C LYS B 45 10.10 -8.22 -1.68
N THR B 46 9.38 -9.08 -0.96
CA THR B 46 7.94 -8.86 -0.73
C THR B 46 7.48 -9.43 0.62
N TYR B 47 8.05 -10.56 1.04
CA TYR B 47 7.75 -11.10 2.36
C TYR B 47 8.82 -12.12 2.80
N ALA B 48 9.45 -12.79 1.84
CA ALA B 48 10.42 -13.84 2.12
C ALA B 48 11.67 -13.28 2.82
N ASP B 49 11.90 -11.98 2.72
CA ASP B 49 13.06 -11.34 3.34
C ASP B 49 12.97 -11.44 4.85
N VAL B 50 11.76 -11.24 5.40
CA VAL B 50 11.51 -11.27 6.83
C VAL B 50 10.63 -12.46 7.22
N ASN B 51 10.34 -13.35 6.26
CA ASN B 51 9.50 -14.51 6.47
C ASN B 51 8.14 -14.14 7.09
N ILE B 52 7.65 -12.94 6.79
CA ILE B 52 6.38 -12.46 7.33
C ILE B 52 5.21 -12.98 6.51
N ASP B 53 4.01 -12.89 7.06
CA ASP B 53 2.79 -13.21 6.35
C ASP B 53 2.58 -12.22 5.21
N ARG B 54 2.04 -12.70 4.09
CA ARG B 54 1.93 -11.88 2.88
C ARG B 54 1.01 -10.69 3.12
N SER B 55 -0.06 -10.89 3.91
CA SER B 55 -0.99 -9.83 4.21
C SER B 55 -0.35 -8.79 5.12
N ARG B 56 0.49 -9.20 6.07
CA ARG B 56 1.12 -8.27 6.99
C ARG B 56 2.17 -7.46 6.24
N GLY B 57 2.88 -8.08 5.30
CA GLY B 57 3.89 -7.39 4.52
C GLY B 57 3.26 -6.25 3.71
N ASP B 58 2.05 -6.49 3.19
CA ASP B 58 1.34 -5.48 2.41
C ASP B 58 0.64 -4.47 3.33
N TRP B 59 0.30 -4.89 4.55
CA TRP B 59 -0.35 -4.02 5.50
C TRP B 59 0.63 -2.98 6.05
N HIS B 60 1.83 -3.42 6.43
CA HIS B 60 2.84 -2.51 7.00
C HIS B 60 3.38 -1.55 5.94
N VAL B 61 3.54 -1.99 4.70
CA VAL B 61 4.12 -1.14 3.67
C VAL B 61 3.13 -0.06 3.22
N ILE B 62 1.84 -0.40 3.17
CA ILE B 62 0.81 0.53 2.72
C ILE B 62 0.61 1.64 3.75
N LEU B 63 0.64 1.29 5.04
CA LEU B 63 0.47 2.27 6.11
C LEU B 63 1.62 3.26 6.10
N TYR B 64 2.84 2.77 5.85
CA TYR B 64 4.04 3.58 6.01
C TYR B 64 4.14 4.64 4.91
N LEU B 65 3.88 4.27 3.66
CA LEU B 65 3.96 5.21 2.55
C LEU B 65 2.84 6.24 2.64
N MET B 66 1.77 5.95 3.38
CA MET B 66 0.72 6.93 3.62
C MET B 66 1.16 7.95 4.67
N LYS B 67 2.16 7.63 5.48
CA LYS B 67 2.73 8.60 6.42
C LYS B 67 3.73 9.52 5.70
N HIS B 68 4.24 9.09 4.55
CA HIS B 68 5.04 9.95 3.67
C HIS B 68 4.15 10.92 2.90
N GLY B 69 2.82 10.84 3.10
CA GLY B 69 1.88 11.80 2.53
C GLY B 69 1.39 11.39 1.14
N VAL B 70 1.86 10.27 0.59
CA VAL B 70 1.34 9.77 -0.68
C VAL B 70 0.18 8.83 -0.37
N THR B 71 -0.93 8.94 -1.11
CA THR B 71 -2.16 8.25 -0.71
C THR B 71 -2.92 7.64 -1.88
N ASP B 72 -2.65 8.07 -3.12
CA ASP B 72 -3.36 7.61 -4.31
C ASP B 72 -3.27 6.08 -4.43
N PRO B 73 -4.41 5.37 -4.57
CA PRO B 73 -4.49 3.91 -4.62
C PRO B 73 -4.01 3.33 -5.94
N ASP B 74 -3.84 4.14 -6.99
CA ASP B 74 -3.44 3.61 -8.28
C ASP B 74 -2.07 2.94 -8.21
N LYS B 75 -1.18 3.43 -7.34
CA LYS B 75 0.12 2.81 -7.17
C LYS B 75 0.01 1.61 -6.24
N ILE B 76 -0.96 1.62 -5.33
CA ILE B 76 -1.14 0.55 -4.36
C ILE B 76 -1.50 -0.73 -5.08
N LEU B 77 -2.37 -0.61 -6.10
CA LEU B 77 -2.81 -1.75 -6.89
C LEU B 77 -1.71 -2.21 -7.86
N GLU B 78 -0.90 -1.27 -8.35
CA GLU B 78 0.15 -1.60 -9.31
C GLU B 78 1.38 -2.18 -8.64
N LEU B 79 1.61 -1.88 -7.35
CA LEU B 79 2.80 -2.36 -6.65
C LEU B 79 2.56 -3.72 -5.99
N LEU B 80 1.34 -4.26 -6.10
CA LEU B 80 1.03 -5.55 -5.49
C LEU B 80 1.99 -6.62 -6.01
N PRO B 81 2.56 -7.42 -5.11
CA PRO B 81 3.48 -8.49 -5.45
C PRO B 81 2.72 -9.66 -6.09
N ARG B 82 3.37 -10.38 -7.00
CA ARG B 82 2.75 -11.52 -7.67
C ARG B 82 2.61 -12.71 -6.73
N ASP B 83 3.25 -12.65 -5.55
CA ASP B 83 3.14 -13.72 -4.56
C ASP B 83 1.90 -13.54 -3.68
N SER B 84 1.21 -12.40 -3.82
CA SER B 84 0.01 -12.12 -3.03
C SER B 84 -1.13 -13.03 -3.47
N LYS B 85 -2.13 -13.20 -2.59
CA LYS B 85 -3.32 -13.99 -2.90
C LYS B 85 -4.18 -13.26 -3.93
N ALA B 86 -3.79 -12.04 -4.30
CA ALA B 86 -4.45 -11.25 -5.32
C ALA B 86 -4.13 -11.75 -6.73
N LYS B 87 -3.36 -12.84 -6.85
CA LYS B 87 -2.85 -13.31 -8.15
C LYS B 87 -3.89 -14.10 -8.94
N GLU B 88 -4.81 -14.83 -8.28
CA GLU B 88 -5.76 -15.66 -9.01
C GLU B 88 -7.13 -15.73 -8.31
N ASN B 89 -7.16 -15.70 -6.98
CA ASN B 89 -8.40 -15.62 -6.19
C ASN B 89 -9.43 -16.67 -6.62
N GLU B 90 -9.23 -17.94 -6.27
CA GLU B 90 -10.17 -19.00 -6.63
C GLU B 90 -11.45 -18.93 -5.78
N LYS B 91 -11.44 -18.09 -4.73
CA LYS B 91 -12.56 -17.95 -3.81
C LYS B 91 -12.71 -16.49 -3.37
N TRP B 92 -12.13 -15.58 -4.14
CA TRP B 92 -12.05 -14.17 -3.79
C TRP B 92 -12.05 -13.31 -5.06
N ASN B 93 -11.87 -12.00 -4.90
CA ASN B 93 -11.70 -11.08 -6.02
C ASN B 93 -10.60 -10.09 -5.67
N THR B 94 -9.78 -9.70 -6.65
CA THR B 94 -8.66 -8.82 -6.38
C THR B 94 -9.16 -7.45 -5.92
N GLN B 95 -10.30 -7.00 -6.45
CA GLN B 95 -10.85 -5.71 -6.08
C GLN B 95 -11.44 -5.76 -4.67
N LYS B 96 -11.88 -6.94 -4.22
CA LYS B 96 -12.43 -7.09 -2.88
C LYS B 96 -11.30 -6.94 -1.86
N TYR B 97 -10.14 -7.53 -2.17
CA TYR B 97 -8.97 -7.43 -1.31
C TYR B 97 -8.42 -6.01 -1.33
N PHE B 98 -8.34 -5.41 -2.52
CA PHE B 98 -7.79 -4.08 -2.69
C PHE B 98 -8.67 -3.03 -1.99
N VAL B 99 -10.00 -3.19 -2.05
CA VAL B 99 -10.90 -2.24 -1.41
C VAL B 99 -10.82 -2.37 0.11
N ILE B 100 -10.77 -3.61 0.61
CA ILE B 100 -10.78 -3.84 2.06
C ILE B 100 -9.46 -3.39 2.69
N THR B 101 -8.34 -3.73 2.06
CA THR B 101 -7.03 -3.44 2.65
C THR B 101 -6.78 -1.93 2.70
N LEU B 102 -7.13 -1.22 1.63
CA LEU B 102 -6.93 0.22 1.59
C LEU B 102 -7.93 0.93 2.49
N SER B 103 -9.17 0.42 2.56
CA SER B 103 -10.19 1.06 3.36
C SER B 103 -9.80 1.04 4.84
N LYS B 104 -9.25 -0.08 5.30
CA LYS B 104 -8.90 -0.23 6.70
C LYS B 104 -7.55 0.41 7.00
N ALA B 105 -6.60 0.30 6.08
CA ALA B 105 -5.29 0.91 6.26
C ALA B 105 -5.41 2.44 6.23
N TRP B 106 -6.30 2.96 5.38
CA TRP B 106 -6.51 4.39 5.27
C TRP B 106 -7.22 4.90 6.52
N SER B 107 -8.16 4.11 7.05
CA SER B 107 -8.90 4.51 8.23
C SER B 107 -7.95 4.67 9.41
N VAL B 108 -6.98 3.77 9.54
CA VAL B 108 -6.04 3.78 10.65
C VAL B 108 -5.09 4.97 10.56
N VAL B 109 -4.67 5.34 9.34
CA VAL B 109 -3.73 6.43 9.18
C VAL B 109 -4.43 7.78 9.29
N LYS B 110 -5.60 7.94 8.66
CA LYS B 110 -6.25 9.24 8.68
C LYS B 110 -6.71 9.59 10.10
N LYS B 111 -7.05 8.59 10.91
CA LYS B 111 -7.43 8.83 12.31
C LYS B 111 -6.19 9.05 13.17
N TYR B 112 -5.03 8.59 12.70
CA TYR B 112 -3.76 8.82 13.40
C TYR B 112 -3.22 10.22 13.13
N LEU B 113 -3.63 10.84 12.01
CA LEU B 113 -3.15 12.16 11.64
C LEU B 113 -4.24 13.24 11.76
N GLU B 114 -5.45 12.85 12.19
CA GLU B 114 -6.56 13.79 12.34
C GLU B 114 -6.21 14.90 13.33
N ALA B 115 -6.90 16.03 13.22
CA ALA B 115 -6.69 17.18 14.09
C ALA B 115 -7.97 18.00 14.23
N THR B 1 -18.47 -3.39 -3.70
CA THR B 1 -17.03 -3.08 -3.70
C THR B 1 -16.72 -1.88 -4.58
N VAL B 2 -17.35 -1.81 -5.76
CA VAL B 2 -17.07 -0.75 -6.73
C VAL B 2 -17.49 0.62 -6.20
N VAL B 3 -18.54 0.67 -5.36
CA VAL B 3 -19.01 1.94 -4.81
C VAL B 3 -18.13 2.37 -3.65
N GLU B 4 -17.55 1.41 -2.93
CA GLU B 4 -16.65 1.70 -1.84
C GLU B 4 -15.31 2.18 -2.39
N PHE B 5 -14.88 1.58 -3.49
CA PHE B 5 -13.69 2.02 -4.19
C PHE B 5 -13.88 3.45 -4.70
N GLU B 6 -15.11 3.80 -5.07
CA GLU B 6 -15.42 5.12 -5.60
C GLU B 6 -15.33 6.18 -4.51
N GLU B 7 -15.67 5.83 -3.27
CA GLU B 7 -15.57 6.76 -2.15
C GLU B 7 -14.13 6.87 -1.68
N LEU B 8 -13.43 5.74 -1.59
CA LEU B 8 -12.05 5.72 -1.14
C LEU B 8 -11.14 6.42 -2.15
N ARG B 9 -11.24 6.07 -3.44
CA ARG B 9 -10.33 6.61 -4.44
C ARG B 9 -10.43 8.13 -4.51
N LYS B 10 -11.59 8.70 -4.15
CA LYS B 10 -11.78 10.14 -4.19
C LYS B 10 -11.07 10.79 -3.01
N GLU B 11 -11.19 10.19 -1.83
CA GLU B 11 -10.60 10.75 -0.63
C GLU B 11 -9.09 10.50 -0.60
N LEU B 12 -8.65 9.39 -1.19
CA LEU B 12 -7.24 9.03 -1.20
C LEU B 12 -6.46 9.91 -2.19
N VAL B 13 -7.08 10.26 -3.32
CA VAL B 13 -6.43 11.09 -4.33
C VAL B 13 -6.37 12.54 -3.86
N LYS B 14 -7.37 12.99 -3.10
CA LYS B 14 -7.38 14.36 -2.60
C LYS B 14 -6.42 14.52 -1.42
N ARG B 15 -5.96 13.39 -0.85
CA ARG B 15 -4.97 13.38 0.22
C ARG B 15 -3.59 12.98 -0.30
N ASP B 16 -3.48 12.61 -1.58
CA ASP B 16 -2.23 12.15 -2.15
C ASP B 16 -1.22 13.30 -2.29
N SER B 17 0.06 12.95 -2.39
CA SER B 17 1.12 13.93 -2.61
C SER B 17 1.20 14.31 -4.10
N GLY B 18 0.56 13.50 -4.95
CA GLY B 18 0.49 13.75 -6.39
C GLY B 18 1.69 13.18 -7.13
N LYS B 19 2.66 12.62 -6.41
CA LYS B 19 3.86 12.04 -7.02
C LYS B 19 3.55 10.65 -7.57
N PRO B 20 4.14 10.30 -8.72
CA PRO B 20 4.02 8.98 -9.31
C PRO B 20 4.76 7.95 -8.46
N VAL B 21 4.44 6.66 -8.65
CA VAL B 21 4.96 5.59 -7.81
C VAL B 21 6.49 5.52 -7.91
N GLU B 22 7.04 5.94 -9.06
CA GLU B 22 8.48 5.89 -9.27
C GLU B 22 9.21 6.80 -8.28
N LYS B 23 8.49 7.78 -7.71
CA LYS B 23 9.07 8.66 -6.71
C LYS B 23 9.03 8.02 -5.33
N ILE B 24 8.12 7.06 -5.11
CA ILE B 24 7.95 6.46 -3.79
C ILE B 24 9.18 5.63 -3.47
N LYS B 25 9.62 4.77 -4.40
CA LYS B 25 10.79 3.94 -4.12
C LYS B 25 12.08 4.71 -4.33
N GLU B 26 12.07 5.76 -5.15
CA GLU B 26 13.28 6.51 -5.44
C GLU B 26 13.64 7.42 -4.27
N GLU B 27 12.63 7.98 -3.59
CA GLU B 27 12.88 8.89 -2.48
C GLU B 27 13.05 8.14 -1.16
N ILE B 28 12.53 6.91 -1.07
CA ILE B 28 12.60 6.14 0.18
C ILE B 28 13.76 5.15 0.17
N CYS B 29 14.08 4.55 -0.98
CA CYS B 29 15.12 3.53 -1.03
C CYS B 29 16.51 4.15 -0.84
N THR B 30 16.61 5.49 -0.90
CA THR B 30 17.85 6.20 -0.66
C THR B 30 17.99 6.61 0.81
N LYS B 31 16.91 6.50 1.58
CA LYS B 31 16.90 6.88 3.00
C LYS B 31 17.57 5.78 3.83
N SER B 32 17.55 5.94 5.17
CA SER B 32 18.18 5.00 6.08
C SER B 32 17.19 4.43 7.12
N PRO B 33 15.95 4.09 6.74
CA PRO B 33 15.01 3.43 7.63
C PRO B 33 15.48 1.99 7.89
N PRO B 34 14.83 1.26 8.80
CA PRO B 34 15.16 -0.11 9.11
C PRO B 34 15.26 -0.95 7.83
N LYS B 35 16.18 -1.91 7.80
CA LYS B 35 16.46 -2.69 6.60
C LYS B 35 15.24 -3.49 6.16
N LEU B 36 14.27 -3.71 7.05
CA LEU B 36 13.08 -4.48 6.74
C LEU B 36 12.21 -3.70 5.75
N ILE B 37 11.72 -2.52 6.16
CA ILE B 37 10.83 -1.74 5.32
C ILE B 37 11.58 -1.19 4.10
N LYS B 38 12.89 -0.99 4.22
CA LYS B 38 13.68 -0.45 3.12
C LYS B 38 13.73 -1.45 1.97
N GLU B 39 13.98 -2.72 2.28
CA GLU B 39 14.12 -3.74 1.26
C GLU B 39 12.79 -3.97 0.53
N ILE B 40 11.68 -3.75 1.23
CA ILE B 40 10.35 -3.94 0.64
C ILE B 40 10.03 -2.79 -0.32
N ILE B 41 10.39 -1.56 0.04
CA ILE B 41 10.11 -0.41 -0.82
C ILE B 41 11.06 -0.37 -2.01
N CYS B 42 12.29 -0.85 -1.84
CA CYS B 42 13.23 -0.98 -2.95
C CYS B 42 12.75 -2.07 -3.92
N GLU B 43 11.60 -2.69 -3.61
CA GLU B 43 10.97 -3.74 -4.42
C GLU B 43 11.89 -4.94 -4.63
N ASN B 44 12.88 -5.12 -3.75
CA ASN B 44 13.78 -6.27 -3.83
C ASN B 44 13.13 -7.50 -3.22
N LYS B 45 12.19 -7.30 -2.28
CA LYS B 45 11.49 -8.38 -1.59
C LYS B 45 10.03 -7.96 -1.36
N THR B 46 9.25 -8.79 -0.67
CA THR B 46 7.83 -8.47 -0.42
C THR B 46 7.36 -9.02 0.93
N TYR B 47 7.81 -10.21 1.33
CA TYR B 47 7.51 -10.74 2.65
C TYR B 47 8.45 -11.87 3.04
N ALA B 48 9.05 -12.56 2.05
CA ALA B 48 9.95 -13.68 2.31
C ALA B 48 11.22 -13.22 3.01
N ASP B 49 11.54 -11.92 2.94
CA ASP B 49 12.73 -11.37 3.58
C ASP B 49 12.61 -11.50 5.10
N VAL B 50 11.40 -11.28 5.62
CA VAL B 50 11.14 -11.33 7.06
C VAL B 50 10.24 -12.52 7.41
N ASN B 51 9.94 -13.37 6.42
CA ASN B 51 9.11 -14.55 6.60
C ASN B 51 7.74 -14.20 7.23
N ILE B 52 7.26 -12.99 6.97
CA ILE B 52 5.98 -12.52 7.51
C ILE B 52 4.82 -13.02 6.64
N ASP B 53 3.60 -12.96 7.18
CA ASP B 53 2.40 -13.29 6.43
C ASP B 53 2.26 -12.35 5.22
N ARG B 54 1.74 -12.87 4.11
CA ARG B 54 1.66 -12.12 2.88
C ARG B 54 0.78 -10.89 3.07
N SER B 55 -0.28 -11.04 3.86
CA SER B 55 -1.20 -9.94 4.13
C SER B 55 -0.55 -8.86 4.97
N ARG B 56 0.19 -9.25 6.00
CA ARG B 56 0.80 -8.29 6.91
C ARG B 56 1.95 -7.57 6.22
N GLY B 57 2.65 -8.25 5.30
CA GLY B 57 3.70 -7.61 4.53
C GLY B 57 3.13 -6.49 3.67
N ASP B 58 1.90 -6.68 3.16
CA ASP B 58 1.24 -5.66 2.36
C ASP B 58 0.61 -4.60 3.25
N TRP B 59 0.29 -4.97 4.49
CA TRP B 59 -0.31 -4.05 5.45
C TRP B 59 0.73 -3.03 5.93
N HIS B 60 1.91 -3.50 6.31
CA HIS B 60 2.96 -2.63 6.82
C HIS B 60 3.48 -1.69 5.73
N VAL B 61 3.61 -2.17 4.48
CA VAL B 61 4.17 -1.34 3.41
C VAL B 61 3.16 -0.26 2.99
N ILE B 62 1.86 -0.59 3.00
CA ILE B 62 0.84 0.37 2.60
C ILE B 62 0.69 1.47 3.65
N LEU B 63 0.77 1.11 4.94
CA LEU B 63 0.69 2.09 6.00
C LEU B 63 1.91 3.00 5.98
N TYR B 64 3.08 2.45 5.66
CA TYR B 64 4.33 3.18 5.77
C TYR B 64 4.42 4.26 4.71
N LEU B 65 4.07 3.95 3.47
CA LEU B 65 4.13 4.93 2.40
C LEU B 65 3.04 6.01 2.60
N MET B 66 2.00 5.70 3.39
CA MET B 66 1.00 6.72 3.73
C MET B 66 1.52 7.66 4.82
N LYS B 67 2.55 7.25 5.57
CA LYS B 67 3.21 8.16 6.50
C LYS B 67 4.05 9.17 5.73
N HIS B 68 4.54 8.77 4.55
CA HIS B 68 5.25 9.67 3.65
C HIS B 68 4.28 10.55 2.86
N GLY B 69 2.97 10.42 3.11
CA GLY B 69 1.96 11.31 2.55
C GLY B 69 1.42 10.83 1.21
N VAL B 70 1.99 9.77 0.63
CA VAL B 70 1.46 9.21 -0.61
C VAL B 70 0.24 8.37 -0.28
N THR B 71 -0.86 8.54 -1.03
CA THR B 71 -2.13 7.97 -0.62
C THR B 71 -2.95 7.42 -1.79
N ASP B 72 -2.73 7.91 -3.01
CA ASP B 72 -3.52 7.54 -4.17
C ASP B 72 -3.42 6.02 -4.42
N PRO B 73 -4.57 5.33 -4.54
CA PRO B 73 -4.64 3.88 -4.72
C PRO B 73 -4.01 3.42 -6.03
N ASP B 74 -3.81 4.31 -6.99
CA ASP B 74 -3.19 3.93 -8.26
C ASP B 74 -1.75 3.49 -8.02
N LYS B 75 -1.11 3.99 -6.96
CA LYS B 75 0.25 3.59 -6.62
C LYS B 75 0.21 2.33 -5.77
N ILE B 76 -0.85 2.15 -4.99
CA ILE B 76 -1.03 0.96 -4.15
C ILE B 76 -1.19 -0.26 -5.05
N LEU B 77 -1.84 -0.06 -6.20
CA LEU B 77 -2.12 -1.14 -7.13
C LEU B 77 -0.89 -1.45 -7.98
N GLU B 78 -0.08 -0.43 -8.28
CA GLU B 78 1.09 -0.61 -9.14
C GLU B 78 2.22 -1.31 -8.39
N LEU B 79 2.35 -1.07 -7.07
CA LEU B 79 3.41 -1.67 -6.27
C LEU B 79 2.96 -3.03 -5.72
N LEU B 80 1.71 -3.42 -5.96
CA LEU B 80 1.12 -4.62 -5.38
C LEU B 80 1.91 -5.86 -5.83
N PRO B 81 2.59 -6.55 -4.89
CA PRO B 81 3.41 -7.71 -5.18
C PRO B 81 2.60 -8.83 -5.83
N ARG B 82 3.22 -9.56 -6.77
CA ARG B 82 2.56 -10.66 -7.47
C ARG B 82 2.57 -11.95 -6.64
N ASP B 83 3.24 -11.95 -5.49
CA ASP B 83 3.23 -13.11 -4.60
C ASP B 83 2.05 -13.04 -3.64
N SER B 84 1.27 -11.96 -3.69
CA SER B 84 0.11 -11.76 -2.85
C SER B 84 -1.05 -12.66 -3.29
N LYS B 85 -2.14 -12.65 -2.53
CA LYS B 85 -3.37 -13.35 -2.89
C LYS B 85 -4.10 -12.59 -4.01
N ALA B 86 -3.58 -11.44 -4.43
CA ALA B 86 -4.14 -10.67 -5.53
C ALA B 86 -3.64 -11.22 -6.87
N LYS B 87 -2.86 -12.31 -6.83
CA LYS B 87 -2.24 -12.90 -8.02
C LYS B 87 -3.25 -13.68 -8.84
N GLU B 88 -4.11 -14.46 -8.18
CA GLU B 88 -5.03 -15.36 -8.85
C GLU B 88 -6.36 -15.40 -8.09
N ASN B 89 -6.30 -15.41 -6.75
CA ASN B 89 -7.46 -15.47 -5.88
C ASN B 89 -8.56 -16.39 -6.43
N GLU B 90 -8.29 -17.70 -6.43
CA GLU B 90 -9.23 -18.68 -6.96
C GLU B 90 -10.52 -18.70 -6.13
N LYS B 91 -10.45 -18.20 -4.88
CA LYS B 91 -11.59 -18.17 -3.97
C LYS B 91 -11.88 -16.73 -3.53
N TRP B 92 -11.35 -15.75 -4.25
CA TRP B 92 -11.44 -14.35 -3.90
C TRP B 92 -11.45 -13.48 -5.16
N ASN B 93 -11.41 -12.16 -4.97
CA ASN B 93 -11.29 -11.20 -6.06
C ASN B 93 -10.33 -10.09 -5.63
N THR B 94 -9.47 -9.63 -6.55
CA THR B 94 -8.44 -8.66 -6.19
C THR B 94 -9.06 -7.33 -5.78
N GLN B 95 -10.19 -6.95 -6.38
CA GLN B 95 -10.81 -5.67 -6.06
C GLN B 95 -11.46 -5.73 -4.68
N LYS B 96 -11.90 -6.91 -4.24
CA LYS B 96 -12.49 -7.07 -2.92
C LYS B 96 -11.41 -6.93 -1.87
N TYR B 97 -10.23 -7.50 -2.15
CA TYR B 97 -9.08 -7.41 -1.27
C TYR B 97 -8.57 -5.96 -1.23
N PHE B 98 -8.49 -5.33 -2.39
CA PHE B 98 -7.98 -3.99 -2.52
C PHE B 98 -8.88 -2.98 -1.80
N VAL B 99 -10.21 -3.18 -1.84
CA VAL B 99 -11.14 -2.27 -1.17
C VAL B 99 -11.04 -2.45 0.35
N ILE B 100 -10.95 -3.69 0.83
CA ILE B 100 -10.93 -3.97 2.25
C ILE B 100 -9.62 -3.48 2.87
N THR B 101 -8.48 -3.75 2.23
CA THR B 101 -7.18 -3.43 2.81
C THR B 101 -6.94 -1.93 2.86
N LEU B 102 -7.33 -1.19 1.80
CA LEU B 102 -7.16 0.26 1.81
C LEU B 102 -8.18 0.92 2.72
N SER B 103 -9.37 0.33 2.85
CA SER B 103 -10.39 0.89 3.73
C SER B 103 -9.90 0.85 5.18
N LYS B 104 -9.26 -0.25 5.57
CA LYS B 104 -8.76 -0.42 6.92
C LYS B 104 -7.46 0.36 7.13
N ALA B 105 -6.55 0.31 6.16
CA ALA B 105 -5.26 0.97 6.27
C ALA B 105 -5.42 2.48 6.22
N TRP B 106 -6.41 2.97 5.46
CA TRP B 106 -6.67 4.41 5.39
C TRP B 106 -7.36 4.87 6.66
N SER B 107 -8.24 4.04 7.21
CA SER B 107 -9.00 4.40 8.39
C SER B 107 -8.07 4.61 9.59
N VAL B 108 -7.01 3.80 9.69
CA VAL B 108 -6.11 3.89 10.83
C VAL B 108 -5.13 5.05 10.66
N VAL B 109 -4.77 5.41 9.41
CA VAL B 109 -3.87 6.53 9.17
C VAL B 109 -4.62 7.85 9.27
N LYS B 110 -5.81 7.94 8.70
CA LYS B 110 -6.55 9.20 8.68
C LYS B 110 -6.94 9.61 10.10
N LYS B 111 -7.23 8.63 10.97
CA LYS B 111 -7.54 8.93 12.37
C LYS B 111 -6.27 9.24 13.16
N TYR B 112 -5.12 8.78 12.66
CA TYR B 112 -3.85 9.08 13.28
C TYR B 112 -3.40 10.52 12.96
N LEU B 113 -3.84 11.05 11.82
CA LEU B 113 -3.44 12.39 11.39
C LEU B 113 -4.57 13.42 11.51
N GLU B 114 -5.73 13.01 12.06
CA GLU B 114 -6.82 13.93 12.32
C GLU B 114 -6.36 15.02 13.29
N ALA B 115 -7.18 16.06 13.46
CA ALA B 115 -6.86 17.20 14.32
C ALA B 115 -5.53 17.85 13.91
N THR B 1 -19.94 -2.82 -4.44
CA THR B 1 -18.51 -2.82 -4.06
C THR B 1 -17.72 -1.74 -4.80
N VAL B 2 -18.01 -1.55 -6.09
CA VAL B 2 -17.28 -0.56 -6.90
C VAL B 2 -17.53 0.85 -6.39
N VAL B 3 -18.67 1.08 -5.72
CA VAL B 3 -18.99 2.38 -5.15
C VAL B 3 -18.06 2.70 -3.99
N GLU B 4 -17.54 1.68 -3.32
CA GLU B 4 -16.62 1.89 -2.21
C GLU B 4 -15.23 2.25 -2.74
N PHE B 5 -14.82 1.63 -3.84
CA PHE B 5 -13.58 1.99 -4.49
C PHE B 5 -13.68 3.41 -5.03
N GLU B 6 -14.87 3.78 -5.54
CA GLU B 6 -15.11 5.10 -6.10
C GLU B 6 -15.07 6.16 -4.99
N GLU B 7 -15.49 5.81 -3.78
CA GLU B 7 -15.48 6.72 -2.65
C GLU B 7 -14.09 6.82 -2.06
N LEU B 8 -13.37 5.69 -1.95
CA LEU B 8 -12.02 5.68 -1.39
C LEU B 8 -11.06 6.38 -2.32
N ARG B 9 -11.08 6.04 -3.61
CA ARG B 9 -10.11 6.61 -4.55
C ARG B 9 -10.26 8.14 -4.63
N LYS B 10 -11.44 8.65 -4.30
CA LYS B 10 -11.68 10.09 -4.30
C LYS B 10 -11.01 10.72 -3.10
N GLU B 11 -11.11 10.10 -1.93
CA GLU B 11 -10.54 10.66 -0.72
C GLU B 11 -9.03 10.41 -0.66
N LEU B 12 -8.58 9.30 -1.25
CA LEU B 12 -7.18 8.94 -1.24
C LEU B 12 -6.39 9.85 -2.17
N VAL B 13 -6.96 10.19 -3.33
CA VAL B 13 -6.28 11.03 -4.30
C VAL B 13 -6.29 12.49 -3.85
N LYS B 14 -7.33 12.91 -3.11
CA LYS B 14 -7.41 14.30 -2.66
C LYS B 14 -6.40 14.57 -1.55
N ARG B 15 -5.87 13.53 -0.90
CA ARG B 15 -4.84 13.70 0.13
C ARG B 15 -3.49 13.14 -0.32
N ASP B 16 -3.40 12.67 -1.56
CA ASP B 16 -2.17 12.09 -2.11
C ASP B 16 -1.11 13.18 -2.33
N SER B 17 0.15 12.78 -2.44
CA SER B 17 1.24 13.69 -2.75
C SER B 17 1.31 13.94 -4.26
N GLY B 18 0.66 13.08 -5.05
CA GLY B 18 0.51 13.26 -6.48
C GLY B 18 1.73 12.76 -7.27
N LYS B 19 2.71 12.17 -6.58
CA LYS B 19 3.93 11.69 -7.22
C LYS B 19 3.72 10.33 -7.87
N PRO B 20 4.43 10.04 -8.97
CA PRO B 20 4.45 8.72 -9.59
C PRO B 20 5.24 7.75 -8.72
N VAL B 21 5.07 6.44 -8.97
CA VAL B 21 5.64 5.39 -8.14
C VAL B 21 7.16 5.50 -8.07
N GLU B 22 7.78 5.96 -9.16
CA GLU B 22 9.23 6.03 -9.26
C GLU B 22 9.80 7.00 -8.22
N LYS B 23 8.95 7.90 -7.70
CA LYS B 23 9.38 8.84 -6.67
C LYS B 23 9.25 8.24 -5.28
N ILE B 24 8.38 7.23 -5.12
CA ILE B 24 8.14 6.64 -3.81
C ILE B 24 9.38 5.89 -3.35
N LYS B 25 9.94 5.04 -4.21
CA LYS B 25 11.12 4.27 -3.81
C LYS B 25 12.40 5.10 -3.92
N GLU B 26 12.38 6.16 -4.71
CA GLU B 26 13.56 7.01 -4.87
C GLU B 26 13.77 7.88 -3.63
N GLU B 27 12.67 8.36 -3.04
CA GLU B 27 12.76 9.25 -1.89
C GLU B 27 12.86 8.48 -0.58
N ILE B 28 12.41 7.23 -0.55
CA ILE B 28 12.45 6.43 0.67
C ILE B 28 13.74 5.62 0.76
N CYS B 29 14.20 5.01 -0.34
CA CYS B 29 15.35 4.13 -0.30
C CYS B 29 16.66 4.93 -0.13
N THR B 30 16.62 6.24 -0.38
CA THR B 30 17.80 7.09 -0.24
C THR B 30 17.99 7.53 1.21
N LYS B 31 16.91 7.45 2.01
CA LYS B 31 16.94 7.80 3.43
C LYS B 31 17.43 6.60 4.24
N SER B 32 17.26 6.65 5.56
CA SER B 32 17.64 5.56 6.46
C SER B 32 16.43 5.00 7.19
N PRO B 33 15.42 4.51 6.46
CA PRO B 33 14.23 3.90 7.03
C PRO B 33 14.57 2.53 7.62
N PRO B 34 13.61 1.89 8.30
CA PRO B 34 13.76 0.54 8.79
C PRO B 34 14.22 -0.40 7.68
N LYS B 35 15.02 -1.41 8.01
CA LYS B 35 15.63 -2.29 7.02
C LYS B 35 14.56 -2.99 6.19
N LEU B 36 13.43 -3.33 6.81
CA LEU B 36 12.36 -4.04 6.14
C LEU B 36 11.61 -3.10 5.19
N ILE B 37 11.63 -1.79 5.44
CA ILE B 37 10.96 -0.83 4.58
C ILE B 37 11.82 -0.55 3.35
N LYS B 38 13.15 -0.48 3.53
CA LYS B 38 14.05 -0.14 2.43
C LYS B 38 14.02 -1.23 1.36
N GLU B 39 13.97 -2.50 1.78
CA GLU B 39 14.02 -3.63 0.86
C GLU B 39 12.68 -3.81 0.15
N ILE B 40 11.58 -3.60 0.86
CA ILE B 40 10.24 -3.84 0.31
C ILE B 40 9.80 -2.68 -0.59
N ILE B 41 10.14 -1.43 -0.24
CA ILE B 41 9.74 -0.28 -1.02
C ILE B 41 10.48 -0.24 -2.35
N CYS B 42 11.77 -0.61 -2.35
CA CYS B 42 12.53 -0.70 -3.60
C CYS B 42 12.23 -2.01 -4.32
N GLU B 43 11.17 -2.70 -3.91
CA GLU B 43 10.63 -3.87 -4.62
C GLU B 43 11.65 -4.99 -4.77
N ASN B 44 12.70 -5.00 -3.94
CA ASN B 44 13.72 -6.04 -4.00
C ASN B 44 13.17 -7.35 -3.41
N LYS B 45 12.20 -7.24 -2.50
CA LYS B 45 11.56 -8.39 -1.85
C LYS B 45 10.08 -8.09 -1.65
N THR B 46 9.36 -8.92 -0.88
CA THR B 46 7.94 -8.69 -0.63
C THR B 46 7.54 -9.19 0.76
N TYR B 47 7.91 -10.42 1.12
CA TYR B 47 7.66 -10.93 2.47
C TYR B 47 8.78 -11.85 2.93
N ALA B 48 9.50 -12.46 1.98
CA ALA B 48 10.51 -13.46 2.30
C ALA B 48 11.72 -12.84 3.01
N ASP B 49 11.90 -11.53 2.90
CA ASP B 49 13.03 -10.86 3.53
C ASP B 49 12.91 -10.93 5.05
N VAL B 50 11.67 -10.82 5.55
CA VAL B 50 11.38 -10.89 6.97
C VAL B 50 10.56 -12.15 7.30
N ASN B 51 10.32 -12.99 6.30
CA ASN B 51 9.54 -14.21 6.44
C ASN B 51 8.18 -13.91 7.12
N ILE B 52 7.42 -12.99 6.54
CA ILE B 52 6.16 -12.54 7.12
C ILE B 52 4.98 -13.05 6.30
N ASP B 53 3.78 -13.02 6.88
CA ASP B 53 2.55 -13.35 6.18
C ASP B 53 2.31 -12.34 5.06
N ARG B 54 1.70 -12.80 3.96
CA ARG B 54 1.51 -11.97 2.78
C ARG B 54 0.58 -10.80 3.10
N SER B 55 -0.39 -11.03 3.99
CA SER B 55 -1.32 -10.00 4.38
C SER B 55 -0.61 -8.90 5.18
N ARG B 56 0.18 -9.29 6.18
CA ARG B 56 0.80 -8.31 7.06
C ARG B 56 1.91 -7.56 6.33
N GLY B 57 2.59 -8.21 5.39
CA GLY B 57 3.63 -7.56 4.61
C GLY B 57 3.06 -6.39 3.81
N ASP B 58 1.88 -6.57 3.22
CA ASP B 58 1.23 -5.50 2.46
C ASP B 58 0.58 -4.48 3.40
N TRP B 59 0.23 -4.90 4.61
CA TRP B 59 -0.41 -4.00 5.56
C TRP B 59 0.61 -3.00 6.11
N HIS B 60 1.80 -3.46 6.47
CA HIS B 60 2.82 -2.58 7.04
C HIS B 60 3.39 -1.62 6.02
N VAL B 61 3.56 -2.05 4.77
CA VAL B 61 4.17 -1.20 3.75
C VAL B 61 3.19 -0.10 3.32
N ILE B 62 1.89 -0.41 3.28
CA ILE B 62 0.89 0.56 2.84
C ILE B 62 0.71 1.65 3.91
N LEU B 63 0.76 1.27 5.19
CA LEU B 63 0.61 2.25 6.26
C LEU B 63 1.80 3.19 6.29
N TYR B 64 3.01 2.69 6.00
CA TYR B 64 4.21 3.49 6.15
C TYR B 64 4.27 4.59 5.09
N LEU B 65 4.03 4.24 3.83
CA LEU B 65 4.09 5.22 2.75
C LEU B 65 2.96 6.24 2.90
N MET B 66 1.89 5.90 3.63
CA MET B 66 0.82 6.84 3.90
C MET B 66 1.26 7.89 4.93
N LYS B 67 2.27 7.58 5.75
CA LYS B 67 2.82 8.57 6.68
C LYS B 67 3.72 9.54 5.92
N HIS B 68 4.22 9.13 4.75
CA HIS B 68 4.92 10.02 3.83
C HIS B 68 3.93 10.84 2.99
N GLY B 69 2.63 10.69 3.27
CA GLY B 69 1.59 11.47 2.59
C GLY B 69 1.17 10.86 1.26
N VAL B 70 1.86 9.81 0.81
CA VAL B 70 1.49 9.11 -0.42
C VAL B 70 0.24 8.28 -0.13
N THR B 71 -0.84 8.49 -0.89
CA THR B 71 -2.13 7.93 -0.49
C THR B 71 -2.92 7.35 -1.68
N ASP B 72 -2.65 7.81 -2.90
CA ASP B 72 -3.37 7.39 -4.10
C ASP B 72 -3.35 5.86 -4.25
N PRO B 73 -4.51 5.23 -4.49
CA PRO B 73 -4.63 3.78 -4.61
C PRO B 73 -4.05 3.23 -5.92
N ASP B 74 -3.91 4.06 -6.96
CA ASP B 74 -3.44 3.56 -8.23
C ASP B 74 -2.00 3.07 -8.12
N LYS B 75 -1.22 3.64 -7.19
CA LYS B 75 0.14 3.21 -6.95
C LYS B 75 0.16 2.05 -5.95
N ILE B 76 -0.87 1.92 -5.10
CA ILE B 76 -0.99 0.80 -4.20
C ILE B 76 -1.17 -0.49 -5.01
N LEU B 77 -1.99 -0.40 -6.05
CA LEU B 77 -2.26 -1.51 -6.93
C LEU B 77 -1.06 -1.80 -7.83
N GLU B 78 -0.30 -0.76 -8.18
CA GLU B 78 0.84 -0.91 -9.08
C GLU B 78 2.03 -1.57 -8.37
N LEU B 79 2.27 -1.23 -7.10
CA LEU B 79 3.41 -1.77 -6.36
C LEU B 79 3.05 -3.11 -5.71
N LEU B 80 1.79 -3.55 -5.82
CA LEU B 80 1.33 -4.76 -5.19
C LEU B 80 2.13 -5.96 -5.68
N PRO B 81 2.78 -6.71 -4.78
CA PRO B 81 3.59 -7.87 -5.12
C PRO B 81 2.76 -8.94 -5.82
N ARG B 82 3.41 -9.67 -6.75
CA ARG B 82 2.76 -10.75 -7.48
C ARG B 82 2.71 -12.04 -6.66
N ASP B 83 3.31 -12.05 -5.46
CA ASP B 83 3.18 -13.19 -4.55
C ASP B 83 1.94 -13.06 -3.67
N SER B 84 1.25 -11.93 -3.74
CA SER B 84 0.05 -11.69 -2.96
C SER B 84 -1.08 -12.61 -3.41
N LYS B 85 -2.11 -12.74 -2.58
CA LYS B 85 -3.30 -13.52 -2.91
C LYS B 85 -4.06 -12.88 -4.09
N ALA B 86 -3.69 -11.65 -4.45
CA ALA B 86 -4.33 -10.92 -5.51
C ALA B 86 -3.91 -11.45 -6.90
N LYS B 87 -3.05 -12.46 -6.94
CA LYS B 87 -2.49 -12.98 -8.19
C LYS B 87 -3.50 -13.85 -8.96
N GLU B 88 -4.38 -14.55 -8.27
CA GLU B 88 -5.24 -15.55 -8.91
C GLU B 88 -6.63 -15.61 -8.25
N ASN B 89 -6.68 -15.61 -6.92
CA ASN B 89 -7.94 -15.61 -6.17
C ASN B 89 -8.92 -16.70 -6.66
N GLU B 90 -8.63 -17.98 -6.42
CA GLU B 90 -9.57 -19.04 -6.82
C GLU B 90 -10.81 -19.05 -5.92
N LYS B 91 -10.81 -18.28 -4.83
CA LYS B 91 -11.94 -18.20 -3.91
C LYS B 91 -12.22 -16.76 -3.50
N TRP B 92 -11.66 -15.81 -4.24
CA TRP B 92 -11.71 -14.39 -3.89
C TRP B 92 -11.69 -13.55 -5.17
N ASN B 93 -11.61 -12.23 -5.01
CA ASN B 93 -11.42 -11.30 -6.12
C ASN B 93 -10.50 -10.18 -5.67
N THR B 94 -9.61 -9.72 -6.57
CA THR B 94 -8.60 -8.73 -6.20
C THR B 94 -9.26 -7.42 -5.79
N GLN B 95 -10.40 -7.08 -6.40
CA GLN B 95 -11.08 -5.83 -6.10
C GLN B 95 -11.68 -5.88 -4.68
N LYS B 96 -12.01 -7.07 -4.19
CA LYS B 96 -12.56 -7.23 -2.86
C LYS B 96 -11.45 -7.05 -1.83
N TYR B 97 -10.27 -7.59 -2.11
CA TYR B 97 -9.13 -7.48 -1.23
C TYR B 97 -8.60 -6.05 -1.21
N PHE B 98 -8.54 -5.42 -2.39
CA PHE B 98 -8.00 -4.09 -2.53
C PHE B 98 -8.88 -3.06 -1.81
N VAL B 99 -10.21 -3.23 -1.85
CA VAL B 99 -11.11 -2.30 -1.18
C VAL B 99 -11.01 -2.46 0.33
N ILE B 100 -10.98 -3.72 0.80
CA ILE B 100 -10.97 -3.99 2.24
C ILE B 100 -9.65 -3.51 2.86
N THR B 101 -8.52 -3.80 2.23
CA THR B 101 -7.21 -3.49 2.79
C THR B 101 -6.99 -1.99 2.86
N LEU B 102 -7.32 -1.25 1.79
CA LEU B 102 -7.12 0.19 1.78
C LEU B 102 -8.15 0.89 2.64
N SER B 103 -9.36 0.33 2.74
CA SER B 103 -10.40 0.95 3.56
C SER B 103 -9.97 0.96 5.03
N LYS B 104 -9.37 -0.13 5.49
CA LYS B 104 -8.91 -0.23 6.87
C LYS B 104 -7.57 0.47 7.06
N ALA B 105 -6.65 0.33 6.11
CA ALA B 105 -5.34 0.94 6.22
C ALA B 105 -5.48 2.47 6.20
N TRP B 106 -6.42 2.98 5.41
CA TRP B 106 -6.65 4.41 5.33
C TRP B 106 -7.35 4.92 6.57
N SER B 107 -8.28 4.14 7.13
CA SER B 107 -9.01 4.53 8.31
C SER B 107 -8.07 4.66 9.50
N VAL B 108 -7.04 3.82 9.55
CA VAL B 108 -6.08 3.83 10.66
C VAL B 108 -5.13 5.01 10.53
N VAL B 109 -4.78 5.40 9.30
CA VAL B 109 -3.87 6.52 9.10
C VAL B 109 -4.59 7.85 9.29
N LYS B 110 -5.78 8.01 8.68
CA LYS B 110 -6.47 9.27 8.76
C LYS B 110 -6.83 9.60 10.20
N LYS B 111 -7.16 8.58 11.01
CA LYS B 111 -7.48 8.83 12.41
C LYS B 111 -6.22 9.09 13.22
N TYR B 112 -5.06 8.63 12.72
CA TYR B 112 -3.79 8.87 13.39
C TYR B 112 -3.28 10.28 13.14
N LEU B 113 -3.62 10.87 11.99
CA LEU B 113 -3.21 12.24 11.68
C LEU B 113 -4.30 13.24 12.06
N GLU B 114 -5.46 12.75 12.51
CA GLU B 114 -6.52 13.56 13.05
C GLU B 114 -6.14 14.10 14.43
N ALA B 115 -6.84 15.15 14.87
CA ALA B 115 -6.57 15.77 16.16
C ALA B 115 -7.84 16.46 16.67
N THR B 1 -19.50 -3.05 -4.08
CA THR B 1 -18.03 -3.07 -3.99
C THR B 1 -17.40 -1.93 -4.78
N VAL B 2 -17.81 -1.74 -6.04
CA VAL B 2 -17.23 -0.73 -6.90
C VAL B 2 -17.52 0.68 -6.35
N VAL B 3 -18.63 0.85 -5.64
CA VAL B 3 -18.97 2.14 -5.04
C VAL B 3 -18.07 2.42 -3.84
N GLU B 4 -17.57 1.36 -3.20
CA GLU B 4 -16.68 1.52 -2.05
C GLU B 4 -15.28 1.90 -2.53
N PHE B 5 -14.91 1.48 -3.75
CA PHE B 5 -13.67 1.91 -4.38
C PHE B 5 -13.82 3.35 -4.85
N GLU B 6 -15.02 3.74 -5.27
CA GLU B 6 -15.26 5.06 -5.83
C GLU B 6 -15.16 6.14 -4.76
N GLU B 7 -15.60 5.85 -3.53
CA GLU B 7 -15.52 6.83 -2.45
C GLU B 7 -14.11 6.86 -1.85
N LEU B 8 -13.42 5.71 -1.85
CA LEU B 8 -12.07 5.65 -1.31
C LEU B 8 -11.11 6.34 -2.25
N ARG B 9 -11.13 6.00 -3.54
CA ARG B 9 -10.19 6.54 -4.51
C ARG B 9 -10.32 8.07 -4.59
N LYS B 10 -11.50 8.61 -4.29
CA LYS B 10 -11.72 10.04 -4.34
C LYS B 10 -11.01 10.72 -3.18
N GLU B 11 -11.10 10.13 -1.98
CA GLU B 11 -10.49 10.72 -0.80
C GLU B 11 -9.00 10.44 -0.76
N LEU B 12 -8.58 9.31 -1.34
CA LEU B 12 -7.18 8.94 -1.36
C LEU B 12 -6.40 9.81 -2.33
N VAL B 13 -7.03 10.20 -3.44
CA VAL B 13 -6.36 11.02 -4.45
C VAL B 13 -6.32 12.48 -4.00
N LYS B 14 -7.33 12.92 -3.24
CA LYS B 14 -7.38 14.32 -2.81
C LYS B 14 -6.36 14.61 -1.70
N ARG B 15 -5.87 13.57 -1.00
CA ARG B 15 -4.88 13.77 0.05
C ARG B 15 -3.49 13.28 -0.37
N ASP B 16 -3.37 12.77 -1.61
CA ASP B 16 -2.09 12.28 -2.12
C ASP B 16 -1.12 13.44 -2.36
N SER B 17 0.18 13.16 -2.32
CA SER B 17 1.21 14.15 -2.63
C SER B 17 1.27 14.38 -4.15
N GLY B 18 0.62 13.50 -4.91
CA GLY B 18 0.51 13.64 -6.36
C GLY B 18 1.75 13.12 -7.09
N LYS B 19 2.73 12.57 -6.36
CA LYS B 19 3.96 12.08 -6.96
C LYS B 19 3.76 10.68 -7.55
N PRO B 20 4.42 10.39 -8.67
CA PRO B 20 4.40 9.07 -9.30
C PRO B 20 5.18 8.05 -8.48
N VAL B 21 5.00 6.77 -8.78
CA VAL B 21 5.56 5.67 -8.00
C VAL B 21 7.08 5.75 -7.96
N GLU B 22 7.68 6.25 -9.04
CA GLU B 22 9.12 6.31 -9.16
C GLU B 22 9.72 7.24 -8.10
N LYS B 23 8.90 8.12 -7.53
CA LYS B 23 9.36 9.02 -6.48
C LYS B 23 9.25 8.36 -5.11
N ILE B 24 8.40 7.33 -4.98
CA ILE B 24 8.21 6.68 -3.68
C ILE B 24 9.47 5.91 -3.32
N LYS B 25 9.98 5.07 -4.24
CA LYS B 25 11.16 4.28 -3.91
C LYS B 25 12.43 5.12 -4.04
N GLU B 26 12.40 6.18 -4.84
CA GLU B 26 13.59 7.02 -5.03
C GLU B 26 13.87 7.84 -3.76
N GLU B 27 12.82 8.31 -3.08
CA GLU B 27 12.99 9.15 -1.91
C GLU B 27 13.16 8.32 -0.63
N ILE B 28 12.69 7.07 -0.63
CA ILE B 28 12.81 6.20 0.54
C ILE B 28 14.10 5.38 0.51
N CYS B 29 14.56 4.97 -0.68
CA CYS B 29 15.73 4.12 -0.80
C CYS B 29 17.03 4.93 -0.67
N THR B 30 16.95 6.26 -0.78
CA THR B 30 18.12 7.11 -0.60
C THR B 30 18.31 7.46 0.88
N LYS B 31 17.25 7.32 1.68
CA LYS B 31 17.30 7.56 3.11
C LYS B 31 17.85 6.32 3.83
N SER B 32 17.87 6.36 5.16
CA SER B 32 18.39 5.26 5.96
C SER B 32 17.36 4.74 6.97
N PRO B 33 16.12 4.43 6.54
CA PRO B 33 15.12 3.82 7.38
C PRO B 33 15.52 2.38 7.70
N PRO B 34 14.81 1.71 8.62
CA PRO B 34 15.09 0.33 8.99
C PRO B 34 15.21 -0.57 7.77
N LYS B 35 16.09 -1.56 7.83
CA LYS B 35 16.46 -2.37 6.68
C LYS B 35 15.26 -3.09 6.06
N LEU B 36 14.36 -3.62 6.89
CA LEU B 36 13.26 -4.43 6.38
C LEU B 36 12.28 -3.60 5.55
N ILE B 37 11.88 -2.42 6.02
CA ILE B 37 10.91 -1.61 5.30
C ILE B 37 11.58 -0.94 4.11
N LYS B 38 12.89 -0.72 4.17
CA LYS B 38 13.61 -0.04 3.10
C LYS B 38 13.59 -0.88 1.83
N GLU B 39 14.12 -2.11 1.88
CA GLU B 39 14.28 -2.89 0.67
C GLU B 39 12.94 -3.48 0.19
N ILE B 40 11.92 -3.51 1.06
CA ILE B 40 10.57 -3.84 0.62
C ILE B 40 10.03 -2.74 -0.30
N ILE B 41 10.38 -1.48 -0.02
CA ILE B 41 9.98 -0.36 -0.86
C ILE B 41 10.87 -0.29 -2.10
N CYS B 42 12.13 -0.71 -1.97
CA CYS B 42 13.06 -0.72 -3.10
C CYS B 42 12.78 -1.88 -4.04
N GLU B 43 11.64 -2.57 -3.83
CA GLU B 43 11.13 -3.61 -4.71
C GLU B 43 12.09 -4.79 -4.84
N ASN B 44 13.01 -4.95 -3.87
CA ASN B 44 13.93 -6.07 -3.87
C ASN B 44 13.28 -7.31 -3.26
N LYS B 45 12.32 -7.11 -2.35
CA LYS B 45 11.64 -8.18 -1.62
C LYS B 45 10.16 -7.86 -1.49
N THR B 46 9.42 -8.68 -0.75
CA THR B 46 7.99 -8.46 -0.54
C THR B 46 7.49 -9.11 0.76
N TYR B 47 8.03 -10.28 1.11
CA TYR B 47 7.70 -10.93 2.37
C TYR B 47 8.79 -11.92 2.80
N ALA B 48 9.54 -12.46 1.83
CA ALA B 48 10.54 -13.48 2.11
C ALA B 48 11.71 -12.91 2.91
N ASP B 49 11.88 -11.59 2.91
CA ASP B 49 12.96 -10.94 3.65
C ASP B 49 12.81 -11.20 5.15
N VAL B 50 11.58 -11.09 5.65
CA VAL B 50 11.28 -11.25 7.07
C VAL B 50 10.42 -12.49 7.31
N ASN B 51 10.19 -13.30 6.26
CA ASN B 51 9.38 -14.50 6.34
C ASN B 51 8.01 -14.21 6.96
N ILE B 52 7.47 -13.01 6.71
CA ILE B 52 6.20 -12.60 7.28
C ILE B 52 5.03 -13.12 6.44
N ASP B 53 3.83 -13.10 7.01
CA ASP B 53 2.62 -13.44 6.30
C ASP B 53 2.39 -12.44 5.16
N ARG B 54 1.87 -12.92 4.03
CA ARG B 54 1.71 -12.10 2.85
C ARG B 54 0.74 -10.96 3.12
N SER B 55 -0.25 -11.22 3.98
CA SER B 55 -1.24 -10.21 4.33
C SER B 55 -0.60 -9.05 5.08
N ARG B 56 0.28 -9.36 6.03
CA ARG B 56 0.85 -8.32 6.88
C ARG B 56 1.98 -7.60 6.15
N GLY B 57 2.67 -8.28 5.24
CA GLY B 57 3.69 -7.65 4.42
C GLY B 57 3.08 -6.54 3.57
N ASP B 58 1.84 -6.74 3.08
CA ASP B 58 1.15 -5.72 2.29
C ASP B 58 0.54 -4.67 3.20
N TRP B 59 0.23 -5.03 4.44
CA TRP B 59 -0.37 -4.11 5.39
C TRP B 59 0.67 -3.10 5.88
N HIS B 60 1.85 -3.58 6.28
CA HIS B 60 2.91 -2.72 6.79
C HIS B 60 3.45 -1.79 5.71
N VAL B 61 3.59 -2.27 4.47
CA VAL B 61 4.15 -1.44 3.41
C VAL B 61 3.18 -0.34 2.99
N ILE B 62 1.88 -0.62 2.99
CA ILE B 62 0.87 0.35 2.59
C ILE B 62 0.75 1.44 3.67
N LEU B 63 0.82 1.04 4.95
CA LEU B 63 0.74 2.01 6.02
C LEU B 63 1.98 2.88 6.06
N TYR B 64 3.15 2.33 5.72
CA TYR B 64 4.40 3.06 5.87
C TYR B 64 4.51 4.18 4.85
N LEU B 65 4.18 3.91 3.58
CA LEU B 65 4.25 4.94 2.57
C LEU B 65 3.18 6.00 2.82
N MET B 66 2.13 5.65 3.57
CA MET B 66 1.12 6.63 3.96
C MET B 66 1.63 7.53 5.09
N LYS B 67 2.64 7.09 5.85
CA LYS B 67 3.24 7.93 6.88
C LYS B 67 4.11 8.99 6.21
N HIS B 68 4.62 8.70 5.01
CA HIS B 68 5.33 9.68 4.19
C HIS B 68 4.35 10.66 3.52
N GLY B 69 3.05 10.51 3.79
CA GLY B 69 2.03 11.41 3.26
C GLY B 69 1.59 11.04 1.86
N VAL B 70 2.18 9.99 1.27
CA VAL B 70 1.77 9.51 -0.04
C VAL B 70 0.47 8.73 0.08
N THR B 71 -0.43 8.89 -0.90
CA THR B 71 -1.74 8.25 -0.89
C THR B 71 -2.08 7.80 -2.31
N ASP B 72 -3.35 7.88 -2.71
CA ASP B 72 -3.83 7.43 -4.03
C ASP B 72 -3.67 5.91 -4.22
N PRO B 73 -4.76 5.21 -4.59
CA PRO B 73 -4.78 3.76 -4.75
C PRO B 73 -4.12 3.30 -6.05
N ASP B 74 -3.93 4.18 -7.02
CA ASP B 74 -3.40 3.76 -8.32
C ASP B 74 -1.98 3.21 -8.17
N LYS B 75 -1.22 3.73 -7.19
CA LYS B 75 0.12 3.24 -6.94
C LYS B 75 0.07 2.01 -6.04
N ILE B 76 -0.97 1.88 -5.22
CA ILE B 76 -1.12 0.74 -4.32
C ILE B 76 -1.31 -0.53 -5.13
N LEU B 77 -2.11 -0.44 -6.20
CA LEU B 77 -2.37 -1.57 -7.06
C LEU B 77 -1.17 -1.83 -7.98
N GLU B 78 -0.43 -0.79 -8.34
CA GLU B 78 0.71 -0.95 -9.25
C GLU B 78 1.90 -1.59 -8.52
N LEU B 79 2.16 -1.21 -7.27
CA LEU B 79 3.31 -1.73 -6.53
C LEU B 79 2.98 -3.08 -5.88
N LEU B 80 1.72 -3.53 -5.98
CA LEU B 80 1.28 -4.76 -5.35
C LEU B 80 2.11 -5.93 -5.86
N PRO B 81 2.68 -6.73 -4.95
CA PRO B 81 3.54 -7.85 -5.30
C PRO B 81 2.74 -8.99 -5.91
N ARG B 82 3.37 -9.76 -6.80
CA ARG B 82 2.72 -10.88 -7.46
C ARG B 82 2.74 -12.14 -6.60
N ASP B 83 3.32 -12.06 -5.40
CA ASP B 83 3.23 -13.16 -4.44
C ASP B 83 1.97 -13.02 -3.59
N SER B 84 1.27 -11.87 -3.73
CA SER B 84 0.04 -11.61 -2.99
C SER B 84 -1.07 -12.57 -3.41
N LYS B 85 -2.09 -12.72 -2.56
CA LYS B 85 -3.26 -13.52 -2.88
C LYS B 85 -4.04 -12.89 -4.04
N ALA B 86 -3.70 -11.63 -4.38
CA ALA B 86 -4.32 -10.93 -5.49
C ALA B 86 -3.86 -11.51 -6.84
N LYS B 87 -3.01 -12.54 -6.81
CA LYS B 87 -2.46 -13.16 -8.01
C LYS B 87 -3.50 -14.00 -8.74
N GLU B 88 -4.42 -14.64 -8.02
CA GLU B 88 -5.39 -15.53 -8.65
C GLU B 88 -6.77 -15.45 -7.98
N ASN B 89 -6.82 -15.52 -6.64
CA ASN B 89 -8.08 -15.50 -5.91
C ASN B 89 -9.09 -16.49 -6.50
N GLU B 90 -8.80 -17.79 -6.40
CA GLU B 90 -9.67 -18.82 -6.98
C GLU B 90 -11.04 -18.85 -6.27
N LYS B 91 -11.14 -18.23 -5.09
CA LYS B 91 -12.37 -18.21 -4.31
C LYS B 91 -12.57 -16.83 -3.68
N TRP B 92 -12.05 -15.79 -4.33
CA TRP B 92 -12.10 -14.42 -3.85
C TRP B 92 -12.15 -13.47 -5.05
N ASN B 93 -12.28 -12.18 -4.79
CA ASN B 93 -12.19 -11.15 -5.83
C ASN B 93 -11.04 -10.21 -5.48
N THR B 94 -10.22 -9.86 -6.47
CA THR B 94 -9.05 -9.02 -6.23
C THR B 94 -9.49 -7.61 -5.84
N GLN B 95 -10.63 -7.15 -6.36
CA GLN B 95 -11.15 -5.83 -6.01
C GLN B 95 -11.70 -5.83 -4.59
N LYS B 96 -12.18 -6.98 -4.11
CA LYS B 96 -12.70 -7.09 -2.74
C LYS B 96 -11.54 -7.00 -1.76
N TYR B 97 -10.40 -7.61 -2.09
CA TYR B 97 -9.22 -7.52 -1.26
C TYR B 97 -8.68 -6.10 -1.27
N PHE B 98 -8.60 -5.48 -2.45
CA PHE B 98 -8.05 -4.14 -2.60
C PHE B 98 -8.93 -3.11 -1.88
N VAL B 99 -10.26 -3.27 -1.92
CA VAL B 99 -11.17 -2.35 -1.25
C VAL B 99 -11.05 -2.49 0.26
N ILE B 100 -10.96 -3.73 0.75
CA ILE B 100 -10.91 -3.99 2.19
C ILE B 100 -9.60 -3.52 2.78
N THR B 101 -8.47 -3.81 2.12
CA THR B 101 -7.16 -3.48 2.67
C THR B 101 -6.93 -1.98 2.72
N LEU B 102 -7.34 -1.25 1.68
CA LEU B 102 -7.17 0.19 1.68
C LEU B 102 -8.21 0.87 2.57
N SER B 103 -9.39 0.28 2.71
CA SER B 103 -10.41 0.85 3.58
C SER B 103 -9.92 0.83 5.02
N LYS B 104 -9.29 -0.27 5.44
CA LYS B 104 -8.79 -0.43 6.79
C LYS B 104 -7.50 0.38 6.99
N ALA B 105 -6.59 0.31 6.02
CA ALA B 105 -5.30 0.99 6.12
C ALA B 105 -5.46 2.50 6.05
N TRP B 106 -6.45 2.98 5.28
CA TRP B 106 -6.69 4.41 5.18
C TRP B 106 -7.41 4.92 6.42
N SER B 107 -8.31 4.10 6.98
CA SER B 107 -9.07 4.51 8.15
C SER B 107 -8.16 4.71 9.35
N VAL B 108 -7.14 3.86 9.49
CA VAL B 108 -6.25 3.94 10.65
C VAL B 108 -5.25 5.09 10.48
N VAL B 109 -4.87 5.42 9.25
CA VAL B 109 -3.94 6.51 9.00
C VAL B 109 -4.65 7.86 9.12
N LYS B 110 -5.83 7.99 8.50
CA LYS B 110 -6.52 9.27 8.48
C LYS B 110 -6.93 9.68 9.88
N LYS B 111 -7.25 8.71 10.75
CA LYS B 111 -7.60 9.02 12.14
C LYS B 111 -6.34 9.28 12.97
N TYR B 112 -5.18 8.80 12.49
CA TYR B 112 -3.91 9.06 13.16
C TYR B 112 -3.44 10.49 12.86
N LEU B 113 -3.83 11.05 11.71
CA LEU B 113 -3.40 12.38 11.31
C LEU B 113 -4.50 13.43 11.43
N GLU B 114 -5.70 13.03 11.88
CA GLU B 114 -6.82 13.95 12.05
C GLU B 114 -6.46 15.05 13.06
N ALA B 115 -7.12 16.20 12.93
CA ALA B 115 -6.89 17.34 13.81
C ALA B 115 -8.14 18.25 13.84
N THR B 1 -19.71 -2.83 -4.29
CA THR B 1 -18.26 -3.06 -4.37
C THR B 1 -17.57 -1.98 -5.22
N VAL B 2 -18.08 -1.69 -6.42
CA VAL B 2 -17.47 -0.68 -7.29
C VAL B 2 -17.61 0.70 -6.68
N VAL B 3 -18.72 0.95 -5.95
CA VAL B 3 -18.95 2.22 -5.30
C VAL B 3 -17.99 2.40 -4.11
N GLU B 4 -17.52 1.29 -3.54
CA GLU B 4 -16.64 1.33 -2.39
C GLU B 4 -15.24 1.77 -2.81
N PHE B 5 -14.84 1.40 -4.03
CA PHE B 5 -13.57 1.88 -4.60
C PHE B 5 -13.73 3.32 -5.04
N GLU B 6 -14.92 3.71 -5.49
CA GLU B 6 -15.16 5.04 -6.01
C GLU B 6 -15.12 6.09 -4.90
N GLU B 7 -15.63 5.75 -3.71
CA GLU B 7 -15.61 6.70 -2.60
C GLU B 7 -14.23 6.73 -1.93
N LEU B 8 -13.51 5.60 -1.94
CA LEU B 8 -12.18 5.57 -1.35
C LEU B 8 -11.20 6.32 -2.25
N ARG B 9 -11.16 5.97 -3.54
CA ARG B 9 -10.19 6.57 -4.45
C ARG B 9 -10.36 8.09 -4.52
N LYS B 10 -11.57 8.59 -4.25
CA LYS B 10 -11.84 10.02 -4.27
C LYS B 10 -11.18 10.68 -3.06
N GLU B 11 -11.32 10.08 -1.89
CA GLU B 11 -10.75 10.67 -0.68
C GLU B 11 -9.25 10.42 -0.62
N LEU B 12 -8.79 9.31 -1.21
CA LEU B 12 -7.38 8.97 -1.19
C LEU B 12 -6.58 9.89 -2.13
N VAL B 13 -7.17 10.23 -3.28
CA VAL B 13 -6.50 11.08 -4.26
C VAL B 13 -6.52 12.54 -3.80
N LYS B 14 -7.55 12.95 -3.05
CA LYS B 14 -7.63 14.33 -2.60
C LYS B 14 -6.62 14.61 -1.48
N ARG B 15 -6.11 13.55 -0.83
CA ARG B 15 -5.08 13.70 0.21
C ARG B 15 -3.73 13.16 -0.25
N ASP B 16 -3.63 12.73 -1.52
CA ASP B 16 -2.41 12.17 -2.08
C ASP B 16 -1.34 13.26 -2.25
N SER B 17 -0.07 12.85 -2.31
CA SER B 17 1.03 13.77 -2.56
C SER B 17 1.16 14.04 -4.06
N GLY B 18 0.63 13.15 -4.89
CA GLY B 18 0.56 13.33 -6.34
C GLY B 18 1.82 12.85 -7.05
N LYS B 19 2.82 12.36 -6.31
CA LYS B 19 4.07 11.89 -6.90
C LYS B 19 3.91 10.48 -7.48
N PRO B 20 4.60 10.18 -8.59
CA PRO B 20 4.61 8.87 -9.23
C PRO B 20 5.39 7.86 -8.37
N VAL B 21 5.24 6.57 -8.69
CA VAL B 21 5.84 5.48 -7.94
C VAL B 21 7.35 5.63 -7.88
N GLU B 22 7.95 6.16 -8.96
CA GLU B 22 9.39 6.25 -9.08
C GLU B 22 9.95 7.19 -8.01
N LYS B 23 9.11 8.07 -7.45
CA LYS B 23 9.54 8.98 -6.39
C LYS B 23 9.47 8.31 -5.04
N ILE B 24 8.65 7.26 -4.89
CA ILE B 24 8.49 6.61 -3.60
C ILE B 24 9.77 5.86 -3.24
N LYS B 25 10.28 5.04 -4.17
CA LYS B 25 11.48 4.28 -3.86
C LYS B 25 12.73 5.15 -3.96
N GLU B 26 12.68 6.21 -4.76
CA GLU B 26 13.85 7.08 -4.95
C GLU B 26 14.10 7.91 -3.69
N GLU B 27 13.02 8.35 -3.01
CA GLU B 27 13.16 9.17 -1.83
C GLU B 27 13.33 8.33 -0.56
N ILE B 28 12.89 7.06 -0.58
CA ILE B 28 12.98 6.21 0.60
C ILE B 28 14.24 5.35 0.58
N CYS B 29 14.65 4.85 -0.59
CA CYS B 29 15.80 3.96 -0.67
C CYS B 29 17.12 4.72 -0.48
N THR B 30 17.08 6.05 -0.48
CA THR B 30 18.25 6.88 -0.21
C THR B 30 18.35 7.20 1.29
N LYS B 31 17.22 7.07 2.01
CA LYS B 31 17.17 7.27 3.45
C LYS B 31 17.62 6.01 4.17
N SER B 32 17.46 5.99 5.51
CA SER B 32 17.85 4.84 6.33
C SER B 32 16.66 4.31 7.12
N PRO B 33 15.59 3.86 6.44
CA PRO B 33 14.42 3.28 7.07
C PRO B 33 14.78 1.90 7.66
N PRO B 34 13.90 1.32 8.48
CA PRO B 34 14.09 0.00 9.04
C PRO B 34 14.16 -1.04 7.92
N LYS B 35 14.77 -2.20 8.20
CA LYS B 35 15.04 -3.22 7.19
C LYS B 35 13.75 -3.69 6.53
N LEU B 36 12.64 -3.70 7.27
CA LEU B 36 11.36 -4.13 6.73
C LEU B 36 10.92 -3.20 5.60
N ILE B 37 10.98 -1.88 5.85
CA ILE B 37 10.55 -0.90 4.87
C ILE B 37 11.58 -0.76 3.76
N LYS B 38 12.87 -0.90 4.11
CA LYS B 38 13.95 -0.68 3.16
C LYS B 38 13.89 -1.72 2.04
N GLU B 39 13.78 -3.01 2.39
CA GLU B 39 13.85 -4.06 1.39
C GLU B 39 12.55 -4.15 0.58
N ILE B 40 11.42 -3.80 1.20
CA ILE B 40 10.12 -3.93 0.56
C ILE B 40 9.83 -2.75 -0.38
N ILE B 41 10.18 -1.52 0.02
CA ILE B 41 9.90 -0.34 -0.79
C ILE B 41 10.81 -0.32 -2.02
N CYS B 42 12.05 -0.82 -1.88
CA CYS B 42 12.98 -0.84 -3.01
C CYS B 42 12.68 -2.03 -3.93
N GLU B 43 11.53 -2.68 -3.70
CA GLU B 43 11.01 -3.75 -4.53
C GLU B 43 11.98 -4.92 -4.71
N ASN B 44 12.94 -5.07 -3.79
CA ASN B 44 13.87 -6.19 -3.84
C ASN B 44 13.19 -7.47 -3.36
N LYS B 45 12.24 -7.34 -2.42
CA LYS B 45 11.50 -8.47 -1.85
C LYS B 45 10.04 -8.07 -1.65
N THR B 46 9.26 -8.91 -0.94
CA THR B 46 7.84 -8.63 -0.74
C THR B 46 7.34 -9.23 0.58
N TYR B 47 7.87 -10.39 0.99
CA TYR B 47 7.56 -10.95 2.30
C TYR B 47 8.61 -11.98 2.74
N ALA B 48 9.29 -12.62 1.77
CA ALA B 48 10.25 -13.67 2.06
C ALA B 48 11.47 -13.14 2.80
N ASP B 49 11.71 -11.83 2.74
CA ASP B 49 12.85 -11.23 3.40
C ASP B 49 12.75 -11.37 4.91
N VAL B 50 11.54 -11.19 5.44
CA VAL B 50 11.29 -11.26 6.88
C VAL B 50 10.39 -12.46 7.23
N ASN B 51 10.11 -13.31 6.24
CA ASN B 51 9.27 -14.49 6.42
C ASN B 51 7.92 -14.13 7.03
N ILE B 52 7.43 -12.91 6.77
CA ILE B 52 6.16 -12.43 7.32
C ILE B 52 5.00 -12.92 6.45
N ASP B 53 3.78 -12.85 7.01
CA ASP B 53 2.57 -13.14 6.25
C ASP B 53 2.42 -12.14 5.12
N ARG B 54 1.89 -12.60 3.98
CA ARG B 54 1.79 -11.77 2.78
C ARG B 54 0.87 -10.59 3.06
N SER B 55 -0.15 -10.80 3.88
CA SER B 55 -1.10 -9.75 4.21
C SER B 55 -0.42 -8.68 5.06
N ARG B 56 0.34 -9.08 6.08
CA ARG B 56 0.95 -8.12 6.99
C ARG B 56 2.08 -7.37 6.29
N GLY B 57 2.77 -8.02 5.34
CA GLY B 57 3.82 -7.36 4.58
C GLY B 57 3.24 -6.21 3.77
N ASP B 58 2.04 -6.40 3.20
CA ASP B 58 1.38 -5.36 2.42
C ASP B 58 0.69 -4.35 3.33
N TRP B 59 0.35 -4.75 4.56
CA TRP B 59 -0.30 -3.88 5.52
C TRP B 59 0.70 -2.85 6.06
N HIS B 60 1.88 -3.32 6.49
CA HIS B 60 2.89 -2.44 7.05
C HIS B 60 3.44 -1.47 6.01
N VAL B 61 3.58 -1.90 4.75
CA VAL B 61 4.15 -1.03 3.73
C VAL B 61 3.14 0.03 3.29
N ILE B 62 1.85 -0.32 3.20
CA ILE B 62 0.83 0.63 2.76
C ILE B 62 0.62 1.72 3.81
N LEU B 63 0.68 1.36 5.10
CA LEU B 63 0.51 2.35 6.15
C LEU B 63 1.70 3.32 6.16
N TYR B 64 2.90 2.81 5.90
CA TYR B 64 4.10 3.61 6.02
C TYR B 64 4.21 4.64 4.91
N LEU B 65 3.94 4.23 3.67
CA LEU B 65 4.02 5.16 2.54
C LEU B 65 2.91 6.20 2.62
N MET B 66 1.84 5.92 3.38
CA MET B 66 0.80 6.90 3.61
C MET B 66 1.26 7.97 4.60
N LYS B 67 2.27 7.68 5.44
CA LYS B 67 2.86 8.68 6.30
C LYS B 67 3.82 9.58 5.52
N HIS B 68 4.31 9.09 4.37
CA HIS B 68 5.05 9.92 3.42
C HIS B 68 4.09 10.75 2.57
N GLY B 69 2.78 10.65 2.83
CA GLY B 69 1.77 11.47 2.17
C GLY B 69 1.23 10.84 0.89
N VAL B 70 1.85 9.74 0.42
CA VAL B 70 1.37 9.05 -0.77
C VAL B 70 0.13 8.24 -0.40
N THR B 71 -1.00 8.48 -1.07
CA THR B 71 -2.26 7.94 -0.63
C THR B 71 -3.09 7.36 -1.79
N ASP B 72 -2.84 7.82 -3.02
CA ASP B 72 -3.59 7.37 -4.19
C ASP B 72 -3.44 5.85 -4.36
N PRO B 73 -4.55 5.10 -4.39
CA PRO B 73 -4.56 3.65 -4.47
C PRO B 73 -4.06 3.13 -5.81
N ASP B 74 -3.94 3.99 -6.83
CA ASP B 74 -3.46 3.56 -8.12
C ASP B 74 -1.99 3.12 -8.04
N LYS B 75 -1.25 3.62 -7.03
CA LYS B 75 0.14 3.24 -6.86
C LYS B 75 0.25 1.95 -6.04
N ILE B 76 -0.75 1.69 -5.18
CA ILE B 76 -0.82 0.42 -4.46
C ILE B 76 -1.10 -0.70 -5.45
N LEU B 77 -1.98 -0.42 -6.42
CA LEU B 77 -2.35 -1.39 -7.44
C LEU B 77 -1.19 -1.62 -8.42
N GLU B 78 -0.36 -0.59 -8.65
CA GLU B 78 0.72 -0.68 -9.62
C GLU B 78 1.88 -1.54 -9.08
N LEU B 79 2.19 -1.45 -7.79
CA LEU B 79 3.31 -2.18 -7.21
C LEU B 79 2.86 -3.52 -6.63
N LEU B 80 1.58 -3.87 -6.78
CA LEU B 80 0.99 -5.07 -6.21
C LEU B 80 1.86 -6.30 -6.51
N PRO B 81 2.46 -6.92 -5.48
CA PRO B 81 3.30 -8.08 -5.62
C PRO B 81 2.55 -9.26 -6.23
N ARG B 82 3.23 -10.05 -7.07
CA ARG B 82 2.64 -11.21 -7.73
C ARG B 82 2.62 -12.43 -6.81
N ASP B 83 3.18 -12.33 -5.60
CA ASP B 83 3.06 -13.40 -4.61
C ASP B 83 1.79 -13.25 -3.80
N SER B 84 1.08 -12.14 -3.97
CA SER B 84 -0.15 -11.84 -3.23
C SER B 84 -1.26 -12.81 -3.62
N LYS B 85 -2.26 -12.96 -2.75
CA LYS B 85 -3.46 -13.75 -3.01
C LYS B 85 -4.27 -13.11 -4.14
N ALA B 86 -3.88 -11.89 -4.54
CA ALA B 86 -4.52 -11.15 -5.61
C ALA B 86 -4.10 -11.67 -7.00
N LYS B 87 -3.33 -12.76 -7.04
CA LYS B 87 -2.75 -13.26 -8.28
C LYS B 87 -3.77 -14.07 -9.10
N GLU B 88 -4.62 -14.88 -8.46
CA GLU B 88 -5.49 -15.78 -9.21
C GLU B 88 -6.91 -15.83 -8.64
N ASN B 89 -7.05 -15.82 -7.31
CA ASN B 89 -8.35 -15.75 -6.63
C ASN B 89 -9.36 -16.78 -7.17
N GLU B 90 -9.25 -18.03 -6.70
CA GLU B 90 -10.15 -19.11 -7.12
C GLU B 90 -11.59 -18.85 -6.67
N LYS B 91 -11.77 -18.05 -5.62
CA LYS B 91 -13.10 -17.79 -5.07
C LYS B 91 -13.22 -16.34 -4.60
N TRP B 92 -12.09 -15.75 -4.18
CA TRP B 92 -12.03 -14.34 -3.82
C TRP B 92 -12.04 -13.47 -5.08
N ASN B 93 -11.94 -12.16 -4.89
CA ASN B 93 -11.82 -11.21 -5.98
C ASN B 93 -10.73 -10.19 -5.65
N THR B 94 -9.97 -9.75 -6.65
CA THR B 94 -8.85 -8.85 -6.41
C THR B 94 -9.35 -7.49 -5.94
N GLN B 95 -10.52 -7.07 -6.44
CA GLN B 95 -11.07 -5.76 -6.08
C GLN B 95 -11.63 -5.81 -4.66
N LYS B 96 -12.09 -6.97 -4.20
CA LYS B 96 -12.62 -7.11 -2.84
C LYS B 96 -11.49 -6.99 -1.84
N TYR B 97 -10.35 -7.62 -2.13
CA TYR B 97 -9.18 -7.54 -1.27
C TYR B 97 -8.61 -6.13 -1.30
N PHE B 98 -8.57 -5.52 -2.48
CA PHE B 98 -8.00 -4.20 -2.66
C PHE B 98 -8.83 -3.15 -1.92
N VAL B 99 -10.17 -3.27 -1.96
CA VAL B 99 -11.04 -2.32 -1.29
C VAL B 99 -10.92 -2.49 0.23
N ILE B 100 -10.86 -3.73 0.71
CA ILE B 100 -10.81 -4.00 2.14
C ILE B 100 -9.48 -3.52 2.74
N THR B 101 -8.36 -3.84 2.08
CA THR B 101 -7.05 -3.52 2.63
C THR B 101 -6.82 -2.01 2.67
N LEU B 102 -7.21 -1.29 1.62
CA LEU B 102 -7.03 0.16 1.59
C LEU B 102 -8.05 0.86 2.46
N SER B 103 -9.25 0.31 2.61
CA SER B 103 -10.28 0.93 3.44
C SER B 103 -9.87 0.88 4.91
N LYS B 104 -9.31 -0.25 5.35
CA LYS B 104 -8.90 -0.43 6.73
C LYS B 104 -7.58 0.29 6.99
N ALA B 105 -6.65 0.24 6.04
CA ALA B 105 -5.36 0.88 6.20
C ALA B 105 -5.52 2.40 6.17
N TRP B 106 -6.43 2.90 5.34
CA TRP B 106 -6.67 4.33 5.26
C TRP B 106 -7.36 4.82 6.53
N SER B 107 -8.24 4.01 7.10
CA SER B 107 -8.93 4.38 8.32
C SER B 107 -7.93 4.56 9.46
N VAL B 108 -6.88 3.73 9.47
CA VAL B 108 -5.87 3.78 10.53
C VAL B 108 -4.98 5.01 10.36
N VAL B 109 -4.70 5.42 9.11
CA VAL B 109 -3.85 6.56 8.87
C VAL B 109 -4.61 7.86 9.11
N LYS B 110 -5.84 7.97 8.60
CA LYS B 110 -6.59 9.21 8.70
C LYS B 110 -6.90 9.52 10.18
N LYS B 111 -7.08 8.48 11.01
CA LYS B 111 -7.32 8.69 12.43
C LYS B 111 -6.00 8.99 13.16
N TYR B 112 -4.87 8.61 12.55
CA TYR B 112 -3.56 8.90 13.11
C TYR B 112 -3.14 10.34 12.80
N LEU B 113 -3.71 10.95 11.76
CA LEU B 113 -3.35 12.30 11.35
C LEU B 113 -4.49 13.30 11.62
N GLU B 114 -5.61 12.84 12.18
CA GLU B 114 -6.74 13.71 12.48
C GLU B 114 -6.33 14.81 13.46
N ALA B 115 -7.13 15.89 13.51
CA ALA B 115 -6.87 17.02 14.39
C ALA B 115 -8.18 17.73 14.74
N THR B 1 -19.18 -3.05 -4.55
CA THR B 1 -17.72 -3.00 -4.40
C THR B 1 -17.14 -1.80 -5.13
N VAL B 2 -17.58 -1.56 -6.38
CA VAL B 2 -17.03 -0.49 -7.21
C VAL B 2 -17.37 0.89 -6.63
N VAL B 3 -18.49 1.02 -5.91
CA VAL B 3 -18.89 2.29 -5.35
C VAL B 3 -18.05 2.61 -4.11
N GLU B 4 -17.61 1.56 -3.41
CA GLU B 4 -16.76 1.70 -2.24
C GLU B 4 -15.34 2.06 -2.67
N PHE B 5 -14.92 1.59 -3.85
CA PHE B 5 -13.66 1.99 -4.43
C PHE B 5 -13.76 3.43 -4.94
N GLU B 6 -14.94 3.82 -5.41
CA GLU B 6 -15.13 5.15 -5.97
C GLU B 6 -15.07 6.24 -4.90
N GLU B 7 -15.60 5.97 -3.71
CA GLU B 7 -15.56 6.96 -2.64
C GLU B 7 -14.19 6.97 -1.96
N LEU B 8 -13.50 5.82 -1.94
CA LEU B 8 -12.16 5.74 -1.36
C LEU B 8 -11.18 6.45 -2.27
N ARG B 9 -11.13 6.07 -3.55
CA ARG B 9 -10.13 6.62 -4.48
C ARG B 9 -10.26 8.13 -4.58
N LYS B 10 -11.46 8.67 -4.34
CA LYS B 10 -11.67 10.11 -4.38
C LYS B 10 -11.00 10.78 -3.18
N GLU B 11 -11.17 10.20 -2.00
CA GLU B 11 -10.61 10.78 -0.78
C GLU B 11 -9.11 10.50 -0.70
N LEU B 12 -8.66 9.39 -1.29
CA LEU B 12 -7.26 9.03 -1.26
C LEU B 12 -6.44 9.90 -2.21
N VAL B 13 -7.01 10.23 -3.37
CA VAL B 13 -6.31 11.04 -4.36
C VAL B 13 -6.27 12.51 -3.92
N LYS B 14 -7.29 12.97 -3.20
CA LYS B 14 -7.31 14.35 -2.73
C LYS B 14 -6.36 14.53 -1.54
N ARG B 15 -5.96 13.42 -0.91
CA ARG B 15 -5.00 13.43 0.20
C ARG B 15 -3.61 13.01 -0.28
N ASP B 16 -3.46 12.60 -1.54
CA ASP B 16 -2.21 12.10 -2.07
C ASP B 16 -1.19 13.23 -2.25
N SER B 17 0.10 12.87 -2.32
CA SER B 17 1.17 13.82 -2.59
C SER B 17 1.27 14.12 -4.09
N GLY B 18 0.66 13.26 -4.92
CA GLY B 18 0.59 13.47 -6.35
C GLY B 18 1.82 12.95 -7.10
N LYS B 19 2.78 12.35 -6.37
CA LYS B 19 4.00 11.86 -6.98
C LYS B 19 3.79 10.48 -7.59
N PRO B 20 4.50 10.19 -8.70
CA PRO B 20 4.50 8.86 -9.31
C PRO B 20 5.28 7.90 -8.41
N VAL B 21 5.07 6.59 -8.61
CA VAL B 21 5.64 5.56 -7.75
C VAL B 21 7.16 5.61 -7.77
N GLU B 22 7.74 6.07 -8.89
CA GLU B 22 9.18 6.12 -9.05
C GLU B 22 9.81 7.08 -8.04
N LYS B 23 9.01 8.00 -7.49
CA LYS B 23 9.50 8.93 -6.49
C LYS B 23 9.45 8.32 -5.10
N ILE B 24 8.58 7.33 -4.88
CA ILE B 24 8.41 6.78 -3.55
C ILE B 24 9.64 5.96 -3.18
N LYS B 25 10.10 5.07 -4.06
CA LYS B 25 11.26 4.25 -3.72
C LYS B 25 12.55 5.05 -3.85
N GLU B 26 12.54 6.13 -4.62
CA GLU B 26 13.73 6.94 -4.83
C GLU B 26 13.97 7.86 -3.64
N GLU B 27 12.91 8.39 -3.02
CA GLU B 27 13.05 9.30 -1.89
C GLU B 27 13.15 8.53 -0.57
N ILE B 28 12.67 7.29 -0.52
CA ILE B 28 12.67 6.51 0.71
C ILE B 28 13.96 5.68 0.83
N CYS B 29 14.36 4.99 -0.24
CA CYS B 29 15.49 4.08 -0.18
C CYS B 29 16.81 4.85 -0.01
N THR B 30 16.81 6.15 -0.28
CA THR B 30 18.02 6.96 -0.16
C THR B 30 18.21 7.47 1.27
N LYS B 31 17.13 7.44 2.09
CA LYS B 31 17.19 7.90 3.47
C LYS B 31 17.77 6.83 4.38
N SER B 32 18.17 5.69 3.81
CA SER B 32 18.72 4.56 4.55
C SER B 32 17.83 4.16 5.74
N PRO B 33 16.52 3.96 5.52
CA PRO B 33 15.60 3.46 6.54
C PRO B 33 15.98 2.02 6.90
N PRO B 34 15.33 1.44 7.92
CA PRO B 34 15.57 0.08 8.35
C PRO B 34 15.54 -0.89 7.17
N LYS B 35 16.42 -1.90 7.19
CA LYS B 35 16.63 -2.78 6.06
C LYS B 35 15.35 -3.54 5.70
N LEU B 36 14.41 -3.64 6.64
CA LEU B 36 13.17 -4.36 6.41
C LEU B 36 12.29 -3.58 5.42
N ILE B 37 11.92 -2.35 5.78
CA ILE B 37 11.03 -1.55 4.94
C ILE B 37 11.75 -1.05 3.70
N LYS B 38 13.08 -0.88 3.78
CA LYS B 38 13.87 -0.41 2.64
C LYS B 38 13.82 -1.42 1.51
N GLU B 39 13.94 -2.71 1.84
CA GLU B 39 13.98 -3.77 0.85
C GLU B 39 12.61 -3.98 0.23
N ILE B 40 11.54 -3.72 0.99
CA ILE B 40 10.18 -3.88 0.50
C ILE B 40 9.77 -2.70 -0.38
N ILE B 41 10.16 -1.47 -0.01
CA ILE B 41 9.77 -0.28 -0.76
C ILE B 41 10.49 -0.24 -2.11
N CYS B 42 11.75 -0.64 -2.15
CA CYS B 42 12.49 -0.71 -3.41
C CYS B 42 12.14 -2.00 -4.18
N GLU B 43 11.06 -2.67 -3.78
CA GLU B 43 10.49 -3.82 -4.50
C GLU B 43 11.48 -4.97 -4.68
N ASN B 44 12.57 -4.99 -3.90
CA ASN B 44 13.55 -6.07 -4.00
C ASN B 44 13.00 -7.35 -3.38
N LYS B 45 12.04 -7.21 -2.46
CA LYS B 45 11.38 -8.32 -1.78
C LYS B 45 9.90 -7.96 -1.55
N THR B 46 9.16 -8.83 -0.86
CA THR B 46 7.73 -8.59 -0.63
C THR B 46 7.27 -9.19 0.70
N TYR B 47 7.79 -10.37 1.08
CA TYR B 47 7.48 -10.96 2.37
C TYR B 47 8.53 -11.99 2.79
N ALA B 48 9.20 -12.62 1.82
CA ALA B 48 10.16 -13.68 2.09
C ALA B 48 11.40 -13.16 2.83
N ASP B 49 11.64 -11.84 2.76
CA ASP B 49 12.81 -11.24 3.40
C ASP B 49 12.70 -11.36 4.92
N VAL B 50 11.48 -11.19 5.44
CA VAL B 50 11.21 -11.22 6.88
C VAL B 50 10.33 -12.42 7.24
N ASN B 51 10.04 -13.29 6.25
CA ASN B 51 9.22 -14.48 6.43
C ASN B 51 7.84 -14.13 7.02
N ILE B 52 7.34 -12.92 6.73
CA ILE B 52 6.07 -12.46 7.25
C ILE B 52 4.92 -12.98 6.38
N ASP B 53 3.70 -12.95 6.93
CA ASP B 53 2.51 -13.31 6.18
C ASP B 53 2.29 -12.33 5.04
N ARG B 54 1.75 -12.82 3.92
CA ARG B 54 1.58 -12.01 2.72
C ARG B 54 0.58 -10.89 2.97
N SER B 55 -0.43 -11.15 3.80
CA SER B 55 -1.43 -10.15 4.14
C SER B 55 -0.81 -9.04 4.98
N ARG B 56 0.08 -9.37 5.90
CA ARG B 56 0.66 -8.37 6.78
C ARG B 56 1.76 -7.61 6.07
N GLY B 57 2.49 -8.26 5.16
CA GLY B 57 3.53 -7.60 4.39
C GLY B 57 2.93 -6.47 3.56
N ASP B 58 1.70 -6.65 3.04
CA ASP B 58 1.03 -5.63 2.26
C ASP B 58 0.41 -4.58 3.19
N TRP B 59 0.09 -4.98 4.42
CA TRP B 59 -0.51 -4.07 5.38
C TRP B 59 0.52 -3.07 5.90
N HIS B 60 1.72 -3.56 6.28
CA HIS B 60 2.76 -2.71 6.81
C HIS B 60 3.31 -1.74 5.76
N VAL B 61 3.44 -2.18 4.51
CA VAL B 61 4.02 -1.32 3.48
C VAL B 61 3.03 -0.22 3.08
N ILE B 62 1.72 -0.52 3.06
CA ILE B 62 0.70 0.44 2.65
C ILE B 62 0.55 1.51 3.74
N LEU B 63 0.63 1.12 5.01
CA LEU B 63 0.55 2.09 6.09
C LEU B 63 1.79 2.97 6.10
N TYR B 64 2.95 2.41 5.73
CA TYR B 64 4.22 3.13 5.82
C TYR B 64 4.31 4.23 4.77
N LEU B 65 3.95 3.91 3.52
CA LEU B 65 3.99 4.90 2.45
C LEU B 65 2.92 5.97 2.69
N MET B 66 1.88 5.66 3.47
CA MET B 66 0.88 6.64 3.85
C MET B 66 1.41 7.60 4.91
N LYS B 67 2.44 7.19 5.66
CA LYS B 67 3.09 8.10 6.61
C LYS B 67 3.93 9.11 5.85
N HIS B 68 4.41 8.74 4.66
CA HIS B 68 5.12 9.66 3.76
C HIS B 68 4.15 10.56 3.00
N GLY B 69 2.85 10.42 3.26
CA GLY B 69 1.83 11.30 2.68
C GLY B 69 1.31 10.81 1.33
N VAL B 70 1.90 9.75 0.78
CA VAL B 70 1.40 9.16 -0.47
C VAL B 70 0.16 8.33 -0.15
N THR B 71 -0.92 8.51 -0.91
CA THR B 71 -2.20 7.94 -0.52
C THR B 71 -2.98 7.36 -1.70
N ASP B 72 -2.70 7.82 -2.93
CA ASP B 72 -3.41 7.38 -4.12
C ASP B 72 -3.32 5.86 -4.30
N PRO B 73 -4.45 5.15 -4.39
CA PRO B 73 -4.50 3.70 -4.50
C PRO B 73 -3.92 3.19 -5.82
N ASP B 74 -3.79 4.06 -6.82
CA ASP B 74 -3.31 3.63 -8.13
C ASP B 74 -1.86 3.14 -8.03
N LYS B 75 -1.07 3.68 -7.10
CA LYS B 75 0.32 3.26 -6.94
C LYS B 75 0.41 2.03 -6.04
N ILE B 76 -0.58 1.82 -5.16
CA ILE B 76 -0.64 0.61 -4.35
C ILE B 76 -0.92 -0.58 -5.26
N LEU B 77 -1.80 -0.39 -6.25
CA LEU B 77 -2.14 -1.44 -7.20
C LEU B 77 -1.00 -1.66 -8.20
N GLU B 78 -0.20 -0.64 -8.45
CA GLU B 78 0.90 -0.74 -9.41
C GLU B 78 2.08 -1.54 -8.81
N LEU B 79 2.36 -1.35 -7.51
CA LEU B 79 3.46 -2.05 -6.86
C LEU B 79 3.01 -3.41 -6.32
N LEU B 80 1.74 -3.77 -6.54
CA LEU B 80 1.15 -5.00 -6.04
C LEU B 80 2.02 -6.21 -6.39
N PRO B 81 2.63 -6.88 -5.39
CA PRO B 81 3.46 -8.04 -5.59
C PRO B 81 2.68 -9.18 -6.22
N ARG B 82 3.35 -9.96 -7.09
CA ARG B 82 2.70 -11.09 -7.75
C ARG B 82 2.55 -12.29 -6.81
N ASP B 83 3.22 -12.27 -5.66
CA ASP B 83 3.11 -13.36 -4.69
C ASP B 83 1.86 -13.18 -3.82
N SER B 84 1.18 -12.04 -3.94
CA SER B 84 -0.01 -11.75 -3.14
C SER B 84 -1.16 -12.69 -3.53
N LYS B 85 -2.17 -12.78 -2.66
CA LYS B 85 -3.39 -13.52 -2.93
C LYS B 85 -4.21 -12.81 -4.02
N ALA B 86 -3.75 -11.64 -4.47
CA ALA B 86 -4.39 -10.87 -5.50
C ALA B 86 -3.98 -11.36 -6.89
N LYS B 87 -3.15 -12.41 -6.97
CA LYS B 87 -2.66 -12.93 -8.23
C LYS B 87 -3.72 -13.77 -8.95
N GLU B 88 -4.40 -14.65 -8.21
CA GLU B 88 -5.34 -15.61 -8.80
C GLU B 88 -6.63 -15.66 -7.97
N ASN B 89 -6.51 -15.60 -6.64
CA ASN B 89 -7.65 -15.61 -5.72
C ASN B 89 -8.73 -16.60 -6.19
N GLU B 90 -8.41 -17.90 -6.21
CA GLU B 90 -9.33 -18.93 -6.66
C GLU B 90 -10.53 -19.05 -5.71
N LYS B 91 -10.44 -18.41 -4.53
CA LYS B 91 -11.51 -18.43 -3.53
C LYS B 91 -11.79 -17.01 -3.03
N TRP B 92 -11.40 -16.01 -3.81
CA TRP B 92 -11.51 -14.61 -3.44
C TRP B 92 -11.68 -13.74 -4.69
N ASN B 93 -11.66 -12.42 -4.52
CA ASN B 93 -11.65 -11.47 -5.62
C ASN B 93 -10.66 -10.35 -5.31
N THR B 94 -9.92 -9.90 -6.32
CA THR B 94 -8.87 -8.91 -6.10
C THR B 94 -9.46 -7.57 -5.68
N GLN B 95 -10.62 -7.21 -6.23
CA GLN B 95 -11.26 -5.95 -5.90
C GLN B 95 -11.82 -5.99 -4.48
N LYS B 96 -12.20 -7.18 -3.99
CA LYS B 96 -12.71 -7.32 -2.63
C LYS B 96 -11.57 -7.13 -1.64
N TYR B 97 -10.40 -7.69 -1.97
CA TYR B 97 -9.23 -7.57 -1.12
C TYR B 97 -8.73 -6.12 -1.10
N PHE B 98 -8.69 -5.49 -2.28
CA PHE B 98 -8.17 -4.14 -2.42
C PHE B 98 -9.08 -3.14 -1.71
N VAL B 99 -10.40 -3.27 -1.86
CA VAL B 99 -11.33 -2.34 -1.25
C VAL B 99 -11.28 -2.47 0.27
N ILE B 100 -11.13 -3.70 0.78
CA ILE B 100 -11.09 -3.94 2.22
C ILE B 100 -9.78 -3.42 2.81
N THR B 101 -8.65 -3.75 2.17
CA THR B 101 -7.34 -3.45 2.75
C THR B 101 -7.08 -1.95 2.79
N LEU B 102 -7.38 -1.24 1.70
CA LEU B 102 -7.11 0.19 1.66
C LEU B 102 -8.15 0.97 2.46
N SER B 103 -9.36 0.42 2.63
CA SER B 103 -10.37 1.06 3.46
C SER B 103 -9.94 1.00 4.93
N LYS B 104 -9.39 -0.13 5.35
CA LYS B 104 -8.92 -0.31 6.72
C LYS B 104 -7.61 0.44 6.95
N ALA B 105 -6.68 0.36 6.01
CA ALA B 105 -5.39 0.99 6.15
C ALA B 105 -5.54 2.52 6.14
N TRP B 106 -6.49 3.02 5.32
CA TRP B 106 -6.73 4.44 5.26
C TRP B 106 -7.44 4.93 6.51
N SER B 107 -8.31 4.11 7.09
CA SER B 107 -9.04 4.48 8.29
C SER B 107 -8.07 4.64 9.46
N VAL B 108 -7.03 3.82 9.50
CA VAL B 108 -6.04 3.88 10.58
C VAL B 108 -5.13 5.09 10.42
N VAL B 109 -4.82 5.49 9.18
CA VAL B 109 -3.95 6.62 8.94
C VAL B 109 -4.71 7.94 9.13
N LYS B 110 -5.91 8.04 8.58
CA LYS B 110 -6.65 9.30 8.65
C LYS B 110 -7.02 9.63 10.09
N LYS B 111 -7.27 8.60 10.92
CA LYS B 111 -7.57 8.83 12.32
C LYS B 111 -6.31 9.13 13.12
N TYR B 112 -5.15 8.73 12.58
CA TYR B 112 -3.87 9.03 13.21
C TYR B 112 -3.46 10.47 12.96
N LEU B 113 -3.90 11.05 11.82
CA LEU B 113 -3.52 12.41 11.44
C LEU B 113 -4.66 13.41 11.68
N GLU B 114 -5.80 12.95 12.18
CA GLU B 114 -6.94 13.82 12.44
C GLU B 114 -6.57 14.93 13.44
N ALA B 115 -7.34 16.02 13.42
CA ALA B 115 -7.11 17.15 14.31
C ALA B 115 -8.42 17.91 14.54
N THR B 1 -18.80 -2.86 -3.67
CA THR B 1 -17.38 -2.94 -4.04
C THR B 1 -16.98 -1.77 -4.91
N VAL B 2 -17.64 -1.60 -6.06
CA VAL B 2 -17.30 -0.53 -7.00
C VAL B 2 -17.61 0.85 -6.40
N VAL B 3 -18.69 0.94 -5.63
CA VAL B 3 -19.07 2.20 -4.98
C VAL B 3 -18.12 2.48 -3.81
N GLU B 4 -17.56 1.43 -3.20
CA GLU B 4 -16.64 1.60 -2.09
C GLU B 4 -15.29 2.08 -2.61
N PHE B 5 -14.90 1.60 -3.79
CA PHE B 5 -13.70 2.08 -4.47
C PHE B 5 -13.90 3.52 -4.94
N GLU B 6 -15.14 3.90 -5.25
CA GLU B 6 -15.43 5.24 -5.76
C GLU B 6 -15.26 6.30 -4.67
N GLU B 7 -15.59 5.96 -3.41
CA GLU B 7 -15.46 6.90 -2.31
C GLU B 7 -14.01 6.97 -1.84
N LEU B 8 -13.32 5.82 -1.88
CA LEU B 8 -11.93 5.75 -1.45
C LEU B 8 -11.01 6.40 -2.49
N ARG B 9 -11.22 6.10 -3.78
CA ARG B 9 -10.31 6.57 -4.81
C ARG B 9 -10.23 8.09 -4.86
N LYS B 10 -11.34 8.79 -4.58
CA LYS B 10 -11.31 10.24 -4.60
C LYS B 10 -10.75 10.79 -3.30
N GLU B 11 -10.99 10.11 -2.18
CA GLU B 11 -10.52 10.59 -0.89
C GLU B 11 -9.03 10.32 -0.75
N LEU B 12 -8.54 9.23 -1.34
CA LEU B 12 -7.13 8.91 -1.29
C LEU B 12 -6.37 9.83 -2.23
N VAL B 13 -6.97 10.18 -3.37
CA VAL B 13 -6.33 11.05 -4.34
C VAL B 13 -6.38 12.50 -3.87
N LYS B 14 -7.44 12.92 -3.18
CA LYS B 14 -7.51 14.29 -2.68
C LYS B 14 -6.54 14.47 -1.51
N ARG B 15 -6.11 13.36 -0.90
CA ARG B 15 -5.16 13.37 0.21
C ARG B 15 -3.73 13.10 -0.27
N ASP B 16 -3.58 12.64 -1.51
CA ASP B 16 -2.30 12.18 -2.03
C ASP B 16 -1.30 13.33 -2.20
N SER B 17 -0.01 13.00 -2.24
CA SER B 17 1.05 13.96 -2.49
C SER B 17 1.12 14.29 -3.99
N GLY B 18 0.50 13.45 -4.83
CA GLY B 18 0.39 13.68 -6.26
C GLY B 18 1.58 13.11 -7.04
N LYS B 19 2.56 12.52 -6.35
CA LYS B 19 3.74 11.95 -6.99
C LYS B 19 3.45 10.53 -7.50
N PRO B 20 4.06 10.14 -8.63
CA PRO B 20 3.97 8.80 -9.17
C PRO B 20 4.76 7.81 -8.32
N VAL B 21 4.51 6.51 -8.51
CA VAL B 21 5.10 5.47 -7.68
C VAL B 21 6.62 5.45 -7.79
N GLU B 22 7.16 5.90 -8.94
CA GLU B 22 8.59 5.90 -9.17
C GLU B 22 9.29 6.85 -8.20
N LYS B 23 8.53 7.78 -7.61
CA LYS B 23 9.09 8.71 -6.62
C LYS B 23 9.05 8.09 -5.22
N ILE B 24 8.17 7.10 -5.00
CA ILE B 24 8.05 6.50 -3.67
C ILE B 24 9.31 5.73 -3.34
N LYS B 25 9.77 4.87 -4.25
CA LYS B 25 10.98 4.10 -3.97
C LYS B 25 12.23 4.96 -4.15
N GLU B 26 12.18 5.98 -5.00
CA GLU B 26 13.34 6.81 -5.27
C GLU B 26 13.67 7.66 -4.04
N GLU B 27 12.66 8.16 -3.33
CA GLU B 27 12.87 9.02 -2.19
C GLU B 27 13.10 8.22 -0.90
N ILE B 28 12.63 6.97 -0.84
CA ILE B 28 12.75 6.15 0.36
C ILE B 28 14.03 5.30 0.33
N CYS B 29 14.42 4.80 -0.85
CA CYS B 29 15.57 3.91 -0.97
C CYS B 29 16.89 4.67 -0.80
N THR B 30 16.85 6.00 -0.92
CA THR B 30 18.05 6.81 -0.75
C THR B 30 18.24 7.27 0.70
N LYS B 31 17.16 7.21 1.49
CA LYS B 31 17.19 7.62 2.90
C LYS B 31 17.67 6.46 3.77
N SER B 32 17.77 6.69 5.09
CA SER B 32 18.32 5.71 6.02
C SER B 32 17.29 5.02 6.93
N PRO B 33 16.02 4.83 6.54
CA PRO B 33 15.09 3.99 7.29
C PRO B 33 15.67 2.58 7.47
N PRO B 34 15.06 1.77 8.35
CA PRO B 34 15.49 0.41 8.60
C PRO B 34 15.58 -0.39 7.29
N LYS B 35 16.52 -1.33 7.23
CA LYS B 35 16.78 -2.09 6.02
C LYS B 35 15.57 -2.93 5.63
N LEU B 36 14.73 -3.29 6.60
CA LEU B 36 13.60 -4.17 6.36
C LEU B 36 12.54 -3.49 5.50
N ILE B 37 12.12 -2.27 5.88
CA ILE B 37 11.10 -1.56 5.14
C ILE B 37 11.64 -1.09 3.78
N LYS B 38 12.95 -0.82 3.70
CA LYS B 38 13.56 -0.43 2.44
C LYS B 38 13.58 -1.62 1.48
N GLU B 39 13.85 -2.82 1.99
CA GLU B 39 13.92 -4.00 1.15
C GLU B 39 12.57 -4.25 0.47
N ILE B 40 11.48 -3.89 1.15
CA ILE B 40 10.14 -4.06 0.59
C ILE B 40 9.79 -2.92 -0.37
N ILE B 41 10.13 -1.67 -0.01
CA ILE B 41 9.77 -0.51 -0.82
C ILE B 41 10.61 -0.48 -2.10
N CYS B 42 11.86 -0.92 -2.03
CA CYS B 42 12.74 -0.94 -3.19
C CYS B 42 12.43 -2.17 -4.06
N GLU B 43 11.32 -2.86 -3.74
CA GLU B 43 10.81 -4.01 -4.50
C GLU B 43 11.83 -5.14 -4.62
N ASN B 44 12.81 -5.20 -3.71
CA ASN B 44 13.79 -6.28 -3.72
C ASN B 44 13.19 -7.55 -3.12
N LYS B 45 12.24 -7.39 -2.20
CA LYS B 45 11.55 -8.51 -1.55
C LYS B 45 10.08 -8.14 -1.35
N THR B 46 9.34 -8.98 -0.59
CA THR B 46 7.91 -8.74 -0.38
C THR B 46 7.44 -9.32 0.95
N TYR B 47 7.97 -10.48 1.35
CA TYR B 47 7.64 -11.06 2.65
C TYR B 47 8.70 -12.07 3.09
N ALA B 48 9.40 -12.68 2.13
CA ALA B 48 10.39 -13.71 2.43
C ALA B 48 11.58 -13.14 3.19
N ASP B 49 11.79 -11.83 3.13
CA ASP B 49 12.90 -11.18 3.82
C ASP B 49 12.75 -11.33 5.33
N VAL B 50 11.52 -11.18 5.82
CA VAL B 50 11.22 -11.26 7.25
C VAL B 50 10.34 -12.47 7.55
N ASN B 51 10.11 -13.34 6.55
CA ASN B 51 9.28 -14.52 6.68
C ASN B 51 7.89 -14.19 7.23
N ILE B 52 7.39 -12.99 6.95
CA ILE B 52 6.10 -12.55 7.46
C ILE B 52 4.96 -13.07 6.59
N ASP B 53 3.73 -13.00 7.10
CA ASP B 53 2.54 -13.33 6.35
C ASP B 53 2.36 -12.36 5.19
N ARG B 54 1.81 -12.84 4.07
CA ARG B 54 1.69 -12.02 2.86
C ARG B 54 0.77 -10.84 3.11
N SER B 55 -0.28 -11.03 3.92
CA SER B 55 -1.22 -9.97 4.22
C SER B 55 -0.58 -8.91 5.11
N ARG B 56 0.23 -9.32 6.08
CA ARG B 56 0.83 -8.38 7.01
C ARG B 56 1.93 -7.59 6.29
N GLY B 57 2.64 -8.23 5.36
CA GLY B 57 3.68 -7.55 4.59
C GLY B 57 3.08 -6.41 3.77
N ASP B 58 1.87 -6.62 3.24
CA ASP B 58 1.20 -5.59 2.45
C ASP B 58 0.53 -4.57 3.37
N TRP B 59 0.17 -4.97 4.59
CA TRP B 59 -0.47 -4.07 5.54
C TRP B 59 0.52 -3.05 6.08
N HIS B 60 1.71 -3.52 6.49
CA HIS B 60 2.70 -2.63 7.09
C HIS B 60 3.34 -1.70 6.07
N VAL B 61 3.49 -2.15 4.80
CA VAL B 61 4.10 -1.30 3.78
C VAL B 61 3.15 -0.21 3.31
N ILE B 62 1.84 -0.51 3.24
CA ILE B 62 0.85 0.46 2.82
C ILE B 62 0.68 1.54 3.88
N LEU B 63 0.78 1.17 5.16
CA LEU B 63 0.70 2.12 6.25
C LEU B 63 1.96 2.97 6.29
N TYR B 64 3.10 2.43 5.89
CA TYR B 64 4.37 3.13 5.99
C TYR B 64 4.46 4.24 4.94
N LEU B 65 4.14 3.93 3.68
CA LEU B 65 4.18 4.94 2.64
C LEU B 65 3.10 5.99 2.88
N MET B 66 2.08 5.66 3.68
CA MET B 66 1.06 6.61 4.09
C MET B 66 1.64 7.62 5.08
N LYS B 67 2.64 7.22 5.88
CA LYS B 67 3.27 8.15 6.80
C LYS B 67 4.10 9.17 6.02
N HIS B 68 4.57 8.80 4.82
CA HIS B 68 5.25 9.71 3.92
C HIS B 68 4.26 10.61 3.16
N GLY B 69 2.96 10.49 3.47
CA GLY B 69 1.94 11.37 2.92
C GLY B 69 1.44 10.90 1.56
N VAL B 70 1.99 9.79 1.03
CA VAL B 70 1.53 9.22 -0.23
C VAL B 70 0.25 8.42 0.04
N THR B 71 -0.79 8.59 -0.78
CA THR B 71 -2.10 8.05 -0.45
C THR B 71 -2.81 7.43 -1.66
N ASP B 72 -2.51 7.89 -2.88
CA ASP B 72 -3.19 7.47 -4.10
C ASP B 72 -3.19 5.94 -4.24
N PRO B 73 -4.35 5.33 -4.52
CA PRO B 73 -4.52 3.89 -4.61
C PRO B 73 -4.00 3.31 -5.92
N ASP B 74 -3.82 4.13 -6.96
CA ASP B 74 -3.41 3.61 -8.26
C ASP B 74 -2.01 2.99 -8.16
N LYS B 75 -1.18 3.52 -7.27
CA LYS B 75 0.16 2.97 -7.06
C LYS B 75 0.11 1.81 -6.06
N ILE B 76 -0.91 1.78 -5.20
CA ILE B 76 -1.07 0.69 -4.24
C ILE B 76 -1.36 -0.61 -4.99
N LEU B 77 -2.22 -0.51 -6.01
CA LEU B 77 -2.58 -1.66 -6.82
C LEU B 77 -1.45 -2.02 -7.78
N GLU B 78 -0.66 -1.03 -8.19
CA GLU B 78 0.42 -1.27 -9.14
C GLU B 78 1.65 -1.91 -8.47
N LEU B 79 1.91 -1.58 -7.20
CA LEU B 79 3.09 -2.07 -6.51
C LEU B 79 2.87 -3.45 -5.90
N LEU B 80 1.66 -4.01 -6.03
CA LEU B 80 1.36 -5.32 -5.44
C LEU B 80 2.37 -6.37 -5.93
N PRO B 81 2.90 -7.18 -5.01
CA PRO B 81 3.83 -8.24 -5.33
C PRO B 81 3.09 -9.40 -5.99
N ARG B 82 3.77 -10.14 -6.87
CA ARG B 82 3.17 -11.26 -7.57
C ARG B 82 2.89 -12.43 -6.63
N ASP B 83 3.46 -12.40 -5.41
CA ASP B 83 3.22 -13.45 -4.43
C ASP B 83 1.95 -13.21 -3.64
N SER B 84 1.32 -12.04 -3.81
CA SER B 84 0.10 -11.69 -3.09
C SER B 84 -1.06 -12.58 -3.50
N LYS B 85 -2.11 -12.61 -2.67
CA LYS B 85 -3.36 -13.31 -3.00
C LYS B 85 -4.08 -12.59 -4.15
N ALA B 86 -3.57 -11.43 -4.58
CA ALA B 86 -4.14 -10.67 -5.67
C ALA B 86 -3.67 -11.23 -7.03
N LYS B 87 -2.83 -12.27 -7.02
CA LYS B 87 -2.29 -12.86 -8.24
C LYS B 87 -3.36 -13.69 -8.96
N GLU B 88 -4.14 -14.46 -8.22
CA GLU B 88 -5.09 -15.42 -8.79
C GLU B 88 -6.40 -15.39 -8.03
N ASN B 89 -6.34 -15.30 -6.69
CA ASN B 89 -7.51 -15.26 -5.83
C ASN B 89 -8.61 -16.21 -6.34
N GLU B 90 -8.32 -17.51 -6.38
CA GLU B 90 -9.28 -18.48 -6.92
C GLU B 90 -10.53 -18.56 -6.04
N LYS B 91 -10.47 -17.97 -4.83
CA LYS B 91 -11.58 -17.99 -3.88
C LYS B 91 -12.05 -16.56 -3.57
N TRP B 92 -11.49 -15.57 -4.26
CA TRP B 92 -11.71 -14.16 -3.95
C TRP B 92 -11.77 -13.32 -5.22
N ASN B 93 -12.13 -12.05 -5.07
CA ASN B 93 -12.02 -11.08 -6.14
C ASN B 93 -10.89 -10.11 -5.81
N THR B 94 -10.08 -9.72 -6.81
CA THR B 94 -8.92 -8.90 -6.54
C THR B 94 -9.33 -7.53 -6.03
N GLN B 95 -10.47 -7.02 -6.49
CA GLN B 95 -10.95 -5.72 -6.07
C GLN B 95 -11.48 -5.76 -4.64
N LYS B 96 -11.96 -6.93 -4.20
CA LYS B 96 -12.50 -7.09 -2.85
C LYS B 96 -11.37 -6.95 -1.84
N TYR B 97 -10.20 -7.49 -2.18
CA TYR B 97 -9.02 -7.36 -1.35
C TYR B 97 -8.52 -5.92 -1.36
N PHE B 98 -8.47 -5.31 -2.54
CA PHE B 98 -7.95 -3.96 -2.69
C PHE B 98 -8.84 -2.95 -1.96
N VAL B 99 -10.17 -3.13 -2.02
CA VAL B 99 -11.09 -2.22 -1.35
C VAL B 99 -10.99 -2.38 0.17
N ILE B 100 -10.92 -3.62 0.65
CA ILE B 100 -10.88 -3.89 2.08
C ILE B 100 -9.57 -3.42 2.70
N THR B 101 -8.44 -3.72 2.06
CA THR B 101 -7.13 -3.41 2.64
C THR B 101 -6.91 -1.90 2.71
N LEU B 102 -7.29 -1.16 1.65
CA LEU B 102 -7.10 0.29 1.67
C LEU B 102 -8.15 0.95 2.55
N SER B 103 -9.35 0.39 2.65
CA SER B 103 -10.38 0.97 3.49
C SER B 103 -9.96 0.92 4.95
N LYS B 104 -9.35 -0.21 5.37
CA LYS B 104 -8.91 -0.39 6.73
C LYS B 104 -7.60 0.37 6.99
N ALA B 105 -6.66 0.30 6.04
CA ALA B 105 -5.37 0.95 6.21
C ALA B 105 -5.54 2.47 6.19
N TRP B 106 -6.47 2.96 5.40
CA TRP B 106 -6.73 4.40 5.33
C TRP B 106 -7.41 4.88 6.60
N SER B 107 -8.31 4.06 7.15
CA SER B 107 -9.03 4.43 8.36
C SER B 107 -8.06 4.58 9.53
N VAL B 108 -7.00 3.77 9.55
CA VAL B 108 -6.02 3.81 10.63
C VAL B 108 -5.10 5.03 10.49
N VAL B 109 -4.79 5.43 9.26
CA VAL B 109 -3.90 6.56 9.05
C VAL B 109 -4.65 7.88 9.24
N LYS B 110 -5.87 7.98 8.69
CA LYS B 110 -6.61 9.23 8.76
C LYS B 110 -6.98 9.55 10.20
N LYS B 111 -7.23 8.52 11.03
CA LYS B 111 -7.54 8.73 12.44
C LYS B 111 -6.27 9.05 13.23
N TYR B 112 -5.11 8.65 12.69
CA TYR B 112 -3.84 8.95 13.32
C TYR B 112 -3.44 10.41 13.07
N LEU B 113 -3.88 10.98 11.94
CA LEU B 113 -3.51 12.35 11.57
C LEU B 113 -4.65 13.34 11.79
N GLU B 114 -5.80 12.87 12.29
CA GLU B 114 -6.95 13.73 12.53
C GLU B 114 -6.59 14.83 13.55
N ALA B 115 -7.31 15.96 13.47
CA ALA B 115 -7.07 17.09 14.36
C ALA B 115 -8.35 17.92 14.49
N THR B 1 -19.05 -3.32 -4.74
CA THR B 1 -17.60 -3.29 -4.46
C THR B 1 -16.93 -2.12 -5.17
N VAL B 2 -17.17 -1.98 -6.48
CA VAL B 2 -16.53 -0.94 -7.28
C VAL B 2 -16.92 0.45 -6.79
N VAL B 3 -18.11 0.58 -6.19
CA VAL B 3 -18.57 1.85 -5.66
C VAL B 3 -17.76 2.25 -4.43
N GLU B 4 -17.20 1.27 -3.70
CA GLU B 4 -16.39 1.55 -2.54
C GLU B 4 -15.01 2.03 -2.98
N PHE B 5 -14.48 1.48 -4.08
CA PHE B 5 -13.24 1.95 -4.67
C PHE B 5 -13.43 3.38 -5.16
N GLU B 6 -14.64 3.71 -5.64
CA GLU B 6 -14.93 5.03 -6.16
C GLU B 6 -14.97 6.07 -5.03
N GLU B 7 -15.41 5.67 -3.83
CA GLU B 7 -15.42 6.57 -2.69
C GLU B 7 -14.02 6.73 -2.11
N LEU B 8 -13.30 5.61 -1.99
CA LEU B 8 -11.95 5.63 -1.41
C LEU B 8 -11.01 6.39 -2.33
N ARG B 9 -10.98 6.05 -3.62
CA ARG B 9 -10.01 6.65 -4.54
C ARG B 9 -10.16 8.17 -4.59
N LYS B 10 -11.36 8.68 -4.31
CA LYS B 10 -11.61 10.11 -4.37
C LYS B 10 -11.00 10.80 -3.15
N GLU B 11 -11.16 10.20 -1.97
CA GLU B 11 -10.60 10.78 -0.75
C GLU B 11 -9.10 10.53 -0.66
N LEU B 12 -8.62 9.43 -1.24
CA LEU B 12 -7.21 9.09 -1.18
C LEU B 12 -6.41 9.98 -2.13
N VAL B 13 -6.95 10.27 -3.32
CA VAL B 13 -6.26 11.10 -4.29
C VAL B 13 -6.28 12.56 -3.87
N LYS B 14 -7.31 13.00 -3.16
CA LYS B 14 -7.38 14.38 -2.69
C LYS B 14 -6.45 14.60 -1.49
N ARG B 15 -6.04 13.50 -0.84
CA ARG B 15 -5.10 13.54 0.28
C ARG B 15 -3.69 13.15 -0.16
N ASP B 16 -3.53 12.68 -1.41
CA ASP B 16 -2.25 12.21 -1.91
C ASP B 16 -1.27 13.36 -2.10
N SER B 17 0.03 13.02 -2.10
CA SER B 17 1.09 14.00 -2.36
C SER B 17 1.19 14.28 -3.86
N GLY B 18 0.50 13.48 -4.69
CA GLY B 18 0.36 13.74 -6.11
C GLY B 18 1.54 13.18 -6.93
N LYS B 19 2.53 12.58 -6.27
CA LYS B 19 3.69 12.04 -6.95
C LYS B 19 3.41 10.66 -7.52
N PRO B 20 4.02 10.30 -8.65
CA PRO B 20 3.91 8.97 -9.24
C PRO B 20 4.68 7.94 -8.39
N VAL B 21 4.41 6.65 -8.61
CA VAL B 21 4.98 5.58 -7.79
C VAL B 21 6.51 5.56 -7.90
N GLU B 22 7.05 6.02 -9.03
CA GLU B 22 8.48 6.01 -9.26
C GLU B 22 9.19 6.93 -8.28
N LYS B 23 8.46 7.87 -7.69
CA LYS B 23 9.02 8.77 -6.69
C LYS B 23 8.99 8.14 -5.30
N ILE B 24 8.12 7.16 -5.08
CA ILE B 24 7.98 6.54 -3.76
C ILE B 24 9.24 5.74 -3.44
N LYS B 25 9.69 4.89 -4.38
CA LYS B 25 10.87 4.10 -4.12
C LYS B 25 12.14 4.92 -4.30
N GLU B 26 12.10 5.98 -5.10
CA GLU B 26 13.27 6.78 -5.34
C GLU B 26 13.62 7.61 -4.10
N GLU B 27 12.61 8.11 -3.39
CA GLU B 27 12.84 8.97 -2.23
C GLU B 27 13.04 8.15 -0.95
N ILE B 28 12.57 6.91 -0.91
CA ILE B 28 12.69 6.07 0.28
C ILE B 28 13.95 5.20 0.21
N CYS B 29 14.34 4.74 -0.98
CA CYS B 29 15.49 3.86 -1.11
C CYS B 29 16.81 4.62 -0.98
N THR B 30 16.76 5.97 -1.04
CA THR B 30 17.94 6.79 -0.82
C THR B 30 18.09 7.11 0.67
N LYS B 31 17.01 6.97 1.44
CA LYS B 31 17.02 7.17 2.89
C LYS B 31 17.46 5.89 3.58
N SER B 32 17.39 5.87 4.91
CA SER B 32 17.78 4.71 5.71
C SER B 32 16.62 4.24 6.59
N PRO B 33 15.52 3.78 5.97
CA PRO B 33 14.37 3.23 6.67
C PRO B 33 14.73 1.88 7.29
N PRO B 34 13.84 1.33 8.13
CA PRO B 34 14.01 0.01 8.72
C PRO B 34 14.26 -1.04 7.63
N LYS B 35 14.97 -2.11 7.97
CA LYS B 35 15.38 -3.13 7.00
C LYS B 35 14.16 -3.78 6.34
N LEU B 36 13.02 -3.81 7.03
CA LEU B 36 11.81 -4.39 6.48
C LEU B 36 11.24 -3.49 5.38
N ILE B 37 11.15 -2.19 5.65
CA ILE B 37 10.60 -1.24 4.71
C ILE B 37 11.57 -1.04 3.54
N LYS B 38 12.87 -1.12 3.82
CA LYS B 38 13.89 -0.84 2.81
C LYS B 38 13.84 -1.88 1.69
N GLU B 39 13.78 -3.16 2.03
CA GLU B 39 13.81 -4.21 1.02
C GLU B 39 12.49 -4.30 0.26
N ILE B 40 11.38 -3.96 0.93
CA ILE B 40 10.05 -4.09 0.35
C ILE B 40 9.71 -2.91 -0.57
N ILE B 41 10.06 -1.69 -0.17
CA ILE B 41 9.75 -0.51 -0.97
C ILE B 41 10.61 -0.48 -2.23
N CYS B 42 11.85 -0.96 -2.14
CA CYS B 42 12.75 -0.98 -3.29
C CYS B 42 12.42 -2.16 -4.22
N GLU B 43 11.27 -2.81 -3.97
CA GLU B 43 10.70 -3.83 -4.84
C GLU B 43 11.62 -5.03 -5.03
N ASN B 44 12.58 -5.22 -4.11
CA ASN B 44 13.50 -6.35 -4.18
C ASN B 44 12.84 -7.62 -3.63
N LYS B 45 11.91 -7.47 -2.68
CA LYS B 45 11.23 -8.59 -2.03
C LYS B 45 9.78 -8.18 -1.75
N THR B 46 9.03 -9.02 -1.02
CA THR B 46 7.61 -8.74 -0.75
C THR B 46 7.17 -9.25 0.62
N TYR B 47 7.69 -10.40 1.06
CA TYR B 47 7.41 -10.91 2.40
C TYR B 47 8.39 -12.01 2.80
N ALA B 48 8.96 -12.73 1.81
CA ALA B 48 9.87 -13.82 2.06
C ALA B 48 11.17 -13.34 2.71
N ASP B 49 11.47 -12.04 2.60
CA ASP B 49 12.69 -11.47 3.18
C ASP B 49 12.65 -11.55 4.69
N VAL B 50 11.48 -11.28 5.28
CA VAL B 50 11.29 -11.27 6.73
C VAL B 50 10.37 -12.40 7.17
N ASN B 51 10.04 -13.31 6.25
CA ASN B 51 9.18 -14.46 6.52
C ASN B 51 7.85 -14.05 7.15
N ILE B 52 7.37 -12.84 6.85
CA ILE B 52 6.13 -12.34 7.41
C ILE B 52 4.93 -12.83 6.60
N ASP B 53 3.73 -12.73 7.16
CA ASP B 53 2.51 -13.06 6.46
C ASP B 53 2.34 -12.13 5.25
N ARG B 54 1.79 -12.66 4.16
CA ARG B 54 1.68 -11.91 2.92
C ARG B 54 0.78 -10.69 3.11
N SER B 55 -0.24 -10.84 3.94
CA SER B 55 -1.18 -9.76 4.21
C SER B 55 -0.52 -8.68 5.07
N ARG B 56 0.27 -9.08 6.06
CA ARG B 56 0.89 -8.12 6.97
C ARG B 56 2.04 -7.40 6.28
N GLY B 57 2.71 -8.06 5.34
CA GLY B 57 3.75 -7.43 4.55
C GLY B 57 3.17 -6.26 3.75
N ASP B 58 1.97 -6.44 3.19
CA ASP B 58 1.32 -5.38 2.43
C ASP B 58 0.68 -4.36 3.36
N TRP B 59 0.36 -4.77 4.59
CA TRP B 59 -0.24 -3.88 5.57
C TRP B 59 0.78 -2.86 6.07
N HIS B 60 1.96 -3.33 6.49
CA HIS B 60 2.99 -2.46 7.04
C HIS B 60 3.54 -1.51 5.99
N VAL B 61 3.67 -1.96 4.73
CA VAL B 61 4.26 -1.11 3.69
C VAL B 61 3.27 -0.01 3.27
N ILE B 62 1.97 -0.31 3.26
CA ILE B 62 0.97 0.67 2.88
C ILE B 62 0.80 1.73 3.97
N LEU B 63 0.92 1.33 5.24
CA LEU B 63 0.82 2.27 6.34
C LEU B 63 2.05 3.16 6.41
N TYR B 64 3.22 2.64 6.03
CA TYR B 64 4.45 3.40 6.14
C TYR B 64 4.49 4.52 5.12
N LEU B 65 4.18 4.22 3.86
CA LEU B 65 4.17 5.26 2.83
C LEU B 65 3.06 6.27 3.09
N MET B 66 2.05 5.88 3.88
CA MET B 66 1.00 6.80 4.29
C MET B 66 1.54 7.80 5.30
N LYS B 67 2.55 7.43 6.08
CA LYS B 67 3.18 8.38 7.01
C LYS B 67 3.97 9.42 6.21
N HIS B 68 4.46 9.05 5.02
CA HIS B 68 5.12 9.97 4.11
C HIS B 68 4.11 10.84 3.36
N GLY B 69 2.82 10.66 3.62
CA GLY B 69 1.76 11.48 3.03
C GLY B 69 1.30 10.96 1.67
N VAL B 70 1.92 9.87 1.17
CA VAL B 70 1.48 9.25 -0.07
C VAL B 70 0.21 8.47 0.22
N THR B 71 -0.85 8.67 -0.58
CA THR B 71 -2.16 8.15 -0.23
C THR B 71 -2.88 7.50 -1.42
N ASP B 72 -2.54 7.88 -2.65
CA ASP B 72 -3.20 7.40 -3.85
C ASP B 72 -3.12 5.86 -3.94
N PRO B 73 -4.26 5.19 -4.15
CA PRO B 73 -4.33 3.73 -4.23
C PRO B 73 -3.87 3.20 -5.58
N ASP B 74 -3.78 4.04 -6.61
CA ASP B 74 -3.41 3.58 -7.94
C ASP B 74 -1.97 3.06 -7.94
N LYS B 75 -1.14 3.59 -7.05
CA LYS B 75 0.24 3.13 -6.92
C LYS B 75 0.34 1.93 -5.99
N ILE B 76 -0.63 1.74 -5.09
CA ILE B 76 -0.70 0.51 -4.29
C ILE B 76 -1.05 -0.64 -5.23
N LEU B 77 -1.95 -0.39 -6.19
CA LEU B 77 -2.35 -1.38 -7.16
C LEU B 77 -1.21 -1.68 -8.13
N GLU B 78 -0.34 -0.70 -8.38
CA GLU B 78 0.76 -0.86 -9.32
C GLU B 78 1.89 -1.69 -8.71
N LEU B 79 2.17 -1.50 -7.41
CA LEU B 79 3.25 -2.21 -6.75
C LEU B 79 2.78 -3.57 -6.20
N LEU B 80 1.51 -3.92 -6.46
CA LEU B 80 0.90 -5.15 -5.96
C LEU B 80 1.75 -6.36 -6.32
N PRO B 81 2.32 -7.06 -5.33
CA PRO B 81 3.13 -8.24 -5.53
C PRO B 81 2.33 -9.38 -6.17
N ARG B 82 2.97 -10.15 -7.05
CA ARG B 82 2.34 -11.29 -7.71
C ARG B 82 2.36 -12.52 -6.80
N ASP B 83 3.06 -12.45 -5.67
CA ASP B 83 3.16 -13.56 -4.74
C ASP B 83 2.05 -13.49 -3.69
N SER B 84 1.24 -12.43 -3.73
CA SER B 84 0.10 -12.26 -2.83
C SER B 84 -1.07 -13.13 -3.27
N LYS B 85 -2.09 -13.24 -2.43
CA LYS B 85 -3.32 -13.96 -2.75
C LYS B 85 -4.11 -13.21 -3.82
N ALA B 86 -3.64 -12.01 -4.19
CA ALA B 86 -4.24 -11.17 -5.21
C ALA B 86 -3.87 -11.64 -6.62
N LYS B 87 -3.19 -12.78 -6.75
CA LYS B 87 -2.68 -13.26 -8.02
C LYS B 87 -3.77 -13.95 -8.85
N GLU B 88 -4.66 -14.71 -8.21
CA GLU B 88 -5.66 -15.50 -8.93
C GLU B 88 -7.01 -15.45 -8.24
N ASN B 89 -7.04 -15.50 -6.91
CA ASN B 89 -8.26 -15.38 -6.13
C ASN B 89 -9.35 -16.34 -6.62
N GLU B 90 -9.09 -17.66 -6.53
CA GLU B 90 -10.03 -18.66 -7.03
C GLU B 90 -11.36 -18.62 -6.26
N LYS B 91 -11.36 -18.04 -5.06
CA LYS B 91 -12.56 -17.92 -4.23
C LYS B 91 -12.72 -16.49 -3.72
N TRP B 92 -12.12 -15.52 -4.43
CA TRP B 92 -12.08 -14.14 -4.03
C TRP B 92 -12.03 -13.25 -5.28
N ASN B 93 -11.86 -11.94 -5.08
CA ASN B 93 -11.62 -11.01 -6.16
C ASN B 93 -10.51 -10.05 -5.77
N THR B 94 -9.65 -9.67 -6.71
CA THR B 94 -8.51 -8.81 -6.41
C THR B 94 -8.99 -7.43 -5.97
N GLN B 95 -10.12 -6.96 -6.52
CA GLN B 95 -10.64 -5.65 -6.17
C GLN B 95 -11.28 -5.69 -4.79
N LYS B 96 -11.78 -6.84 -4.35
CA LYS B 96 -12.38 -6.97 -3.03
C LYS B 96 -11.29 -6.88 -1.97
N TYR B 97 -10.15 -7.51 -2.22
CA TYR B 97 -9.01 -7.45 -1.33
C TYR B 97 -8.42 -6.04 -1.30
N PHE B 98 -8.31 -5.43 -2.48
CA PHE B 98 -7.73 -4.09 -2.60
C PHE B 98 -8.62 -3.06 -1.92
N VAL B 99 -9.95 -3.22 -2.02
CA VAL B 99 -10.88 -2.30 -1.38
C VAL B 99 -10.81 -2.44 0.13
N ILE B 100 -10.74 -3.68 0.64
CA ILE B 100 -10.74 -3.93 2.07
C ILE B 100 -9.44 -3.44 2.71
N THR B 101 -8.30 -3.74 2.08
CA THR B 101 -7.00 -3.43 2.67
C THR B 101 -6.76 -1.92 2.73
N LEU B 102 -7.11 -1.19 1.67
CA LEU B 102 -6.92 0.25 1.65
C LEU B 102 -7.96 0.94 2.52
N SER B 103 -9.17 0.37 2.63
CA SER B 103 -10.20 0.95 3.48
C SER B 103 -9.78 0.89 4.95
N LYS B 104 -9.18 -0.23 5.35
CA LYS B 104 -8.72 -0.43 6.72
C LYS B 104 -7.45 0.38 6.99
N ALA B 105 -6.50 0.37 6.05
CA ALA B 105 -5.24 1.06 6.22
C ALA B 105 -5.44 2.57 6.17
N TRP B 106 -6.45 3.02 5.41
CA TRP B 106 -6.73 4.44 5.32
C TRP B 106 -7.45 4.92 6.57
N SER B 107 -8.35 4.10 7.11
CA SER B 107 -9.13 4.47 8.27
C SER B 107 -8.22 4.66 9.48
N VAL B 108 -7.20 3.81 9.63
CA VAL B 108 -6.33 3.88 10.79
C VAL B 108 -5.34 5.04 10.67
N VAL B 109 -4.95 5.41 9.44
CA VAL B 109 -4.03 6.53 9.27
C VAL B 109 -4.77 7.86 9.41
N LYS B 110 -5.92 8.02 8.75
CA LYS B 110 -6.60 9.31 8.75
C LYS B 110 -7.09 9.66 10.15
N LYS B 111 -7.42 8.65 10.97
CA LYS B 111 -7.83 8.89 12.35
C LYS B 111 -6.62 9.16 13.23
N TYR B 112 -5.43 8.72 12.79
CA TYR B 112 -4.19 8.98 13.51
C TYR B 112 -3.76 10.44 13.29
N LEU B 113 -4.07 11.00 12.11
CA LEU B 113 -3.65 12.35 11.77
C LEU B 113 -4.79 13.38 11.89
N GLU B 114 -5.98 12.95 12.31
CA GLU B 114 -7.11 13.85 12.47
C GLU B 114 -6.79 14.96 13.49
N ALA B 115 -7.52 16.07 13.41
CA ALA B 115 -7.34 17.20 14.31
C ALA B 115 -8.64 18.01 14.40
N THR B 1 -19.62 -2.77 -4.36
CA THR B 1 -18.17 -3.05 -4.43
C THR B 1 -17.44 -1.95 -5.21
N VAL B 2 -17.84 -1.72 -6.46
CA VAL B 2 -17.19 -0.73 -7.31
C VAL B 2 -17.39 0.69 -6.76
N VAL B 3 -18.55 0.93 -6.13
CA VAL B 3 -18.85 2.23 -5.54
C VAL B 3 -18.01 2.45 -4.27
N GLU B 4 -17.58 1.36 -3.63
CA GLU B 4 -16.78 1.46 -2.42
C GLU B 4 -15.37 1.93 -2.77
N PHE B 5 -14.88 1.52 -3.95
CA PHE B 5 -13.61 2.00 -4.46
C PHE B 5 -13.73 3.45 -4.89
N GLU B 6 -14.92 3.86 -5.38
CA GLU B 6 -15.14 5.19 -5.87
C GLU B 6 -15.14 6.23 -4.75
N GLU B 7 -15.61 5.84 -3.56
CA GLU B 7 -15.58 6.73 -2.41
C GLU B 7 -14.16 6.85 -1.86
N LEU B 8 -13.46 5.73 -1.78
CA LEU B 8 -12.10 5.71 -1.26
C LEU B 8 -11.16 6.46 -2.20
N ARG B 9 -11.19 6.14 -3.49
CA ARG B 9 -10.24 6.74 -4.44
C ARG B 9 -10.39 8.25 -4.51
N LYS B 10 -11.56 8.78 -4.15
CA LYS B 10 -11.79 10.22 -4.17
C LYS B 10 -11.10 10.87 -2.97
N GLU B 11 -11.21 10.25 -1.80
CA GLU B 11 -10.62 10.80 -0.59
C GLU B 11 -9.11 10.52 -0.56
N LEU B 12 -8.69 9.41 -1.17
CA LEU B 12 -7.28 9.04 -1.18
C LEU B 12 -6.49 9.93 -2.13
N VAL B 13 -7.08 10.29 -3.28
CA VAL B 13 -6.42 11.13 -4.26
C VAL B 13 -6.37 12.58 -3.79
N LYS B 14 -7.38 13.03 -3.04
CA LYS B 14 -7.39 14.40 -2.54
C LYS B 14 -6.41 14.55 -1.38
N ARG B 15 -5.99 13.43 -0.78
CA ARG B 15 -5.00 13.42 0.29
C ARG B 15 -3.61 13.04 -0.22
N ASP B 16 -3.51 12.64 -1.50
CA ASP B 16 -2.26 12.15 -2.07
C ASP B 16 -1.26 13.29 -2.27
N SER B 17 0.04 12.94 -2.38
CA SER B 17 1.10 13.89 -2.67
C SER B 17 1.16 14.17 -4.18
N GLY B 18 0.53 13.33 -4.99
CA GLY B 18 0.44 13.51 -6.43
C GLY B 18 1.66 12.92 -7.15
N LYS B 19 2.58 12.28 -6.43
CA LYS B 19 3.79 11.72 -7.03
C LYS B 19 3.52 10.33 -7.59
N PRO B 20 4.13 9.99 -8.74
CA PRO B 20 4.07 8.66 -9.30
C PRO B 20 4.89 7.69 -8.44
N VAL B 21 4.65 6.39 -8.61
CA VAL B 21 5.26 5.36 -7.77
C VAL B 21 6.78 5.39 -7.87
N GLU B 22 7.31 5.83 -9.02
CA GLU B 22 8.74 5.85 -9.25
C GLU B 22 9.44 6.82 -8.30
N LYS B 23 8.68 7.77 -7.73
CA LYS B 23 9.25 8.71 -6.77
C LYS B 23 9.25 8.12 -5.37
N ILE B 24 8.39 7.13 -5.10
CA ILE B 24 8.28 6.59 -3.75
C ILE B 24 9.51 5.77 -3.43
N LYS B 25 9.93 4.87 -4.31
CA LYS B 25 11.11 4.08 -4.02
C LYS B 25 12.39 4.89 -4.24
N GLU B 26 12.31 5.97 -5.03
CA GLU B 26 13.47 6.79 -5.29
C GLU B 26 13.81 7.65 -4.06
N GLU B 27 12.78 8.15 -3.36
CA GLU B 27 13.00 9.03 -2.21
C GLU B 27 13.22 8.24 -0.92
N ILE B 28 12.74 7.00 -0.86
CA ILE B 28 12.88 6.18 0.33
C ILE B 28 14.15 5.34 0.31
N CYS B 29 14.56 4.85 -0.87
CA CYS B 29 15.73 3.97 -0.96
C CYS B 29 17.03 4.76 -0.85
N THR B 30 16.98 6.08 -0.97
CA THR B 30 18.16 6.92 -0.80
C THR B 30 18.34 7.31 0.67
N LYS B 31 17.27 7.19 1.46
CA LYS B 31 17.31 7.48 2.90
C LYS B 31 17.82 6.25 3.65
N SER B 32 17.82 6.32 4.99
CA SER B 32 18.31 5.23 5.83
C SER B 32 17.26 4.73 6.83
N PRO B 33 16.02 4.43 6.38
CA PRO B 33 15.01 3.81 7.21
C PRO B 33 15.44 2.37 7.55
N PRO B 34 14.72 1.71 8.47
CA PRO B 34 15.02 0.34 8.87
C PRO B 34 15.13 -0.57 7.64
N LYS B 35 16.05 -1.54 7.69
CA LYS B 35 16.36 -2.39 6.55
C LYS B 35 15.17 -3.26 6.15
N LEU B 36 14.22 -3.46 7.08
CA LEU B 36 13.06 -4.29 6.80
C LEU B 36 12.14 -3.59 5.81
N ILE B 37 11.65 -2.39 6.16
CA ILE B 37 10.72 -1.66 5.31
C ILE B 37 11.44 -1.16 4.06
N LYS B 38 12.74 -0.90 4.15
CA LYS B 38 13.50 -0.40 3.02
C LYS B 38 13.60 -1.47 1.92
N GLU B 39 13.86 -2.71 2.31
CA GLU B 39 14.02 -3.79 1.34
C GLU B 39 12.70 -4.06 0.62
N ILE B 40 11.57 -3.81 1.30
CA ILE B 40 10.26 -4.03 0.72
C ILE B 40 9.90 -2.89 -0.25
N ILE B 41 10.26 -1.65 0.10
CA ILE B 41 9.95 -0.50 -0.74
C ILE B 41 10.83 -0.48 -1.98
N CYS B 42 12.08 -0.93 -1.86
CA CYS B 42 13.00 -0.96 -2.98
C CYS B 42 12.71 -2.15 -3.89
N GLU B 43 11.58 -2.83 -3.65
CA GLU B 43 11.05 -3.88 -4.52
C GLU B 43 12.01 -5.07 -4.65
N ASN B 44 12.99 -5.18 -3.75
CA ASN B 44 13.94 -6.29 -3.78
C ASN B 44 13.32 -7.55 -3.16
N LYS B 45 12.40 -7.36 -2.21
CA LYS B 45 11.70 -8.45 -1.53
C LYS B 45 10.23 -8.08 -1.36
N THR B 46 9.46 -8.95 -0.68
CA THR B 46 8.03 -8.71 -0.50
C THR B 46 7.52 -9.33 0.81
N TYR B 47 8.05 -10.48 1.21
CA TYR B 47 7.72 -11.05 2.50
C TYR B 47 8.77 -12.07 2.96
N ALA B 48 9.47 -12.70 2.01
CA ALA B 48 10.44 -13.75 2.32
C ALA B 48 11.64 -13.20 3.09
N ASP B 49 11.87 -11.88 3.02
CA ASP B 49 12.99 -11.25 3.70
C ASP B 49 12.84 -11.38 5.22
N VAL B 50 11.62 -11.20 5.72
CA VAL B 50 11.31 -11.24 7.14
C VAL B 50 10.41 -12.44 7.48
N ASN B 51 10.16 -13.32 6.50
CA ASN B 51 9.33 -14.50 6.66
C ASN B 51 7.95 -14.16 7.22
N ILE B 52 7.45 -12.95 6.93
CA ILE B 52 6.16 -12.49 7.43
C ILE B 52 5.02 -13.00 6.55
N ASP B 53 3.79 -12.93 7.07
CA ASP B 53 2.60 -13.23 6.29
C ASP B 53 2.46 -12.23 5.15
N ARG B 54 1.98 -12.70 4.00
CA ARG B 54 1.92 -11.87 2.79
C ARG B 54 0.97 -10.70 3.01
N SER B 55 -0.10 -10.93 3.78
CA SER B 55 -1.06 -9.87 4.07
C SER B 55 -0.44 -8.79 4.95
N ARG B 56 0.33 -9.21 5.97
CA ARG B 56 0.90 -8.26 6.90
C ARG B 56 2.05 -7.50 6.24
N GLY B 57 2.76 -8.14 5.30
CA GLY B 57 3.80 -7.47 4.55
C GLY B 57 3.21 -6.34 3.72
N ASP B 58 1.99 -6.54 3.18
CA ASP B 58 1.32 -5.51 2.40
C ASP B 58 0.65 -4.50 3.34
N TRP B 59 0.33 -4.91 4.56
CA TRP B 59 -0.31 -4.04 5.52
C TRP B 59 0.68 -3.00 6.04
N HIS B 60 1.89 -3.44 6.42
CA HIS B 60 2.91 -2.55 6.95
C HIS B 60 3.42 -1.58 5.88
N VAL B 61 3.57 -2.05 4.64
CA VAL B 61 4.12 -1.19 3.59
C VAL B 61 3.11 -0.14 3.16
N ILE B 62 1.81 -0.47 3.14
CA ILE B 62 0.78 0.47 2.74
C ILE B 62 0.61 1.56 3.79
N LEU B 63 0.71 1.19 5.08
CA LEU B 63 0.63 2.18 6.15
C LEU B 63 1.87 3.07 6.13
N TYR B 64 3.02 2.51 5.78
CA TYR B 64 4.29 3.23 5.85
C TYR B 64 4.37 4.30 4.77
N LEU B 65 4.03 3.95 3.53
CA LEU B 65 4.07 4.92 2.43
C LEU B 65 3.01 6.00 2.64
N MET B 66 1.97 5.71 3.45
CA MET B 66 0.98 6.72 3.79
C MET B 66 1.53 7.70 4.83
N LYS B 67 2.55 7.31 5.61
CA LYS B 67 3.20 8.24 6.53
C LYS B 67 4.04 9.24 5.72
N HIS B 68 4.50 8.82 4.53
CA HIS B 68 5.20 9.71 3.61
C HIS B 68 4.21 10.61 2.85
N GLY B 69 2.91 10.46 3.12
CA GLY B 69 1.89 11.33 2.56
C GLY B 69 1.35 10.83 1.21
N VAL B 70 1.92 9.75 0.67
CA VAL B 70 1.40 9.17 -0.58
C VAL B 70 0.16 8.36 -0.24
N THR B 71 -0.92 8.52 -1.01
CA THR B 71 -2.21 7.96 -0.61
C THR B 71 -3.03 7.42 -1.78
N ASP B 72 -2.76 7.90 -3.00
CA ASP B 72 -3.51 7.49 -4.19
C ASP B 72 -3.45 5.97 -4.37
N PRO B 73 -4.60 5.29 -4.48
CA PRO B 73 -4.69 3.85 -4.56
C PRO B 73 -4.18 3.28 -5.88
N ASP B 74 -4.00 4.10 -6.91
CA ASP B 74 -3.55 3.60 -8.19
C ASP B 74 -2.14 3.02 -8.09
N LYS B 75 -1.32 3.53 -7.18
CA LYS B 75 0.03 3.01 -6.99
C LYS B 75 0.01 1.83 -6.02
N ILE B 76 -1.02 1.76 -5.16
CA ILE B 76 -1.17 0.66 -4.23
C ILE B 76 -1.45 -0.63 -5.01
N LEU B 77 -2.31 -0.53 -6.02
CA LEU B 77 -2.68 -1.67 -6.84
C LEU B 77 -1.57 -2.03 -7.82
N GLU B 78 -0.77 -1.04 -8.24
CA GLU B 78 0.28 -1.26 -9.22
C GLU B 78 1.49 -1.95 -8.59
N LEU B 79 1.78 -1.69 -7.31
CA LEU B 79 2.98 -2.23 -6.67
C LEU B 79 2.74 -3.61 -6.07
N LEU B 80 1.52 -4.15 -6.18
CA LEU B 80 1.21 -5.44 -5.58
C LEU B 80 2.21 -6.50 -6.07
N PRO B 81 2.77 -7.29 -5.13
CA PRO B 81 3.75 -8.31 -5.43
C PRO B 81 3.12 -9.51 -6.14
N ARG B 82 3.92 -10.24 -6.91
CA ARG B 82 3.44 -11.41 -7.63
C ARG B 82 3.17 -12.59 -6.68
N ASP B 83 3.56 -12.45 -5.41
CA ASP B 83 3.28 -13.47 -4.40
C ASP B 83 1.95 -13.22 -3.69
N SER B 84 1.32 -12.06 -3.93
CA SER B 84 0.06 -11.71 -3.28
C SER B 84 -1.06 -12.66 -3.70
N LYS B 85 -2.10 -12.75 -2.88
CA LYS B 85 -3.29 -13.54 -3.20
C LYS B 85 -4.08 -12.84 -4.32
N ALA B 86 -3.69 -11.62 -4.66
CA ALA B 86 -4.29 -10.86 -5.75
C ALA B 86 -3.76 -11.35 -7.11
N LYS B 87 -2.88 -12.36 -7.11
CA LYS B 87 -2.22 -12.86 -8.30
C LYS B 87 -3.13 -13.82 -9.09
N GLU B 88 -4.02 -14.54 -8.42
CA GLU B 88 -4.87 -15.52 -9.09
C GLU B 88 -6.26 -15.53 -8.46
N ASN B 89 -6.33 -15.53 -7.12
CA ASN B 89 -7.56 -15.47 -6.36
C ASN B 89 -8.68 -16.32 -6.98
N GLU B 90 -8.48 -17.64 -7.05
CA GLU B 90 -9.51 -18.55 -7.59
C GLU B 90 -10.69 -18.69 -6.63
N LYS B 91 -10.61 -18.07 -5.45
CA LYS B 91 -11.69 -18.12 -4.47
C LYS B 91 -11.98 -16.73 -3.90
N TRP B 92 -11.47 -15.70 -4.58
CA TRP B 92 -11.59 -14.31 -4.12
C TRP B 92 -11.66 -13.37 -5.32
N ASN B 93 -11.97 -12.10 -5.06
CA ASN B 93 -11.91 -11.06 -6.08
C ASN B 93 -10.79 -10.09 -5.71
N THR B 94 -10.01 -9.64 -6.69
CA THR B 94 -8.87 -8.78 -6.40
C THR B 94 -9.34 -7.43 -5.90
N GLN B 95 -10.47 -6.94 -6.41
CA GLN B 95 -10.99 -5.65 -6.00
C GLN B 95 -11.55 -5.72 -4.58
N LYS B 96 -12.04 -6.91 -4.17
CA LYS B 96 -12.57 -7.08 -2.82
C LYS B 96 -11.43 -6.97 -1.81
N TYR B 97 -10.28 -7.56 -2.14
CA TYR B 97 -9.10 -7.47 -1.28
C TYR B 97 -8.57 -6.05 -1.27
N PHE B 98 -8.51 -5.43 -2.45
CA PHE B 98 -7.98 -4.09 -2.60
C PHE B 98 -8.84 -3.06 -1.85
N VAL B 99 -10.17 -3.22 -1.89
CA VAL B 99 -11.07 -2.30 -1.21
C VAL B 99 -10.94 -2.47 0.31
N ILE B 100 -10.94 -3.72 0.79
CA ILE B 100 -10.91 -4.00 2.22
C ILE B 100 -9.61 -3.51 2.84
N THR B 101 -8.48 -3.81 2.20
CA THR B 101 -7.18 -3.50 2.78
C THR B 101 -6.93 -2.00 2.81
N LEU B 102 -7.32 -1.28 1.75
CA LEU B 102 -7.12 0.16 1.72
C LEU B 102 -8.12 0.87 2.61
N SER B 103 -9.35 0.35 2.71
CA SER B 103 -10.36 0.96 3.56
C SER B 103 -9.92 0.92 5.02
N LYS B 104 -9.32 -0.21 5.42
CA LYS B 104 -8.90 -0.39 6.80
C LYS B 104 -7.59 0.35 7.07
N ALA B 105 -6.62 0.21 6.17
CA ALA B 105 -5.33 0.88 6.31
C ALA B 105 -5.51 2.40 6.28
N TRP B 106 -6.43 2.90 5.47
CA TRP B 106 -6.68 4.33 5.38
C TRP B 106 -7.36 4.83 6.64
N SER B 107 -8.24 4.02 7.23
CA SER B 107 -8.92 4.42 8.45
C SER B 107 -7.93 4.56 9.59
N VAL B 108 -6.85 3.77 9.58
CA VAL B 108 -5.84 3.83 10.62
C VAL B 108 -4.96 5.07 10.45
N VAL B 109 -4.67 5.47 9.21
CA VAL B 109 -3.82 6.62 8.97
C VAL B 109 -4.61 7.92 9.15
N LYS B 110 -5.84 7.99 8.62
CA LYS B 110 -6.62 9.21 8.68
C LYS B 110 -6.99 9.55 10.12
N LYS B 111 -7.19 8.52 10.97
CA LYS B 111 -7.48 8.75 12.38
C LYS B 111 -6.20 9.10 13.14
N TYR B 112 -5.05 8.73 12.59
CA TYR B 112 -3.76 9.07 13.19
C TYR B 112 -3.41 10.53 12.91
N LEU B 113 -3.89 11.08 11.78
CA LEU B 113 -3.55 12.44 11.39
C LEU B 113 -4.71 13.42 11.61
N GLU B 114 -5.84 12.93 12.13
CA GLU B 114 -6.99 13.78 12.41
C GLU B 114 -6.64 14.90 13.39
N ALA B 115 -7.44 15.97 13.39
CA ALA B 115 -7.23 17.12 14.27
C ALA B 115 -8.56 17.84 14.50
#